data_3HT6
# 
_entry.id   3HT6 
# 
_audit_conform.dict_name       mmcif_pdbx.dic 
_audit_conform.dict_version    5.378 
_audit_conform.dict_location   http://mmcif.pdb.org/dictionaries/ascii/mmcif_pdbx.dic 
# 
loop_
_database_2.database_id 
_database_2.database_code 
_database_2.pdbx_database_accession 
_database_2.pdbx_DOI 
PDB   3HT6         pdb_00003ht6 10.2210/pdb3ht6/pdb 
RCSB  RCSB053552   ?            ?                   
WWPDB D_1000053552 ?            ?                   
# 
loop_
_pdbx_database_related.db_name 
_pdbx_database_related.db_id 
_pdbx_database_related.details 
_pdbx_database_related.content_type 
PDB 1LGU . unspecified 
PDB 3HT7 . unspecified 
PDB 3HT8 . unspecified 
PDB 3HT9 . unspecified 
PDB 3HTB . unspecified 
PDB 3HTD . unspecified 
PDB 3HTF . unspecified 
PDB 3HTG . unspecified 
PDB 3HU8 . unspecified 
PDB 3HU9 . unspecified 
PDB 3HUA . unspecified 
PDB 3HUK . unspecified 
# 
_pdbx_database_status.entry_id                        3HT6 
_pdbx_database_status.status_code                     REL 
_pdbx_database_status.deposit_site                    RCSB 
_pdbx_database_status.process_site                    RCSB 
_pdbx_database_status.recvd_initial_deposition_date   2009-06-11 
_pdbx_database_status.status_code_sf                  REL 
_pdbx_database_status.status_code_mr                  ? 
_pdbx_database_status.SG_entry                        ? 
_pdbx_database_status.pdb_format_compatible           Y 
_pdbx_database_status.status_code_cs                  ? 
_pdbx_database_status.methods_development_category    ? 
_pdbx_database_status.status_code_nmr_data            ? 
# 
loop_
_audit_author.name 
_audit_author.pdbx_ordinal 
'Boyce, S.E.'    1 
'Mobley, D.L.'   2 
'Rocklin, G.J.'  3 
'Graves, A.P.'   4 
'Dill, K.A.'     5 
'Shoichet, B.K.' 6 
# 
_citation.id                        primary 
_citation.title                     
'Predicting ligand binding affinity with alchemical free energy methods in a polar model binding site.' 
_citation.journal_abbrev            J.Mol.Biol. 
_citation.journal_volume            394 
_citation.page_first                747 
_citation.page_last                 763 
_citation.year                      2009 
_citation.journal_id_ASTM           JMOBAK 
_citation.country                   UK 
_citation.journal_id_ISSN           0022-2836 
_citation.journal_id_CSD            0070 
_citation.book_publisher            ? 
_citation.pdbx_database_id_PubMed   19782087 
_citation.pdbx_database_id_DOI      10.1016/j.jmb.2009.09.049 
# 
loop_
_citation_author.citation_id 
_citation_author.name 
_citation_author.ordinal 
_citation_author.identifier_ORCID 
primary 'Boyce, S.E.'    1 ? 
primary 'Mobley, D.L.'   2 ? 
primary 'Rocklin, G.J.'  3 ? 
primary 'Graves, A.P.'   4 ? 
primary 'Dill, K.A.'     5 ? 
primary 'Shoichet, B.K.' 6 ? 
# 
_cell.length_a           60.281 
_cell.length_b           60.281 
_cell.length_c           98.110 
_cell.angle_alpha        90.000 
_cell.angle_beta         90.000 
_cell.angle_gamma        120.000 
_cell.entry_id           3HT6 
_cell.pdbx_unique_axis   ? 
_cell.Z_PDB              6 
_cell.length_a_esd       ? 
_cell.length_b_esd       ? 
_cell.length_c_esd       ? 
_cell.angle_alpha_esd    ? 
_cell.angle_beta_esd     ? 
_cell.angle_gamma_esd    ? 
# 
_symmetry.space_group_name_H-M             'P 32 2 1' 
_symmetry.entry_id                         3HT6 
_symmetry.Int_Tables_number                154 
_symmetry.pdbx_full_space_group_name_H-M   ? 
_symmetry.cell_setting                     ? 
_symmetry.space_group_name_Hall            ? 
# 
loop_
_entity.id 
_entity.type 
_entity.src_method 
_entity.pdbx_description 
_entity.formula_weight 
_entity.pdbx_number_of_molecules 
_entity.pdbx_ec 
_entity.pdbx_mutation 
_entity.pdbx_fragment 
_entity.details 
1 polymer     man Lysozyme        18646.316 1   3.2.1.17 'S38D,L99A, M102Q,N144D' ? ? 
2 non-polymer syn 'PHOSPHATE ION' 94.971    2   ?        ?                        ? ? 
3 non-polymer syn o-cresol        108.138   1   ?        ?                        ? ? 
4 water       nat water           18.015    293 ?        ?                        ? ? 
# 
_entity_name_com.entity_id   1 
_entity_name_com.name        'Lysis protein, Muramidase, Endolysin' 
# 
_entity_poly.entity_id                      1 
_entity_poly.type                           'polypeptide(L)' 
_entity_poly.nstd_linkage                   no 
_entity_poly.nstd_monomer                   no 
_entity_poly.pdbx_seq_one_letter_code       
;MNIFEMLRIDEGLRLKIYKDTEGYYTIGIGHLLTKSPDLNAAKSELDKAIGRNCNGVITKDEAEKLFNQDVDAAVRGILR
NAKLKPVYDSLDAVRRCAAINQVFQMGETGVAGFTNSLRMLQQKRWDEAAVNLAKSRWYNQTPDRAKRVITTFRTGTWDA
YKNL
;
_entity_poly.pdbx_seq_one_letter_code_can   
;MNIFEMLRIDEGLRLKIYKDTEGYYTIGIGHLLTKSPDLNAAKSELDKAIGRNCNGVITKDEAEKLFNQDVDAAVRGILR
NAKLKPVYDSLDAVRRCAAINQVFQMGETGVAGFTNSLRMLQQKRWDEAAVNLAKSRWYNQTPDRAKRVITTFRTGTWDA
YKNL
;
_entity_poly.pdbx_strand_id                 A 
_entity_poly.pdbx_target_identifier         ? 
# 
loop_
_entity_poly_seq.entity_id 
_entity_poly_seq.num 
_entity_poly_seq.mon_id 
_entity_poly_seq.hetero 
1 1   MET n 
1 2   ASN n 
1 3   ILE n 
1 4   PHE n 
1 5   GLU n 
1 6   MET n 
1 7   LEU n 
1 8   ARG n 
1 9   ILE n 
1 10  ASP n 
1 11  GLU n 
1 12  GLY n 
1 13  LEU n 
1 14  ARG n 
1 15  LEU n 
1 16  LYS n 
1 17  ILE n 
1 18  TYR n 
1 19  LYS n 
1 20  ASP n 
1 21  THR n 
1 22  GLU n 
1 23  GLY n 
1 24  TYR n 
1 25  TYR n 
1 26  THR n 
1 27  ILE n 
1 28  GLY n 
1 29  ILE n 
1 30  GLY n 
1 31  HIS n 
1 32  LEU n 
1 33  LEU n 
1 34  THR n 
1 35  LYS n 
1 36  SER n 
1 37  PRO n 
1 38  ASP n 
1 39  LEU n 
1 40  ASN n 
1 41  ALA n 
1 42  ALA n 
1 43  LYS n 
1 44  SER n 
1 45  GLU n 
1 46  LEU n 
1 47  ASP n 
1 48  LYS n 
1 49  ALA n 
1 50  ILE n 
1 51  GLY n 
1 52  ARG n 
1 53  ASN n 
1 54  CYS n 
1 55  ASN n 
1 56  GLY n 
1 57  VAL n 
1 58  ILE n 
1 59  THR n 
1 60  LYS n 
1 61  ASP n 
1 62  GLU n 
1 63  ALA n 
1 64  GLU n 
1 65  LYS n 
1 66  LEU n 
1 67  PHE n 
1 68  ASN n 
1 69  GLN n 
1 70  ASP n 
1 71  VAL n 
1 72  ASP n 
1 73  ALA n 
1 74  ALA n 
1 75  VAL n 
1 76  ARG n 
1 77  GLY n 
1 78  ILE n 
1 79  LEU n 
1 80  ARG n 
1 81  ASN n 
1 82  ALA n 
1 83  LYS n 
1 84  LEU n 
1 85  LYS n 
1 86  PRO n 
1 87  VAL n 
1 88  TYR n 
1 89  ASP n 
1 90  SER n 
1 91  LEU n 
1 92  ASP n 
1 93  ALA n 
1 94  VAL n 
1 95  ARG n 
1 96  ARG n 
1 97  CYS n 
1 98  ALA n 
1 99  ALA n 
1 100 ILE n 
1 101 ASN n 
1 102 GLN n 
1 103 VAL n 
1 104 PHE n 
1 105 GLN n 
1 106 MET n 
1 107 GLY n 
1 108 GLU n 
1 109 THR n 
1 110 GLY n 
1 111 VAL n 
1 112 ALA n 
1 113 GLY n 
1 114 PHE n 
1 115 THR n 
1 116 ASN n 
1 117 SER n 
1 118 LEU n 
1 119 ARG n 
1 120 MET n 
1 121 LEU n 
1 122 GLN n 
1 123 GLN n 
1 124 LYS n 
1 125 ARG n 
1 126 TRP n 
1 127 ASP n 
1 128 GLU n 
1 129 ALA n 
1 130 ALA n 
1 131 VAL n 
1 132 ASN n 
1 133 LEU n 
1 134 ALA n 
1 135 LYS n 
1 136 SER n 
1 137 ARG n 
1 138 TRP n 
1 139 TYR n 
1 140 ASN n 
1 141 GLN n 
1 142 THR n 
1 143 PRO n 
1 144 ASP n 
1 145 ARG n 
1 146 ALA n 
1 147 LYS n 
1 148 ARG n 
1 149 VAL n 
1 150 ILE n 
1 151 THR n 
1 152 THR n 
1 153 PHE n 
1 154 ARG n 
1 155 THR n 
1 156 GLY n 
1 157 THR n 
1 158 TRP n 
1 159 ASP n 
1 160 ALA n 
1 161 TYR n 
1 162 LYS n 
1 163 ASN n 
1 164 LEU n 
# 
_entity_src_gen.entity_id                          1 
_entity_src_gen.pdbx_src_id                        1 
_entity_src_gen.pdbx_alt_source_flag               sample 
_entity_src_gen.pdbx_seq_type                      ? 
_entity_src_gen.pdbx_beg_seq_num                   ? 
_entity_src_gen.pdbx_end_seq_num                   ? 
_entity_src_gen.gene_src_common_name               'Bacteriophage T4' 
_entity_src_gen.gene_src_genus                     ? 
_entity_src_gen.pdbx_gene_src_gene                 E 
_entity_src_gen.gene_src_species                   ? 
_entity_src_gen.gene_src_strain                    'Enterobacteria Phage T4 Sensu Lato' 
_entity_src_gen.gene_src_tissue                    ? 
_entity_src_gen.gene_src_tissue_fraction           ? 
_entity_src_gen.gene_src_details                   ? 
_entity_src_gen.pdbx_gene_src_fragment             ? 
_entity_src_gen.pdbx_gene_src_scientific_name      'Enterobacteria phage T4' 
_entity_src_gen.pdbx_gene_src_ncbi_taxonomy_id     10665 
_entity_src_gen.pdbx_gene_src_variant              ? 
_entity_src_gen.pdbx_gene_src_cell_line            ? 
_entity_src_gen.pdbx_gene_src_atcc                 ? 
_entity_src_gen.pdbx_gene_src_organ                ? 
_entity_src_gen.pdbx_gene_src_organelle            ? 
_entity_src_gen.pdbx_gene_src_cell                 ? 
_entity_src_gen.pdbx_gene_src_cellular_location    ? 
_entity_src_gen.host_org_common_name               ? 
_entity_src_gen.pdbx_host_org_scientific_name      'Escherichia coli' 
_entity_src_gen.pdbx_host_org_ncbi_taxonomy_id     562 
_entity_src_gen.host_org_genus                     ? 
_entity_src_gen.pdbx_host_org_gene                 ? 
_entity_src_gen.pdbx_host_org_organ                ? 
_entity_src_gen.host_org_species                   ? 
_entity_src_gen.pdbx_host_org_tissue               ? 
_entity_src_gen.pdbx_host_org_tissue_fraction      ? 
_entity_src_gen.pdbx_host_org_strain               ? 
_entity_src_gen.pdbx_host_org_variant              ? 
_entity_src_gen.pdbx_host_org_cell_line            ? 
_entity_src_gen.pdbx_host_org_atcc                 ? 
_entity_src_gen.pdbx_host_org_culture_collection   ? 
_entity_src_gen.pdbx_host_org_cell                 ? 
_entity_src_gen.pdbx_host_org_organelle            ? 
_entity_src_gen.pdbx_host_org_cellular_location    ? 
_entity_src_gen.pdbx_host_org_vector_type          plasmid 
_entity_src_gen.pdbx_host_org_vector               ? 
_entity_src_gen.host_org_details                   ? 
_entity_src_gen.expression_system_id               ? 
_entity_src_gen.plasmid_name                       M13 
_entity_src_gen.plasmid_details                    ? 
_entity_src_gen.pdbx_description                   ? 
# 
_struct_ref.id                         1 
_struct_ref.db_name                    UNP 
_struct_ref.db_code                    LYS_BPT4 
_struct_ref.pdbx_db_accession          P00720 
_struct_ref.entity_id                  1 
_struct_ref.pdbx_seq_one_letter_code   
;MNIFEMLRIDEGLRLKIYKDTEGYYTIGIGHLLTKSPSLNAAKSELDKAIGRNCNGVITKDEAEKLFNQDVDAAVRGILR
NAKLKPVYDSLDAVRRCALINMVFQMGETGVAGFTNSLRMLQQKRWDEAAVNLAKSRWYNQTPNRAKRVITTFRTGTWDA
YKNL
;
_struct_ref.pdbx_align_begin           1 
_struct_ref.pdbx_db_isoform            ? 
# 
_struct_ref_seq.align_id                      1 
_struct_ref_seq.ref_id                        1 
_struct_ref_seq.pdbx_PDB_id_code              3HT6 
_struct_ref_seq.pdbx_strand_id                A 
_struct_ref_seq.seq_align_beg                 1 
_struct_ref_seq.pdbx_seq_align_beg_ins_code   ? 
_struct_ref_seq.seq_align_end                 164 
_struct_ref_seq.pdbx_seq_align_end_ins_code   ? 
_struct_ref_seq.pdbx_db_accession             P00720 
_struct_ref_seq.db_align_beg                  1 
_struct_ref_seq.pdbx_db_align_beg_ins_code    ? 
_struct_ref_seq.db_align_end                  164 
_struct_ref_seq.pdbx_db_align_end_ins_code    ? 
_struct_ref_seq.pdbx_auth_seq_align_beg       1 
_struct_ref_seq.pdbx_auth_seq_align_end       164 
# 
loop_
_struct_ref_seq_dif.align_id 
_struct_ref_seq_dif.pdbx_pdb_id_code 
_struct_ref_seq_dif.mon_id 
_struct_ref_seq_dif.pdbx_pdb_strand_id 
_struct_ref_seq_dif.seq_num 
_struct_ref_seq_dif.pdbx_pdb_ins_code 
_struct_ref_seq_dif.pdbx_seq_db_name 
_struct_ref_seq_dif.pdbx_seq_db_accession_code 
_struct_ref_seq_dif.db_mon_id 
_struct_ref_seq_dif.pdbx_seq_db_seq_num 
_struct_ref_seq_dif.details 
_struct_ref_seq_dif.pdbx_auth_seq_num 
_struct_ref_seq_dif.pdbx_ordinal 
1 3HT6 ASP A 38  ? UNP P00720 SER 38  'engineered mutation' 38  1 
1 3HT6 ALA A 99  ? UNP P00720 LEU 99  'engineered mutation' 99  2 
1 3HT6 GLN A 102 ? UNP P00720 MET 102 'engineered mutation' 102 3 
1 3HT6 ASP A 144 ? UNP P00720 ASN 144 'engineered mutation' 144 4 
# 
loop_
_chem_comp.id 
_chem_comp.type 
_chem_comp.mon_nstd_flag 
_chem_comp.name 
_chem_comp.pdbx_synonyms 
_chem_comp.formula 
_chem_comp.formula_weight 
ALA 'L-peptide linking' y ALANINE         ?                           'C3 H7 N O2'     89.093  
ARG 'L-peptide linking' y ARGININE        ?                           'C6 H15 N4 O2 1' 175.209 
ASN 'L-peptide linking' y ASPARAGINE      ?                           'C4 H8 N2 O3'    132.118 
ASP 'L-peptide linking' y 'ASPARTIC ACID' ?                           'C4 H7 N O4'     133.103 
CYS 'L-peptide linking' y CYSTEINE        ?                           'C3 H7 N O2 S'   121.158 
GLN 'L-peptide linking' y GLUTAMINE       ?                           'C5 H10 N2 O3'   146.144 
GLU 'L-peptide linking' y 'GLUTAMIC ACID' ?                           'C5 H9 N O4'     147.129 
GLY 'peptide linking'   y GLYCINE         ?                           'C2 H5 N O2'     75.067  
HIS 'L-peptide linking' y HISTIDINE       ?                           'C6 H10 N3 O2 1' 156.162 
HOH non-polymer         . WATER           ?                           'H2 O'           18.015  
ILE 'L-peptide linking' y ISOLEUCINE      ?                           'C6 H13 N O2'    131.173 
JZ0 non-polymer         . o-cresol        ortho-cresol,2-methylphenol 'C7 H8 O'        108.138 
LEU 'L-peptide linking' y LEUCINE         ?                           'C6 H13 N O2'    131.173 
LYS 'L-peptide linking' y LYSINE          ?                           'C6 H15 N2 O2 1' 147.195 
MET 'L-peptide linking' y METHIONINE      ?                           'C5 H11 N O2 S'  149.211 
PHE 'L-peptide linking' y PHENYLALANINE   ?                           'C9 H11 N O2'    165.189 
PO4 non-polymer         . 'PHOSPHATE ION' ?                           'O4 P -3'        94.971  
PRO 'L-peptide linking' y PROLINE         ?                           'C5 H9 N O2'     115.130 
SER 'L-peptide linking' y SERINE          ?                           'C3 H7 N O3'     105.093 
THR 'L-peptide linking' y THREONINE       ?                           'C4 H9 N O3'     119.119 
TRP 'L-peptide linking' y TRYPTOPHAN      ?                           'C11 H12 N2 O2'  204.225 
TYR 'L-peptide linking' y TYROSINE        ?                           'C9 H11 N O3'    181.189 
VAL 'L-peptide linking' y VALINE          ?                           'C5 H11 N O2'    117.146 
# 
_exptl.crystals_number   1 
_exptl.entry_id          3HT6 
_exptl.method            'X-RAY DIFFRACTION' 
# 
_exptl_crystal.id                    1 
_exptl_crystal.density_Matthews      2.76 
_exptl_crystal.density_meas          ? 
_exptl_crystal.density_percent_sol   55.43 
_exptl_crystal.description           ? 
_exptl_crystal.F_000                 ? 
_exptl_crystal.preparation           ? 
# 
_exptl_crystal_grow.crystal_id      1 
_exptl_crystal_grow.method          'VAPOR DIFFUSION, HANGING DROP' 
_exptl_crystal_grow.pH              6.5 
_exptl_crystal_grow.temp            277 
_exptl_crystal_grow.pdbx_details    
;2.2M sodium-potassium phosphate, 0.05M beta-mercaptoethanol, 0.05M 2-hydroxyethyldisulfide, pH 6.5, vapor diffusion, hanging drop, temperature 277K
;
_exptl_crystal_grow.temp_details    ? 
_exptl_crystal_grow.pdbx_pH_range   ? 
# 
_diffrn.id                     1 
_diffrn.ambient_temp           296 
_diffrn.ambient_temp_details   ? 
_diffrn.crystal_id             1 
# 
_diffrn_detector.diffrn_id              1 
_diffrn_detector.detector               CCD 
_diffrn_detector.type                   'ADSC QUANTUM 315r' 
_diffrn_detector.pdbx_collection_date   2008-07-01 
_diffrn_detector.details                ? 
# 
_diffrn_radiation.diffrn_id                        1 
_diffrn_radiation.pdbx_diffrn_protocol             'SINGLE WAVELENGTH' 
_diffrn_radiation.monochromator                    ? 
_diffrn_radiation.wavelength_id                    1 
_diffrn_radiation.pdbx_monochromatic_or_laue_m_l   M 
_diffrn_radiation.pdbx_scattering_type             x-ray 
# 
_diffrn_radiation_wavelength.id           1 
_diffrn_radiation_wavelength.wavelength   1.11589 
_diffrn_radiation_wavelength.wt           1.0 
# 
_diffrn_source.diffrn_id                   1 
_diffrn_source.source                      SYNCHROTRON 
_diffrn_source.type                        'ALS BEAMLINE 8.3.1' 
_diffrn_source.pdbx_wavelength             ? 
_diffrn_source.pdbx_wavelength_list        1.11589 
_diffrn_source.pdbx_synchrotron_site       ALS 
_diffrn_source.pdbx_synchrotron_beamline   8.3.1 
# 
_reflns.entry_id                     3HT6 
_reflns.d_resolution_high            1.410 
_reflns.d_resolution_low             50.000 
_reflns.number_obs                   37764 
_reflns.pdbx_Rmerge_I_obs            0.081 
_reflns.pdbx_netI_over_sigmaI        33.152 
_reflns.pdbx_chi_squared             1.929 
_reflns.pdbx_redundancy              7.800 
_reflns.percent_possible_obs         92.800 
_reflns.observed_criterion_sigma_F   0 
_reflns.observed_criterion_sigma_I   0 
_reflns.number_all                   37764 
_reflns.pdbx_Rsym_value              ? 
_reflns.B_iso_Wilson_estimate        ? 
_reflns.R_free_details               ? 
_reflns.limit_h_max                  ? 
_reflns.limit_h_min                  ? 
_reflns.limit_k_max                  ? 
_reflns.limit_k_min                  ? 
_reflns.limit_l_max                  ? 
_reflns.limit_l_min                  ? 
_reflns.observed_criterion_F_max     ? 
_reflns.observed_criterion_F_min     ? 
_reflns.pdbx_scaling_rejects         ? 
_reflns.pdbx_diffrn_id               1 
_reflns.pdbx_ordinal                 1 
# 
_reflns_shell.d_res_high             1.41 
_reflns_shell.d_res_low              1.46 
_reflns_shell.number_measured_obs    ? 
_reflns_shell.number_measured_all    ? 
_reflns_shell.number_unique_obs      ? 
_reflns_shell.Rmerge_I_obs           0.496 
_reflns_shell.meanI_over_sigI_obs    0.0424 
_reflns_shell.pdbx_Rsym_value        ? 
_reflns_shell.pdbx_chi_squared       0.676 
_reflns_shell.pdbx_redundancy        2.00 
_reflns_shell.percent_possible_obs   ? 
_reflns_shell.number_unique_all      1640 
_reflns_shell.percent_possible_all   41.00 
_reflns_shell.pdbx_diffrn_id         ? 
_reflns_shell.pdbx_ordinal           1 
# 
_refine.entry_id                                 3HT6 
_refine.ls_d_res_high                            1.590 
_refine.ls_d_res_low                             50 
_refine.pdbx_ls_sigma_F                          0.00 
_refine.pdbx_data_cutoff_high_absF               ? 
_refine.pdbx_data_cutoff_low_absF                ? 
_refine.ls_percent_reflns_obs                    99.750 
_refine.ls_number_reflns_obs                     28308 
_refine.ls_number_reflns_all                     28308 
_refine.pdbx_ls_cross_valid_method               THROUGHOUT 
_refine.pdbx_R_Free_selection_details            RANDOM 
_refine.details                                  'HYDROGENS HAVE BEEN ADDED IN THE RIDING POSITIONS' 
_refine.ls_R_factor_all                          0.184 
_refine.ls_R_factor_obs                          0.184 
_refine.ls_R_factor_R_work                       0.182 
_refine.ls_wR_factor_R_work                      ? 
_refine.ls_R_factor_R_free                       0.220 
_refine.ls_wR_factor_R_free                      ? 
_refine.ls_percent_reflns_R_free                 5.100 
_refine.ls_number_reflns_R_free                  1443 
_refine.ls_R_factor_R_free_error                 ? 
_refine.B_iso_mean                               18.412 
_refine.solvent_model_param_bsol                 ? 
_refine.solvent_model_param_ksol                 ? 
_refine.pdbx_isotropic_thermal_model             ? 
_refine.aniso_B[1][1]                            -0.130 
_refine.aniso_B[2][2]                            -0.130 
_refine.aniso_B[3][3]                            0.190 
_refine.aniso_B[1][2]                            -0.060 
_refine.aniso_B[1][3]                            0.000 
_refine.aniso_B[2][3]                            0.000 
_refine.correlation_coeff_Fo_to_Fc               0.961 
_refine.correlation_coeff_Fo_to_Fc_free          0.941 
_refine.overall_SU_R_Cruickshank_DPI             ? 
_refine.overall_SU_R_free                        ? 
_refine.pdbx_overall_ESU_R                       0.084 
_refine.pdbx_overall_ESU_R_Free                  0.089 
_refine.overall_SU_ML                            0.054 
_refine.overall_SU_B                             1.479 
_refine.solvent_model_details                    MASK 
_refine.pdbx_solvent_vdw_probe_radii             1.200 
_refine.pdbx_solvent_ion_probe_radii             0.800 
_refine.pdbx_solvent_shrinkage_radii             0.800 
_refine.ls_number_parameters                     ? 
_refine.ls_number_restraints                     ? 
_refine.pdbx_starting_model                      'PDB entry 1LGU' 
_refine.pdbx_method_to_determine_struct          REFMAC 
_refine.pdbx_stereochemistry_target_values       'MAXIMUM LIKELIHOOD' 
_refine.pdbx_stereochem_target_val_spec_case     ? 
_refine.overall_FOM_work_R_set                   ? 
_refine.B_iso_max                                197.39 
_refine.B_iso_min                                10.94 
_refine.occupancy_max                            1.00 
_refine.occupancy_min                            0.50 
_refine.pdbx_ls_sigma_I                          ? 
_refine.ls_redundancy_reflns_obs                 ? 
_refine.ls_R_factor_R_free_error_details         ? 
_refine.pdbx_data_cutoff_high_rms_absF           ? 
_refine.overall_FOM_free_R_set                   ? 
_refine.pdbx_overall_phase_error                 ? 
_refine.pdbx_refine_id                           'X-RAY DIFFRACTION' 
_refine.pdbx_diffrn_id                           1 
_refine.pdbx_TLS_residual_ADP_flag               ? 
_refine.pdbx_overall_SU_R_free_Cruickshank_DPI   ? 
_refine.pdbx_overall_SU_R_Blow_DPI               ? 
_refine.pdbx_overall_SU_R_free_Blow_DPI          ? 
# 
_refine_hist.pdbx_refine_id                   'X-RAY DIFFRACTION' 
_refine_hist.cycle_id                         LAST 
_refine_hist.pdbx_number_atoms_protein        1342 
_refine_hist.pdbx_number_atoms_nucleic_acid   0 
_refine_hist.pdbx_number_atoms_ligand         26 
_refine_hist.number_atoms_solvent             293 
_refine_hist.number_atoms_total               1661 
_refine_hist.d_res_high                       1.590 
_refine_hist.d_res_low                        50 
# 
loop_
_refine_ls_restr.type 
_refine_ls_restr.number 
_refine_ls_restr.dev_ideal 
_refine_ls_restr.dev_ideal_target 
_refine_ls_restr.weight 
_refine_ls_restr.pdbx_refine_id 
_refine_ls_restr.pdbx_restraint_function 
r_bond_refined_d         1394 0.009  0.022  ? 'X-RAY DIFFRACTION' ? 
r_angle_refined_deg      1884 1.133  1.973  ? 'X-RAY DIFFRACTION' ? 
r_dihedral_angle_1_deg   176  5.150  5.000  ? 'X-RAY DIFFRACTION' ? 
r_dihedral_angle_2_deg   67   32.726 22.985 ? 'X-RAY DIFFRACTION' ? 
r_dihedral_angle_3_deg   267  11.793 15.000 ? 'X-RAY DIFFRACTION' ? 
r_dihedral_angle_4_deg   16   14.771 15.000 ? 'X-RAY DIFFRACTION' ? 
r_chiral_restr           204  0.076  0.200  ? 'X-RAY DIFFRACTION' ? 
r_gen_planes_refined     1047 0.005  0.020  ? 'X-RAY DIFFRACTION' ? 
r_nbd_refined            702  0.202  0.200  ? 'X-RAY DIFFRACTION' ? 
r_nbtor_refined          959  0.309  0.200  ? 'X-RAY DIFFRACTION' ? 
r_xyhbond_nbd_refined    224  0.159  0.200  ? 'X-RAY DIFFRACTION' ? 
r_symmetry_vdw_refined   41   0.160  0.200  ? 'X-RAY DIFFRACTION' ? 
r_symmetry_hbond_refined 32   0.220  0.200  ? 'X-RAY DIFFRACTION' ? 
r_mcbond_it              852  0.646  1.500  ? 'X-RAY DIFFRACTION' ? 
r_mcangle_it             1331 0.969  2.000  ? 'X-RAY DIFFRACTION' ? 
r_scbond_it              619  1.806  3.000  ? 'X-RAY DIFFRACTION' ? 
r_scangle_it             545  2.605  4.500  ? 'X-RAY DIFFRACTION' ? 
# 
_refine_ls_shell.d_res_high                       1.590 
_refine_ls_shell.d_res_low                        1.631 
_refine_ls_shell.pdbx_total_number_of_bins_used   20 
_refine_ls_shell.percent_reflns_obs               100.000 
_refine_ls_shell.number_reflns_R_work             1950 
_refine_ls_shell.R_factor_all                     ? 
_refine_ls_shell.R_factor_R_work                  0.242 
_refine_ls_shell.R_factor_R_free                  0.309 
_refine_ls_shell.percent_reflns_R_free            ? 
_refine_ls_shell.number_reflns_R_free             117 
_refine_ls_shell.R_factor_R_free_error            ? 
_refine_ls_shell.number_reflns_all                2067 
_refine_ls_shell.number_reflns_obs                1950 
_refine_ls_shell.redundancy_reflns_obs            ? 
_refine_ls_shell.pdbx_refine_id                   'X-RAY DIFFRACTION' 
# 
_struct.entry_id                  3HT6 
_struct.title                     '2-methylphenol in complex with T4 lysozyme L99A/M102Q' 
_struct.pdbx_model_details        ? 
_struct.pdbx_CASP_flag            ? 
_struct.pdbx_model_type_details   ? 
# 
_struct_keywords.entry_id        3HT6 
_struct_keywords.text            'HYDROLASE, GLYCOSIDASE, BACTERIOLYTIC ENZYME, Antimicrobial' 
_struct_keywords.pdbx_keywords   HYDROLASE 
# 
loop_
_struct_asym.id 
_struct_asym.pdbx_blank_PDB_chainid_flag 
_struct_asym.pdbx_modified 
_struct_asym.entity_id 
_struct_asym.details 
A N N 1 ? 
B N N 2 ? 
C N N 2 ? 
D N N 3 ? 
E N N 4 ? 
# 
_struct_biol.id        1 
_struct_biol.details   ? 
# 
loop_
_struct_conf.conf_type_id 
_struct_conf.id 
_struct_conf.pdbx_PDB_helix_id 
_struct_conf.beg_label_comp_id 
_struct_conf.beg_label_asym_id 
_struct_conf.beg_label_seq_id 
_struct_conf.pdbx_beg_PDB_ins_code 
_struct_conf.end_label_comp_id 
_struct_conf.end_label_asym_id 
_struct_conf.end_label_seq_id 
_struct_conf.pdbx_end_PDB_ins_code 
_struct_conf.beg_auth_comp_id 
_struct_conf.beg_auth_asym_id 
_struct_conf.beg_auth_seq_id 
_struct_conf.end_auth_comp_id 
_struct_conf.end_auth_asym_id 
_struct_conf.end_auth_seq_id 
_struct_conf.pdbx_PDB_helix_class 
_struct_conf.details 
_struct_conf.pdbx_PDB_helix_length 
HELX_P HELX_P1  1  ASN A 2   ? GLY A 12  ? ASN A 2   GLY A 12  1 ? 11 
HELX_P HELX_P2  2  ASP A 38  ? GLY A 51  ? ASP A 38  GLY A 51  1 ? 14 
HELX_P HELX_P3  3  THR A 59  ? ASN A 81  ? THR A 59  ASN A 81  1 ? 23 
HELX_P HELX_P4  4  LEU A 84  ? LEU A 91  ? LEU A 84  LEU A 91  1 ? 8  
HELX_P HELX_P5  5  ASP A 92  ? ALA A 112 ? ASP A 92  ALA A 112 1 ? 21 
HELX_P HELX_P6  6  PHE A 114 ? GLN A 123 ? PHE A 114 GLN A 123 1 ? 10 
HELX_P HELX_P7  7  ARG A 125 ? LYS A 135 ? ARG A 125 LYS A 135 1 ? 11 
HELX_P HELX_P8  8  SER A 136 ? THR A 142 ? SER A 136 THR A 142 1 ? 7  
HELX_P HELX_P9  9  THR A 142 ? GLY A 156 ? THR A 142 GLY A 156 1 ? 15 
HELX_P HELX_P10 10 TRP A 158 ? LYS A 162 ? TRP A 158 LYS A 162 5 ? 5  
# 
_struct_conf_type.id          HELX_P 
_struct_conf_type.criteria    ? 
_struct_conf_type.reference   ? 
# 
_struct_sheet.id               A 
_struct_sheet.type             ? 
_struct_sheet.number_strands   3 
_struct_sheet.details          ? 
# 
loop_
_struct_sheet_order.sheet_id 
_struct_sheet_order.range_id_1 
_struct_sheet_order.range_id_2 
_struct_sheet_order.offset 
_struct_sheet_order.sense 
A 1 2 ? anti-parallel 
A 2 3 ? anti-parallel 
# 
loop_
_struct_sheet_range.sheet_id 
_struct_sheet_range.id 
_struct_sheet_range.beg_label_comp_id 
_struct_sheet_range.beg_label_asym_id 
_struct_sheet_range.beg_label_seq_id 
_struct_sheet_range.pdbx_beg_PDB_ins_code 
_struct_sheet_range.end_label_comp_id 
_struct_sheet_range.end_label_asym_id 
_struct_sheet_range.end_label_seq_id 
_struct_sheet_range.pdbx_end_PDB_ins_code 
_struct_sheet_range.beg_auth_comp_id 
_struct_sheet_range.beg_auth_asym_id 
_struct_sheet_range.beg_auth_seq_id 
_struct_sheet_range.end_auth_comp_id 
_struct_sheet_range.end_auth_asym_id 
_struct_sheet_range.end_auth_seq_id 
A 1 ARG A 14 ? LYS A 19 ? ARG A 14 LYS A 19 
A 2 TYR A 25 ? GLY A 28 ? TYR A 25 GLY A 28 
A 3 HIS A 31 ? LEU A 32 ? HIS A 31 LEU A 32 
# 
loop_
_pdbx_struct_sheet_hbond.sheet_id 
_pdbx_struct_sheet_hbond.range_id_1 
_pdbx_struct_sheet_hbond.range_id_2 
_pdbx_struct_sheet_hbond.range_1_label_atom_id 
_pdbx_struct_sheet_hbond.range_1_label_comp_id 
_pdbx_struct_sheet_hbond.range_1_label_asym_id 
_pdbx_struct_sheet_hbond.range_1_label_seq_id 
_pdbx_struct_sheet_hbond.range_1_PDB_ins_code 
_pdbx_struct_sheet_hbond.range_1_auth_atom_id 
_pdbx_struct_sheet_hbond.range_1_auth_comp_id 
_pdbx_struct_sheet_hbond.range_1_auth_asym_id 
_pdbx_struct_sheet_hbond.range_1_auth_seq_id 
_pdbx_struct_sheet_hbond.range_2_label_atom_id 
_pdbx_struct_sheet_hbond.range_2_label_comp_id 
_pdbx_struct_sheet_hbond.range_2_label_asym_id 
_pdbx_struct_sheet_hbond.range_2_label_seq_id 
_pdbx_struct_sheet_hbond.range_2_PDB_ins_code 
_pdbx_struct_sheet_hbond.range_2_auth_atom_id 
_pdbx_struct_sheet_hbond.range_2_auth_comp_id 
_pdbx_struct_sheet_hbond.range_2_auth_asym_id 
_pdbx_struct_sheet_hbond.range_2_auth_seq_id 
A 1 2 N TYR A 18 ? N TYR A 18 O THR A 26 ? O THR A 26 
A 2 3 N ILE A 27 ? N ILE A 27 O HIS A 31 ? O HIS A 31 
# 
loop_
_struct_site.id 
_struct_site.pdbx_evidence_code 
_struct_site.pdbx_auth_asym_id 
_struct_site.pdbx_auth_comp_id 
_struct_site.pdbx_auth_seq_id 
_struct_site.pdbx_auth_ins_code 
_struct_site.pdbx_num_residues 
_struct_site.details 
AC1 Software A PO4 165 ? 8 'BINDING SITE FOR RESIDUE PO4 A 165' 
AC2 Software A PO4 166 ? 5 'BINDING SITE FOR RESIDUE PO4 A 166' 
AC3 Software A JZ0 167 ? 6 'BINDING SITE FOR RESIDUE JZ0 A 167' 
# 
loop_
_struct_site_gen.id 
_struct_site_gen.site_id 
_struct_site_gen.pdbx_num_res 
_struct_site_gen.label_comp_id 
_struct_site_gen.label_asym_id 
_struct_site_gen.label_seq_id 
_struct_site_gen.pdbx_auth_ins_code 
_struct_site_gen.auth_comp_id 
_struct_site_gen.auth_asym_id 
_struct_site_gen.auth_seq_id 
_struct_site_gen.label_atom_id 
_struct_site_gen.label_alt_id 
_struct_site_gen.symmetry 
_struct_site_gen.details 
1  AC1 8 LYS A 19  ? LYS A 19  . ? 1_555 ? 
2  AC1 8 ARG A 125 ? ARG A 125 . ? 6_444 ? 
3  AC1 8 TRP A 126 ? TRP A 126 . ? 6_444 ? 
4  AC1 8 ASP A 127 ? ASP A 127 . ? 6_444 ? 
5  AC1 8 GLU A 128 ? GLU A 128 . ? 6_444 ? 
6  AC1 8 HOH E .   ? HOH A 357 . ? 1_555 ? 
7  AC1 8 HOH E .   ? HOH A 426 . ? 1_555 ? 
8  AC1 8 HOH E .   ? HOH A 433 . ? 1_555 ? 
9  AC2 5 ARG A 14  ? ARG A 14  . ? 1_555 ? 
10 AC2 5 LEU A 15  ? LEU A 15  . ? 1_555 ? 
11 AC2 5 LYS A 16  ? LYS A 16  . ? 1_555 ? 
12 AC2 5 HOH E .   ? HOH A 284 . ? 1_555 ? 
13 AC2 5 HOH E .   ? HOH A 321 . ? 1_555 ? 
14 AC3 6 ALA A 99  ? ALA A 99  . ? 1_555 ? 
15 AC3 6 GLN A 102 ? GLN A 102 . ? 1_555 ? 
16 AC3 6 VAL A 103 ? VAL A 103 . ? 1_555 ? 
17 AC3 6 VAL A 111 ? VAL A 111 . ? 1_555 ? 
18 AC3 6 LEU A 118 ? LEU A 118 . ? 1_555 ? 
19 AC3 6 PHE A 153 ? PHE A 153 . ? 1_555 ? 
# 
_atom_sites.entry_id                    3HT6 
_atom_sites.fract_transf_matrix[1][1]   -0.00381986 
_atom_sites.fract_transf_matrix[1][2]   -0.00986823 
_atom_sites.fract_transf_matrix[1][3]   0.01596746 
_atom_sites.fract_transf_matrix[2][1]   0.01375134 
_atom_sites.fract_transf_matrix[2][2]   -0.01038983 
_atom_sites.fract_transf_matrix[2][3]   0.00835860 
_atom_sites.fract_transf_matrix[3][1]   0.00267572 
_atom_sites.fract_transf_matrix[3][2]   0.00806756 
_atom_sites.fract_transf_matrix[3][3]   0.00562603 
_atom_sites.fract_transf_vector[1]      -0.458200 
_atom_sites.fract_transf_vector[2]      0.324995 
_atom_sites.fract_transf_vector[3]      -0.070771 
# 
loop_
_atom_type.symbol 
C 
N 
O 
P 
S 
# 
loop_
_atom_site.group_PDB 
_atom_site.id 
_atom_site.type_symbol 
_atom_site.label_atom_id 
_atom_site.label_alt_id 
_atom_site.label_comp_id 
_atom_site.label_asym_id 
_atom_site.label_entity_id 
_atom_site.label_seq_id 
_atom_site.pdbx_PDB_ins_code 
_atom_site.Cartn_x 
_atom_site.Cartn_y 
_atom_site.Cartn_z 
_atom_site.occupancy 
_atom_site.B_iso_or_equiv 
_atom_site.pdbx_formal_charge 
_atom_site.auth_seq_id 
_atom_site.auth_comp_id 
_atom_site.auth_asym_id 
_atom_site.auth_atom_id 
_atom_site.pdbx_PDB_model_num 
ATOM   1    N N   . MET A 1 1   ? 10.311  5.387   -12.735 1.00 17.37  ? 1   MET A N   1 
ATOM   2    C CA  A MET A 1 1   ? 9.350   4.916   -11.699 0.50 16.39  ? 1   MET A CA  1 
ATOM   3    C CA  B MET A 1 1   ? 9.360   4.856   -11.708 0.50 16.76  ? 1   MET A CA  1 
ATOM   4    C C   . MET A 1 1   ? 10.081  4.478   -10.422 1.00 16.27  ? 1   MET A C   1 
ATOM   5    O O   . MET A 1 1   ? 11.225  4.016   -10.458 1.00 16.63  ? 1   MET A O   1 
ATOM   6    C CB  A MET A 1 1   ? 8.496   3.784   -12.277 0.50 16.81  ? 1   MET A CB  1 
ATOM   7    C CB  B MET A 1 1   ? 8.633   3.623   -12.243 0.50 17.41  ? 1   MET A CB  1 
ATOM   8    C CG  A MET A 1 1   ? 7.297   3.353   -11.447 0.50 16.27  ? 1   MET A CG  1 
ATOM   9    C CG  B MET A 1 1   ? 7.484   3.909   -13.192 0.50 18.19  ? 1   MET A CG  1 
ATOM   10   S SD  A MET A 1 1   ? 6.014   4.577   -11.113 0.50 15.53  ? 1   MET A SD  1 
ATOM   11   S SD  B MET A 1 1   ? 6.220   4.985   -12.478 0.50 20.61  ? 1   MET A SD  1 
ATOM   12   C CE  A MET A 1 1   ? 5.658   5.174   -12.761 0.50 19.16  ? 1   MET A CE  1 
ATOM   13   C CE  B MET A 1 1   ? 5.694   4.051   -11.043 0.50 18.39  ? 1   MET A CE  1 
ATOM   14   N N   . ASN A 1 2   ? 9.405   4.653   -9.289  1.00 15.35  ? 2   ASN A N   1 
ATOM   15   C CA  . ASN A 1 2   ? 9.896   4.265   -7.983  1.00 14.72  ? 2   ASN A CA  1 
ATOM   16   C C   . ASN A 1 2   ? 8.672   4.142   -7.072  1.00 14.01  ? 2   ASN A C   1 
ATOM   17   O O   . ASN A 1 2   ? 7.556   4.428   -7.492  1.00 14.00  ? 2   ASN A O   1 
ATOM   18   C CB  . ASN A 1 2   ? 10.910  5.284   -7.439  1.00 15.25  ? 2   ASN A CB  1 
ATOM   19   C CG  . ASN A 1 2   ? 10.341  6.673   -7.325  1.00 15.24  ? 2   ASN A CG  1 
ATOM   20   O OD1 . ASN A 1 2   ? 9.298   6.876   -6.702  1.00 15.23  ? 2   ASN A OD1 1 
ATOM   21   N ND2 . ASN A 1 2   ? 11.031  7.657   -7.919  1.00 16.47  ? 2   ASN A ND2 1 
ATOM   22   N N   . ILE A 1 3   ? 8.880   3.699   -5.842  1.00 14.20  ? 3   ILE A N   1 
ATOM   23   C CA  . ILE A 1 3   ? 7.752   3.441   -4.943  1.00 13.44  ? 3   ILE A CA  1 
ATOM   24   C C   . ILE A 1 3   ? 6.879   4.684   -4.718  1.00 13.87  ? 3   ILE A C   1 
ATOM   25   O O   . ILE A 1 3   ? 5.654   4.569   -4.594  1.00 14.36  ? 3   ILE A O   1 
ATOM   26   C CB  . ILE A 1 3   ? 8.240   2.801   -3.603  1.00 13.15  ? 3   ILE A CB  1 
ATOM   27   C CG1 . ILE A 1 3   ? 7.062   2.338   -2.738  1.00 14.41  ? 3   ILE A CG1 1 
ATOM   28   C CG2 . ILE A 1 3   ? 9.158   3.774   -2.834  1.00 13.38  ? 3   ILE A CG2 1 
ATOM   29   C CD1 . ILE A 1 3   ? 6.007   1.479   -3.492  1.00 14.29  ? 3   ILE A CD1 1 
ATOM   30   N N   . PHE A 1 4   ? 7.497   5.864   -4.669  1.00 13.30  ? 4   PHE A N   1 
ATOM   31   C CA  . PHE A 1 4   ? 6.706   7.075   -4.459  1.00 13.28  ? 4   PHE A CA  1 
ATOM   32   C C   . PHE A 1 4   ? 5.795   7.348   -5.638  1.00 13.01  ? 4   PHE A C   1 
ATOM   33   O O   . PHE A 1 4   ? 4.605   7.597   -5.458  1.00 13.05  ? 4   PHE A O   1 
ATOM   34   C CB  . PHE A 1 4   ? 7.594   8.274   -4.118  1.00 14.30  ? 4   PHE A CB  1 
ATOM   35   C CG  . PHE A 1 4   ? 8.261   8.129   -2.792  1.00 15.10  ? 4   PHE A CG  1 
ATOM   36   C CD1 . PHE A 1 4   ? 9.480   7.485   -2.691  1.00 16.80  ? 4   PHE A CD1 1 
ATOM   37   C CD2 . PHE A 1 4   ? 7.633   8.563   -1.621  1.00 17.48  ? 4   PHE A CD2 1 
ATOM   38   C CE1 . PHE A 1 4   ? 10.111  7.320   -1.461  1.00 16.14  ? 4   PHE A CE1 1 
ATOM   39   C CE2 . PHE A 1 4   ? 8.257   8.402   -0.387  1.00 18.85  ? 4   PHE A CE2 1 
ATOM   40   C CZ  . PHE A 1 4   ? 9.501   7.771   -0.309  1.00 17.66  ? 4   PHE A CZ  1 
ATOM   41   N N   . GLU A 1 5   ? 6.352   7.275   -6.844  1.00 13.42  ? 5   GLU A N   1 
ATOM   42   C CA  . GLU A 1 5   ? 5.570   7.545   -8.051  1.00 13.84  ? 5   GLU A CA  1 
ATOM   43   C C   . GLU A 1 5   ? 4.485   6.474   -8.215  1.00 13.24  ? 5   GLU A C   1 
ATOM   44   O O   . GLU A 1 5   ? 3.386   6.760   -8.673  1.00 13.70  ? 5   GLU A O   1 
ATOM   45   C CB  . GLU A 1 5   ? 6.484   7.570   -9.266  1.00 14.10  ? 5   GLU A CB  1 
ATOM   46   C CG  . GLU A 1 5   ? 7.507   8.699   -9.243  1.00 16.34  ? 5   GLU A CG  1 
ATOM   47   C CD  . GLU A 1 5   ? 8.288   8.792   -10.536 1.00 20.27  ? 5   GLU A CD  1 
ATOM   48   O OE1 . GLU A 1 5   ? 7.961   8.046   -11.475 1.00 24.34  ? 5   GLU A OE1 1 
ATOM   49   O OE2 . GLU A 1 5   ? 9.209   9.631   -10.631 1.00 22.35  ? 5   GLU A OE2 1 
ATOM   50   N N   . MET A 1 6   ? 4.816   5.243   -7.832  1.00 13.01  ? 6   MET A N   1 
ATOM   51   C CA  . MET A 1 6   ? 3.901   4.121   -7.971  1.00 12.86  ? 6   MET A CA  1 
ATOM   52   C C   . MET A 1 6   ? 2.700   4.307   -7.060  1.00 12.87  ? 6   MET A C   1 
ATOM   53   O O   . MET A 1 6   ? 1.558   4.248   -7.514  1.00 13.04  ? 6   MET A O   1 
ATOM   54   C CB  . MET A 1 6   ? 4.636   2.825   -7.648  1.00 13.45  ? 6   MET A CB  1 
ATOM   55   C CG  . MET A 1 6   ? 3.820   1.572   -7.845  1.00 13.87  ? 6   MET A CG  1 
ATOM   56   S SD  . MET A 1 6   ? 4.518   0.260   -6.861  1.00 13.11  ? 6   MET A SD  1 
ATOM   57   C CE  . MET A 1 6   ? 3.898   -1.187  -7.750  1.00 14.48  ? 6   MET A CE  1 
ATOM   58   N N   . LEU A 1 7   ? 2.969   4.571   -5.788  1.00 13.01  ? 7   LEU A N   1 
ATOM   59   C CA  . LEU A 1 7   ? 1.873   4.779   -4.835  1.00 13.15  ? 7   LEU A CA  1 
ATOM   60   C C   . LEU A 1 7   ? 1.094   6.058   -5.115  1.00 13.90  ? 7   LEU A C   1 
ATOM   61   O O   . LEU A 1 7   ? -0.106  6.126   -4.831  1.00 14.20  ? 7   LEU A O   1 
ATOM   62   C CB  . LEU A 1 7   ? 2.349   4.702   -3.380  1.00 13.44  ? 7   LEU A CB  1 
ATOM   63   C CG  . LEU A 1 7   ? 2.422   3.251   -2.883  1.00 14.01  ? 7   LEU A CG  1 
ATOM   64   C CD1 . LEU A 1 7   ? 3.274   3.158   -1.629  1.00 14.58  ? 7   LEU A CD1 1 
ATOM   65   C CD2 . LEU A 1 7   ? 1.024   2.683   -2.620  1.00 12.92  ? 7   LEU A CD2 1 
ATOM   66   N N   . ARG A 1 8   ? 1.757   7.068   -5.673  1.00 13.89  ? 8   ARG A N   1 
ATOM   67   C CA  . ARG A 1 8   ? 1.050   8.304   -6.015  1.00 14.09  ? 8   ARG A CA  1 
ATOM   68   C C   . ARG A 1 8   ? -0.019  8.033   -7.085  1.00 13.85  ? 8   ARG A C   1 
ATOM   69   O O   . ARG A 1 8   ? -1.134  8.562   -7.026  1.00 13.80  ? 8   ARG A O   1 
ATOM   70   C CB  . ARG A 1 8   ? 2.042   9.385   -6.471  1.00 14.50  ? 8   ARG A CB  1 
ATOM   71   C CG  . ARG A 1 8   ? 1.417   10.594  -7.130  1.00 15.25  ? 8   ARG A CG  1 
ATOM   72   C CD  . ARG A 1 8   ? 0.591   11.441  -6.151  1.00 17.11  ? 8   ARG A CD  1 
ATOM   73   N NE  . ARG A 1 8   ? -0.043  12.577  -6.831  1.00 17.91  ? 8   ARG A NE  1 
ATOM   74   C CZ  . ARG A 1 8   ? -1.134  12.492  -7.589  1.00 19.94  ? 8   ARG A CZ  1 
ATOM   75   N NH1 . ARG A 1 8   ? -1.745  11.321  -7.777  1.00 21.12  ? 8   ARG A NH1 1 
ATOM   76   N NH2 . ARG A 1 8   ? -1.626  13.582  -8.164  1.00 21.61  ? 8   ARG A NH2 1 
ATOM   77   N N   . ILE A 1 9   ? 0.328   7.193   -8.058  1.00 13.69  ? 9   ILE A N   1 
ATOM   78   C CA  . ILE A 1 9   ? -0.627  6.742   -9.072  1.00 14.24  ? 9   ILE A CA  1 
ATOM   79   C C   . ILE A 1 9   ? -1.793  5.959   -8.460  1.00 14.65  ? 9   ILE A C   1 
ATOM   80   O O   . ILE A 1 9   ? -2.973  6.247   -8.750  1.00 14.90  ? 9   ILE A O   1 
ATOM   81   C CB  . ILE A 1 9   ? 0.088   5.912   -10.166 1.00 14.17  ? 9   ILE A CB  1 
ATOM   82   C CG1 . ILE A 1 9   ? 0.931   6.824   -11.054 1.00 14.31  ? 9   ILE A CG1 1 
ATOM   83   C CG2 . ILE A 1 9   ? -0.932  5.147   -11.011 1.00 15.68  ? 9   ILE A CG2 1 
ATOM   84   C CD1 . ILE A 1 9   ? 1.998   6.087   -11.865 1.00 15.49  ? 9   ILE A CD1 1 
ATOM   85   N N   . ASP A 1 10  ? -1.476  5.008   -7.581  1.00 13.84  ? 10  ASP A N   1 
ATOM   86   C CA  . ASP A 1 10  ? -2.474  4.089   -7.067  1.00 14.44  ? 10  ASP A CA  1 
ATOM   87   C C   . ASP A 1 10  ? -3.371  4.722   -6.012  1.00 14.63  ? 10  ASP A C   1 
ATOM   88   O O   . ASP A 1 10  ? -4.524  4.314   -5.857  1.00 15.52  ? 10  ASP A O   1 
ATOM   89   C CB  . ASP A 1 10  ? -1.815  2.840   -6.486  1.00 13.95  ? 10  ASP A CB  1 
ATOM   90   C CG  . ASP A 1 10  ? -1.332  1.871   -7.568  1.00 14.36  ? 10  ASP A CG  1 
ATOM   91   O OD1 . ASP A 1 10  ? -1.864  1.913   -8.708  1.00 13.52  ? 10  ASP A OD1 1 
ATOM   92   O OD2 . ASP A 1 10  ? -0.438  1.051   -7.251  1.00 15.60  ? 10  ASP A OD2 1 
ATOM   93   N N   . GLU A 1 11  ? -2.830  5.702   -5.289  1.00 13.77  ? 11  GLU A N   1 
ATOM   94   C CA  . GLU A 1 11  ? -3.551  6.288   -4.158  1.00 14.38  ? 11  GLU A CA  1 
ATOM   95   C C   . GLU A 1 11  ? -4.162  7.647   -4.478  1.00 14.27  ? 11  GLU A C   1 
ATOM   96   O O   . GLU A 1 11  ? -5.106  8.070   -3.792  1.00 14.93  ? 11  GLU A O   1 
ATOM   97   C CB  . GLU A 1 11  ? -2.641  6.415   -2.929  1.00 13.65  ? 11  GLU A CB  1 
ATOM   98   C CG  . GLU A 1 11  ? -2.184  5.089   -2.318  1.00 14.76  ? 11  GLU A CG  1 
ATOM   99   C CD  . GLU A 1 11  ? -3.319  4.254   -1.720  1.00 17.24  ? 11  GLU A CD  1 
ATOM   100  O OE1 . GLU A 1 11  ? -4.468  4.752   -1.585  1.00 16.67  ? 11  GLU A OE1 1 
ATOM   101  O OE2 . GLU A 1 11  ? -3.052  3.088   -1.369  1.00 16.10  ? 11  GLU A OE2 1 
ATOM   102  N N   . GLY A 1 12  ? -3.621  8.345   -5.477  1.00 14.42  ? 12  GLY A N   1 
ATOM   103  C CA  . GLY A 1 12  ? -4.057  9.712   -5.791  1.00 14.54  ? 12  GLY A CA  1 
ATOM   104  C C   . GLY A 1 12  ? -3.553  10.737  -4.784  1.00 14.69  ? 12  GLY A C   1 
ATOM   105  O O   . GLY A 1 12  ? -2.736  10.406  -3.901  1.00 15.15  ? 12  GLY A O   1 
ATOM   106  N N   . LEU A 1 13  ? -4.025  11.971  -4.923  1.00 14.93  ? 13  LEU A N   1 
ATOM   107  C CA  . LEU A 1 13  ? -3.682  13.037  -3.984  1.00 15.37  ? 13  LEU A CA  1 
ATOM   108  C C   . LEU A 1 13  ? -4.909  13.897  -3.781  1.00 14.77  ? 13  LEU A C   1 
ATOM   109  O O   . LEU A 1 13  ? -5.404  14.514  -4.737  1.00 15.19  ? 13  LEU A O   1 
ATOM   110  C CB  . LEU A 1 13  ? -2.529  13.895  -4.523  1.00 15.57  ? 13  LEU A CB  1 
ATOM   111  C CG  . LEU A 1 13  ? -2.227  15.206  -3.782  1.00 16.93  ? 13  LEU A CG  1 
ATOM   112  C CD1 . LEU A 1 13  ? -1.773  14.951  -2.352  1.00 18.88  ? 13  LEU A CD1 1 
ATOM   113  C CD2 . LEU A 1 13  ? -1.166  16.011  -4.540  1.00 18.14  ? 13  LEU A CD2 1 
ATOM   114  N N   . ARG A 1 14  ? -5.396  13.920  -2.543  1.00 14.58  ? 14  ARG A N   1 
ATOM   115  C CA  . ARG A 1 14  ? -6.559  14.745  -2.176  1.00 15.19  ? 14  ARG A CA  1 
ATOM   116  C C   . ARG A 1 14  ? -6.241  15.501  -0.889  1.00 14.44  ? 14  ARG A C   1 
ATOM   117  O O   . ARG A 1 14  ? -5.699  14.927  0.063   1.00 14.42  ? 14  ARG A O   1 
ATOM   118  C CB  . ARG A 1 14  ? -7.808  13.876  -2.037  1.00 15.33  ? 14  ARG A CB  1 
ATOM   119  C CG  . ARG A 1 14  ? -8.144  13.106  -3.328  1.00 16.58  ? 14  ARG A CG  1 
ATOM   120  C CD  . ARG A 1 14  ? -9.474  12.392  -3.268  1.00 17.02  ? 14  ARG A CD  1 
ATOM   121  N NE  . ARG A 1 14  ? -10.588 13.334  -3.349  1.00 20.77  ? 14  ARG A NE  1 
ATOM   122  C CZ  . ARG A 1 14  ? -11.873 12.994  -3.297  1.00 23.06  ? 14  ARG A CZ  1 
ATOM   123  N NH1 . ARG A 1 14  ? -12.228 11.718  -3.159  1.00 22.71  ? 14  ARG A NH1 1 
ATOM   124  N NH2 . ARG A 1 14  ? -12.800 13.935  -3.377  1.00 25.94  ? 14  ARG A NH2 1 
ATOM   125  N N   . LEU A 1 15  ? -6.553  16.791  -0.866  1.00 14.91  ? 15  LEU A N   1 
ATOM   126  C CA  . LEU A 1 15  ? -6.114  17.661  0.225   1.00 14.66  ? 15  LEU A CA  1 
ATOM   127  C C   . LEU A 1 15  ? -7.177  17.847  1.309   1.00 15.20  ? 15  LEU A C   1 
ATOM   128  O O   . LEU A 1 15  ? -6.884  18.409  2.359   1.00 15.24  ? 15  LEU A O   1 
ATOM   129  C CB  . LEU A 1 15  ? -5.652  19.017  -0.334  1.00 15.37  ? 15  LEU A CB  1 
ATOM   130  C CG  . LEU A 1 15  ? -4.470  18.960  -1.319  1.00 16.16  ? 15  LEU A CG  1 
ATOM   131  C CD1 . LEU A 1 15  ? -4.051  20.370  -1.701  1.00 18.32  ? 15  LEU A CD1 1 
ATOM   132  C CD2 . LEU A 1 15  ? -3.275  18.190  -0.759  1.00 17.98  ? 15  LEU A CD2 1 
ATOM   133  N N   . LYS A 1 16  ? -8.392  17.371  1.042   1.00 14.80  ? 16  LYS A N   1 
ATOM   134  C CA  . LYS A 1 16  ? -9.488  17.383  2.021   1.00 15.51  ? 16  LYS A CA  1 
ATOM   135  C C   . LYS A 1 16  ? -9.832  15.953  2.441   1.00 14.58  ? 16  LYS A C   1 
ATOM   136  O O   . LYS A 1 16  ? -9.703  15.012  1.639   1.00 14.79  ? 16  LYS A O   1 
ATOM   137  C CB  . LYS A 1 16  ? -10.729 18.039  1.415   1.00 15.58  ? 16  LYS A CB  1 
ATOM   138  C CG  . LYS A 1 16  ? -10.554 19.500  0.991   1.00 17.48  ? 16  LYS A CG  1 
ATOM   139  C CD  . LYS A 1 16  ? -11.855 20.059  0.411   1.00 19.45  ? 16  LYS A CD  1 
ATOM   140  C CE  . LYS A 1 16  ? -12.141 19.499  -0.980  0.50 20.46  ? 16  LYS A CE  1 
ATOM   141  N NZ  . LYS A 1 16  ? -11.060 19.784  -1.963  0.50 22.31  ? 16  LYS A NZ  1 
ATOM   142  N N   . ILE A 1 17  ? -10.281 15.784  3.681   1.00 13.68  ? 17  ILE A N   1 
ATOM   143  C CA  . ILE A 1 17  ? -10.686 14.459  4.150   1.00 13.89  ? 17  ILE A CA  1 
ATOM   144  C C   . ILE A 1 17  ? -11.671 13.832  3.157   1.00 14.28  ? 17  ILE A C   1 
ATOM   145  O O   . ILE A 1 17  ? -12.649 14.464  2.755   1.00 14.96  ? 17  ILE A O   1 
ATOM   146  C CB  . ILE A 1 17  ? -11.279 14.504  5.576   1.00 13.38  ? 17  ILE A CB  1 
ATOM   147  C CG1 . ILE A 1 17  ? -10.200 14.908  6.589   1.00 13.73  ? 17  ILE A CG1 1 
ATOM   148  C CG2 . ILE A 1 17  ? -11.845 13.130  5.976   1.00 14.02  ? 17  ILE A CG2 1 
ATOM   149  C CD1 . ILE A 1 17  ? -10.766 15.088  8.026   1.00 14.57  ? 17  ILE A CD1 1 
ATOM   150  N N   . TYR A 1 18  ? -11.385 12.591  2.768   1.00 14.11  ? 18  TYR A N   1 
ATOM   151  C CA  . TYR A 1 18  ? -12.254 11.794  1.892   1.00 14.52  ? 18  TYR A CA  1 
ATOM   152  C C   . TYR A 1 18  ? -12.358 10.375  2.442   1.00 13.67  ? 18  TYR A C   1 
ATOM   153  O O   . TYR A 1 18  ? -11.589 9.985   3.334   1.00 13.32  ? 18  TYR A O   1 
ATOM   154  C CB  . TYR A 1 18  ? -11.709 11.773  0.450   1.00 15.82  ? 18  TYR A CB  1 
ATOM   155  C CG  . TYR A 1 18  ? -10.392 11.043  0.258   1.00 16.34  ? 18  TYR A CG  1 
ATOM   156  C CD1 . TYR A 1 18  ? -10.352 9.719   -0.222  1.00 17.81  ? 18  TYR A CD1 1 
ATOM   157  C CD2 . TYR A 1 18  ? -9.172  11.677  0.513   1.00 16.66  ? 18  TYR A CD2 1 
ATOM   158  C CE1 . TYR A 1 18  ? -9.124  9.054   -0.405  1.00 18.06  ? 18  TYR A CE1 1 
ATOM   159  C CE2 . TYR A 1 18  ? -7.941  11.013  0.311   1.00 15.60  ? 18  TYR A CE2 1 
ATOM   160  C CZ  . TYR A 1 18  ? -7.933  9.702   -0.137  1.00 18.00  ? 18  TYR A CZ  1 
ATOM   161  O OH  . TYR A 1 18  ? -6.717  9.046   -0.323  1.00 19.89  ? 18  TYR A OH  1 
ATOM   162  N N   . LYS A 1 19  ? -13.300 9.599   1.915   1.00 13.23  ? 19  LYS A N   1 
ATOM   163  C CA  . LYS A 1 19  ? -13.400 8.191   2.304   1.00 13.16  ? 19  LYS A CA  1 
ATOM   164  C C   . LYS A 1 19  ? -12.690 7.317   1.257   1.00 13.22  ? 19  LYS A C   1 
ATOM   165  O O   . LYS A 1 19  ? -12.853 7.514   0.046   1.00 13.28  ? 19  LYS A O   1 
ATOM   166  C CB  . LYS A 1 19  ? -14.856 7.757   2.474   1.00 13.72  ? 19  LYS A CB  1 
ATOM   167  C CG  . LYS A 1 19  ? -15.571 8.410   3.652   1.00 14.50  ? 19  LYS A CG  1 
ATOM   168  C CD  . LYS A 1 19  ? -17.006 7.881   3.739   1.00 15.12  ? 19  LYS A CD  1 
ATOM   169  C CE  . LYS A 1 19  ? -17.758 8.439   4.926   1.00 17.85  ? 19  LYS A CE  1 
ATOM   170  N NZ  . LYS A 1 19  ? -19.164 7.874   4.893   1.00 16.71  ? 19  LYS A NZ  1 
ATOM   171  N N   . ASP A 1 20  ? -11.865 6.391   1.725   1.00 13.01  ? 20  ASP A N   1 
ATOM   172  C CA  . ASP A 1 20  ? -11.142 5.501   0.820   1.00 13.69  ? 20  ASP A CA  1 
ATOM   173  C C   . ASP A 1 20  ? -12.074 4.454   0.197   1.00 13.81  ? 20  ASP A C   1 
ATOM   174  O O   . ASP A 1 20  ? -13.297 4.537   0.347   1.00 13.75  ? 20  ASP A O   1 
ATOM   175  C CB  . ASP A 1 20  ? -9.919  4.890   1.541   1.00 13.82  ? 20  ASP A CB  1 
ATOM   176  C CG  . ASP A 1 20  ? -10.288 3.852   2.595   1.00 15.23  ? 20  ASP A CG  1 
ATOM   177  O OD1 . ASP A 1 20  ? -11.462 3.464   2.729   1.00 14.24  ? 20  ASP A OD1 1 
ATOM   178  O OD2 . ASP A 1 20  ? -9.369  3.404   3.327   1.00 17.79  ? 20  ASP A OD2 1 
ATOM   179  N N   . THR A 1 21  ? -11.506 3.474   -0.495  1.00 14.32  ? 21  THR A N   1 
ATOM   180  C CA  . THR A 1 21  ? -12.317 2.489   -1.220  1.00 13.97  ? 21  THR A CA  1 
ATOM   181  C C   . THR A 1 21  ? -13.121 1.628   -0.238  1.00 14.42  ? 21  THR A C   1 
ATOM   182  O O   . THR A 1 21  ? -14.111 1.003   -0.628  1.00 14.46  ? 21  THR A O   1 
ATOM   183  C CB  . THR A 1 21  ? -11.435 1.552   -2.098  1.00 14.43  ? 21  THR A CB  1 
ATOM   184  O OG1 . THR A 1 21  ? -10.580 0.745   -1.267  1.00 16.24  ? 21  THR A OG1 1 
ATOM   185  C CG2 . THR A 1 21  ? -10.605 2.341   -3.094  1.00 14.78  ? 21  THR A CG2 1 
ATOM   186  N N   . GLU A 1 22  ? -12.675 1.574   1.018   1.00 14.28  ? 22  GLU A N   1 
ATOM   187  C CA  . GLU A 1 22  ? -13.345 0.768   2.052   1.00 14.39  ? 22  GLU A CA  1 
ATOM   188  C C   . GLU A 1 22  ? -14.309 1.599   2.891   1.00 14.22  ? 22  GLU A C   1 
ATOM   189  O O   . GLU A 1 22  ? -14.963 1.075   3.816   1.00 15.21  ? 22  GLU A O   1 
ATOM   190  C CB  . GLU A 1 22  ? -12.310 0.073   2.950   1.00 14.33  ? 22  GLU A CB  1 
ATOM   191  C CG  . GLU A 1 22  ? -11.481 -1.006  2.219   1.00 17.16  ? 22  GLU A CG  1 
ATOM   192  C CD  . GLU A 1 22  ? -12.302 -2.257  1.849   1.00 22.60  ? 22  GLU A CD  1 
ATOM   193  O OE1 . GLU A 1 22  ? -13.282 -2.586  2.545   1.00 26.46  ? 22  GLU A OE1 1 
ATOM   194  O OE2 . GLU A 1 22  ? -11.973 -2.926  0.851   1.00 25.58  ? 22  GLU A OE2 1 
ATOM   195  N N   . GLY A 1 23  ? -14.408 2.886   2.563   1.00 14.68  ? 23  GLY A N   1 
ATOM   196  C CA  . GLY A 1 23  ? -15.293 3.796   3.297   1.00 14.69  ? 23  GLY A CA  1 
ATOM   197  C C   . GLY A 1 23  ? -14.673 4.494   4.498   1.00 15.24  ? 23  GLY A C   1 
ATOM   198  O O   . GLY A 1 23  ? -15.392 5.118   5.297   1.00 15.70  ? 23  GLY A O   1 
ATOM   199  N N   . TYR A 1 24  ? -13.348 4.405   4.618   1.00 15.16  ? 24  TYR A N   1 
ATOM   200  C CA  . TYR A 1 24  ? -12.622 4.934   5.773   1.00 15.90  ? 24  TYR A CA  1 
ATOM   201  C C   . TYR A 1 24  ? -12.026 6.306   5.523   1.00 14.77  ? 24  TYR A C   1 
ATOM   202  O O   . TYR A 1 24  ? -11.427 6.544   4.483   1.00 14.31  ? 24  TYR A O   1 
ATOM   203  C CB  . TYR A 1 24  ? -11.500 3.975   6.189   1.00 17.47  ? 24  TYR A CB  1 
ATOM   204  C CG  . TYR A 1 24  ? -11.960 2.575   6.558   1.00 20.24  ? 24  TYR A CG  1 
ATOM   205  C CD1 . TYR A 1 24  ? -11.222 1.468   6.153   1.00 21.65  ? 24  TYR A CD1 1 
ATOM   206  C CD2 . TYR A 1 24  ? -13.120 2.367   7.293   1.00 22.35  ? 24  TYR A CD2 1 
ATOM   207  C CE1 . TYR A 1 24  ? -11.623 0.176   6.483   1.00 22.09  ? 24  TYR A CE1 1 
ATOM   208  C CE2 . TYR A 1 24  ? -13.538 1.073   7.630   1.00 23.60  ? 24  TYR A CE2 1 
ATOM   209  C CZ  . TYR A 1 24  ? -12.779 -0.009  7.212   1.00 22.75  ? 24  TYR A CZ  1 
ATOM   210  O OH  . TYR A 1 24  ? -13.157 -1.302  7.531   1.00 25.18  ? 24  TYR A OH  1 
ATOM   211  N N   . TYR A 1 25  ? -12.169 7.191   6.505   1.00 13.45  ? 25  TYR A N   1 
ATOM   212  C CA  . TYR A 1 25  ? -11.635 8.545   6.391   1.00 13.35  ? 25  TYR A CA  1 
ATOM   213  C C   . TYR A 1 25  ? -10.123 8.567   6.185   1.00 12.95  ? 25  TYR A C   1 
ATOM   214  O O   . TYR A 1 25  ? -9.371  7.938   6.942   1.00 13.68  ? 25  TYR A O   1 
ATOM   215  C CB  . TYR A 1 25  ? -12.012 9.389   7.613   1.00 14.03  ? 25  TYR A CB  1 
ATOM   216  C CG  . TYR A 1 25  ? -13.495 9.682   7.709   1.00 13.57  ? 25  TYR A CG  1 
ATOM   217  C CD1 . TYR A 1 25  ? -14.235 9.257   8.817   1.00 16.86  ? 25  TYR A CD1 1 
ATOM   218  C CD2 . TYR A 1 25  ? -14.161 10.365  6.689   1.00 15.51  ? 25  TYR A CD2 1 
ATOM   219  C CE1 . TYR A 1 25  ? -15.610 9.531   8.912   1.00 16.40  ? 25  TYR A CE1 1 
ATOM   220  C CE2 . TYR A 1 25  ? -15.536 10.647  6.783   1.00 15.94  ? 25  TYR A CE2 1 
ATOM   221  C CZ  . TYR A 1 25  ? -16.238 10.228  7.892   1.00 17.27  ? 25  TYR A CZ  1 
ATOM   222  O OH  . TYR A 1 25  ? -17.590 10.509  7.955   1.00 19.11  ? 25  TYR A OH  1 
ATOM   223  N N   . THR A 1 26  ? -9.713  9.338   5.184   1.00 13.07  ? 26  THR A N   1 
ATOM   224  C CA  . THR A 1 26  ? -8.355  9.321   4.664   1.00 12.81  ? 26  THR A CA  1 
ATOM   225  C C   . THR A 1 26  ? -8.035  10.733  4.188   1.00 12.97  ? 26  THR A C   1 
ATOM   226  O O   . THR A 1 26  ? -8.941  11.550  3.987   1.00 13.33  ? 26  THR A O   1 
ATOM   227  C CB  . THR A 1 26  ? -8.295  8.287   3.503   1.00 12.99  ? 26  THR A CB  1 
ATOM   228  O OG1 . THR A 1 26  ? -8.637  6.996   4.025   1.00 13.10  ? 26  THR A OG1 1 
ATOM   229  C CG2 . THR A 1 26  ? -6.929  8.209   2.820   1.00 13.05  ? 26  THR A CG2 1 
ATOM   230  N N   . ILE A 1 27  ? -6.751  11.036  4.010   1.00 13.03  ? 27  ILE A N   1 
ATOM   231  C CA  . ILE A 1 27  ? -6.357  12.305  3.407   1.00 12.58  ? 27  ILE A CA  1 
ATOM   232  C C   . ILE A 1 27  ? -5.026  12.143  2.684   1.00 13.19  ? 27  ILE A C   1 
ATOM   233  O O   . ILE A 1 27  ? -4.321  11.164  2.901   1.00 13.20  ? 27  ILE A O   1 
ATOM   234  C CB  . ILE A 1 27  ? -6.279  13.436  4.473   1.00 12.61  ? 27  ILE A CB  1 
ATOM   235  C CG1 . ILE A 1 27  ? -6.351  14.828  3.833   1.00 13.81  ? 27  ILE A CG1 1 
ATOM   236  C CG2 . ILE A 1 27  ? -5.003  13.266  5.345   1.00 12.95  ? 27  ILE A CG2 1 
ATOM   237  C CD1 . ILE A 1 27  ? -6.743  15.932  4.824   1.00 13.37  ? 27  ILE A CD1 1 
ATOM   238  N N   . GLY A 1 28  ? -4.703  13.095  1.816   1.00 13.18  ? 28  GLY A N   1 
ATOM   239  C CA  . GLY A 1 28  ? -3.379  13.134  1.194   1.00 13.74  ? 28  GLY A CA  1 
ATOM   240  C C   . GLY A 1 28  ? -3.220  12.048  0.154   1.00 14.01  ? 28  GLY A C   1 
ATOM   241  O O   . GLY A 1 28  ? -4.075  11.900  -0.736  1.00 14.69  ? 28  GLY A O   1 
ATOM   242  N N   . ILE A 1 29  ? -2.112  11.313  0.257   1.00 13.32  ? 29  ILE A N   1 
ATOM   243  C CA  . ILE A 1 29  ? -1.811  10.205  -0.648  1.00 14.14  ? 29  ILE A CA  1 
ATOM   244  C C   . ILE A 1 29  ? -2.052  8.898   0.131   1.00 13.47  ? 29  ILE A C   1 
ATOM   245  O O   . ILE A 1 29  ? -1.123  8.253   0.616   1.00 13.40  ? 29  ILE A O   1 
ATOM   246  C CB  . ILE A 1 29  ? -0.362  10.319  -1.193  1.00 13.67  ? 29  ILE A CB  1 
ATOM   247  C CG1 . ILE A 1 29  ? -0.113  11.707  -1.824  1.00 14.79  ? 29  ILE A CG1 1 
ATOM   248  C CG2 . ILE A 1 29  ? -0.070  9.178   -2.177  1.00 13.71  ? 29  ILE A CG2 1 
ATOM   249  C CD1 . ILE A 1 29  ? 1.354   12.056  -2.050  1.00 16.51  ? 29  ILE A CD1 1 
ATOM   250  N N   . GLY A 1 30  ? -3.325  8.570   0.342   1.00 13.44  ? 30  GLY A N   1 
ATOM   251  C CA  . GLY A 1 30  ? -3.684  7.334   1.030   1.00 13.44  ? 30  GLY A CA  1 
ATOM   252  C C   . GLY A 1 30  ? -3.291  7.258   2.497   1.00 13.58  ? 30  GLY A C   1 
ATOM   253  O O   . GLY A 1 30  ? -2.999  6.171   3.022   1.00 14.06  ? 30  GLY A O   1 
ATOM   254  N N   . HIS A 1 31  ? -3.282  8.415   3.169   1.00 12.92  ? 31  HIS A N   1 
ATOM   255  C CA  . HIS A 1 31  ? -3.049  8.421   4.608   1.00 13.48  ? 31  HIS A CA  1 
ATOM   256  C C   . HIS A 1 31  ? -4.348  8.109   5.364   1.00 13.28  ? 31  HIS A C   1 
ATOM   257  O O   . HIS A 1 31  ? -5.210  8.985   5.536   1.00 13.99  ? 31  HIS A O   1 
ATOM   258  C CB  . HIS A 1 31  ? -2.481  9.753   5.109   1.00 12.47  ? 31  HIS A CB  1 
ATOM   259  C CG  . HIS A 1 31  ? -2.168  9.722   6.574   1.00 13.71  ? 31  HIS A CG  1 
ATOM   260  N ND1 . HIS A 1 31  ? -1.018  9.150   7.075   1.00 13.88  ? 31  HIS A ND1 1 
ATOM   261  C CD2 . HIS A 1 31  ? -2.890  10.121  7.652   1.00 13.73  ? 31  HIS A CD2 1 
ATOM   262  C CE1 . HIS A 1 31  ? -1.033  9.217   8.396   1.00 15.66  ? 31  HIS A CE1 1 
ATOM   263  N NE2 . HIS A 1 31  ? -2.158  9.801   8.774   1.00 14.47  ? 31  HIS A NE2 1 
ATOM   264  N N   . LEU A 1 32  ? -4.471  6.865   5.831   1.00 13.91  ? 32  LEU A N   1 
ATOM   265  C CA  . LEU A 1 32  ? -5.621  6.470   6.625   1.00 14.73  ? 32  LEU A CA  1 
ATOM   266  C C   . LEU A 1 32  ? -5.641  7.227   7.946   1.00 14.91  ? 32  LEU A C   1 
ATOM   267  O O   . LEU A 1 32  ? -4.640  7.230   8.680   1.00 14.98  ? 32  LEU A O   1 
ATOM   268  C CB  . LEU A 1 32  ? -5.597  4.960   6.872   1.00 15.46  ? 32  LEU A CB  1 
ATOM   269  C CG  . LEU A 1 32  ? -6.706  4.401   7.754   1.00 17.66  ? 32  LEU A CG  1 
ATOM   270  C CD1 . LEU A 1 32  ? -8.047  4.526   7.048   1.00 19.88  ? 32  LEU A CD1 1 
ATOM   271  C CD2 . LEU A 1 32  ? -6.424  2.943   8.075   1.00 20.58  ? 32  LEU A CD2 1 
ATOM   272  N N   . LEU A 1 33  ? -6.773  7.861   8.252   1.00 15.06  ? 33  LEU A N   1 
ATOM   273  C CA  . LEU A 1 33  ? -6.914  8.597   9.515   1.00 15.94  ? 33  LEU A CA  1 
ATOM   274  C C   . LEU A 1 33  ? -7.529  7.716   10.593  1.00 16.95  ? 33  LEU A C   1 
ATOM   275  O O   . LEU A 1 33  ? -7.059  7.704   11.726  1.00 18.18  ? 33  LEU A O   1 
ATOM   276  C CB  . LEU A 1 33  ? -7.779  9.841   9.318   1.00 14.72  ? 33  LEU A CB  1 
ATOM   277  C CG  . LEU A 1 33  ? -7.113  10.946  8.491   1.00 13.78  ? 33  LEU A CG  1 
ATOM   278  C CD1 . LEU A 1 33  ? -8.171  11.962  8.043   1.00 14.11  ? 33  LEU A CD1 1 
ATOM   279  C CD2 . LEU A 1 33  ? -5.983  11.624  9.241   1.00 13.63  ? 33  LEU A CD2 1 
ATOM   280  N N   . THR A 1 34  ? -8.575  6.981   10.226  1.00 17.99  ? 34  THR A N   1 
ATOM   281  C CA  . THR A 1 34  ? -9.268  6.099   11.173  1.00 19.22  ? 34  THR A CA  1 
ATOM   282  C C   . THR A 1 34  ? -10.280 5.237   10.443  1.00 20.24  ? 34  THR A C   1 
ATOM   283  O O   . THR A 1 34  ? -10.771 5.619   9.378   1.00 19.77  ? 34  THR A O   1 
ATOM   284  C CB  . THR A 1 34  ? -10.001 6.907   12.278  1.00 19.55  ? 34  THR A CB  1 
ATOM   285  O OG1 . THR A 1 34  ? -10.619 6.003   13.212  1.00 20.37  ? 34  THR A OG1 1 
ATOM   286  C CG2 . THR A 1 34  ? -11.062 7.830   11.683  1.00 18.99  ? 34  THR A CG2 1 
ATOM   287  N N   . LYS A 1 35  ? -10.610 4.086   11.030  1.00 21.95  ? 35  LYS A N   1 
ATOM   288  C CA  . LYS A 1 35  ? -11.704 3.260   10.522  1.00 23.91  ? 35  LYS A CA  1 
ATOM   289  C C   . LYS A 1 35  ? -13.038 3.606   11.198  1.00 24.21  ? 35  LYS A C   1 
ATOM   290  O O   . LYS A 1 35  ? -14.088 3.066   10.832  1.00 25.09  ? 35  LYS A O   1 
ATOM   291  C CB  . LYS A 1 35  ? -11.374 1.765   10.650  1.00 24.10  ? 35  LYS A CB  1 
ATOM   292  C CG  . LYS A 1 35  ? -10.160 1.347   9.824   1.00 24.29  ? 35  LYS A CG  1 
ATOM   293  C CD  . LYS A 1 35  ? -9.990  -0.169  9.769   1.00 25.54  ? 35  LYS A CD  1 
ATOM   294  C CE  . LYS A 1 35  ? -8.705  -0.527  9.049   1.00 27.90  ? 35  LYS A CE  1 
ATOM   295  N NZ  . LYS A 1 35  ? -8.556  -2.005  8.879   1.00 29.50  ? 35  LYS A NZ  1 
ATOM   296  N N   . SER A 1 36  ? -12.993 4.516   12.170  1.00 24.69  ? 36  SER A N   1 
ATOM   297  C CA  . SER A 1 36  ? -14.193 5.013   12.853  1.00 25.22  ? 36  SER A CA  1 
ATOM   298  C C   . SER A 1 36  ? -15.080 5.797   11.893  1.00 24.78  ? 36  SER A C   1 
ATOM   299  O O   . SER A 1 36  ? -14.575 6.617   11.130  1.00 24.31  ? 36  SER A O   1 
ATOM   300  C CB  . SER A 1 36  ? -13.809 5.921   14.022  1.00 25.65  ? 36  SER A CB  1 
ATOM   301  O OG  . SER A 1 36  ? -14.924 6.683   14.470  1.00 27.48  ? 36  SER A OG  1 
ATOM   302  N N   . PRO A 1 37  ? -16.406 5.556   11.928  1.00 25.24  ? 37  PRO A N   1 
ATOM   303  C CA  . PRO A 1 37  ? -17.318 6.365   11.108  1.00 25.09  ? 37  PRO A CA  1 
ATOM   304  C C   . PRO A 1 37  ? -17.545 7.796   11.649  1.00 24.95  ? 37  PRO A C   1 
ATOM   305  O O   . PRO A 1 37  ? -18.303 8.568   11.059  1.00 25.02  ? 37  PRO A O   1 
ATOM   306  C CB  . PRO A 1 37  ? -18.623 5.550   11.126  1.00 25.77  ? 37  PRO A CB  1 
ATOM   307  C CG  . PRO A 1 37  ? -18.587 4.840   12.444  1.00 25.84  ? 37  PRO A CG  1 
ATOM   308  C CD  . PRO A 1 37  ? -17.125 4.523   12.703  1.00 25.48  ? 37  PRO A CD  1 
ATOM   309  N N   . ASP A 1 38  ? -16.871 8.158   12.739  1.00 24.70  ? 38  ASP A N   1 
ATOM   310  C CA  . ASP A 1 38  ? -17.007 9.497   13.322  1.00 24.12  ? 38  ASP A CA  1 
ATOM   311  C C   . ASP A 1 38  ? -16.054 10.483  12.640  1.00 23.01  ? 38  ASP A C   1 
ATOM   312  O O   . ASP A 1 38  ? -14.832 10.387  12.803  1.00 22.95  ? 38  ASP A O   1 
ATOM   313  C CB  . ASP A 1 38  ? -16.735 9.444   14.836  1.00 24.94  ? 38  ASP A CB  1 
ATOM   314  C CG  . ASP A 1 38  ? -17.051 10.753  15.548  1.00 27.90  ? 38  ASP A CG  1 
ATOM   315  O OD1 . ASP A 1 38  ? -17.068 11.827  14.913  1.00 30.89  ? 38  ASP A OD1 1 
ATOM   316  O OD2 . ASP A 1 38  ? -17.302 10.705  16.774  1.00 32.88  ? 38  ASP A OD2 1 
ATOM   317  N N   . LEU A 1 39  ? -16.612 11.415  11.868  1.00 21.45  ? 39  LEU A N   1 
ATOM   318  C CA  . LEU A 1 39  ? -15.807 12.433  11.174  1.00 20.43  ? 39  LEU A CA  1 
ATOM   319  C C   . LEU A 1 39  ? -14.982 13.261  12.153  1.00 19.69  ? 39  LEU A C   1 
ATOM   320  O O   . LEU A 1 39  ? -13.848 13.635  11.852  1.00 18.82  ? 39  LEU A O   1 
ATOM   321  C CB  . LEU A 1 39  ? -16.666 13.343  10.279  1.00 20.43  ? 39  LEU A CB  1 
ATOM   322  C CG  . LEU A 1 39  ? -15.947 14.434  9.464   1.00 20.64  ? 39  LEU A CG  1 
ATOM   323  C CD1 . LEU A 1 39  ? -14.881 13.849  8.527   1.00 19.79  ? 39  LEU A CD1 1 
ATOM   324  C CD2 . LEU A 1 39  ? -16.933 15.279  8.683   1.00 20.93  ? 39  LEU A CD2 1 
ATOM   325  N N   . ASN A 1 40  ? -15.543 13.546  13.326  1.00 19.26  ? 40  ASN A N   1 
ATOM   326  C CA  . ASN A 1 40  ? -14.807 14.324  14.326  1.00 19.02  ? 40  ASN A CA  1 
ATOM   327  C C   . ASN A 1 40  ? -13.555 13.591  14.816  1.00 18.32  ? 40  ASN A C   1 
ATOM   328  O O   . ASN A 1 40  ? -12.514 14.218  15.057  1.00 17.82  ? 40  ASN A O   1 
ATOM   329  C CB  . ASN A 1 40  ? -15.715 14.709  15.503  1.00 19.93  ? 40  ASN A CB  1 
ATOM   330  C CG  . ASN A 1 40  ? -16.729 15.779  15.132  1.00 22.49  ? 40  ASN A CG  1 
ATOM   331  O OD1 . ASN A 1 40  ? -16.439 16.696  14.354  1.00 24.85  ? 40  ASN A OD1 1 
ATOM   332  N ND2 . ASN A 1 40  ? -17.934 15.676  15.704  1.00 25.37  ? 40  ASN A ND2 1 
ATOM   333  N N   . ALA A 1 41  ? -13.656 12.272  14.966  1.00 17.63  ? 41  ALA A N   1 
ATOM   334  C CA  . ALA A 1 41  ? -12.501 11.448  15.347  1.00 16.76  ? 41  ALA A CA  1 
ATOM   335  C C   . ALA A 1 41  ? -11.424 11.514  14.277  1.00 16.55  ? 41  ALA A C   1 
ATOM   336  O O   . ALA A 1 41  ? -10.231 11.600  14.598  1.00 16.05  ? 41  ALA A O   1 
ATOM   337  C CB  . ALA A 1 41  ? -12.916 10.014  15.587  1.00 17.15  ? 41  ALA A CB  1 
ATOM   338  N N   . ALA A 1 42  ? -11.856 11.470  13.014  1.00 16.40  ? 42  ALA A N   1 
ATOM   339  C CA  . ALA A 1 42  ? -10.953 11.609  11.865  1.00 16.12  ? 42  ALA A CA  1 
ATOM   340  C C   . ALA A 1 42  ? -10.237 12.959  11.854  1.00 16.11  ? 42  ALA A C   1 
ATOM   341  O O   . ALA A 1 42  ? -9.013  13.017  11.640  1.00 16.10  ? 42  ALA A O   1 
ATOM   342  C CB  . ALA A 1 42  ? -11.723 11.387  10.548  1.00 16.09  ? 42  ALA A CB  1 
ATOM   343  N N   . LYS A 1 43  ? -10.980 14.035  12.111  1.00 15.81  ? 43  LYS A N   1 
ATOM   344  C CA  . LYS A 1 43  ? -10.397 15.383  12.143  1.00 16.04  ? 43  LYS A CA  1 
ATOM   345  C C   . LYS A 1 43  ? -9.379  15.512  13.274  1.00 15.74  ? 43  LYS A C   1 
ATOM   346  O O   . LYS A 1 43  ? -8.341  16.162  13.118  1.00 16.42  ? 43  LYS A O   1 
ATOM   347  C CB  . LYS A 1 43  ? -11.490 16.453  12.288  1.00 16.78  ? 43  LYS A CB  1 
ATOM   348  C CG  . LYS A 1 43  ? -12.279 16.688  11.002  1.00 17.85  ? 43  LYS A CG  1 
ATOM   349  C CD  . LYS A 1 43  ? -13.552 17.476  11.271  1.00 21.00  ? 43  LYS A CD  1 
ATOM   350  C CE  . LYS A 1 43  ? -14.040 18.113  9.993   1.00 24.03  ? 43  LYS A CE  1 
ATOM   351  N NZ  . LYS A 1 43  ? -15.401 18.699  10.143  0.50 23.95  ? 43  LYS A NZ  1 
ATOM   352  N N   . SER A 1 44  ? -9.668  14.868  14.406  1.00 15.32  ? 44  SER A N   1 
ATOM   353  C CA  . SER A 1 44  ? -8.735  14.880  15.538  1.00 15.18  ? 44  SER A CA  1 
ATOM   354  C C   . SER A 1 44  ? -7.447  14.126  15.171  1.00 14.77  ? 44  SER A C   1 
ATOM   355  O O   . SER A 1 44  ? -6.340  14.610  15.458  1.00 14.68  ? 44  SER A O   1 
ATOM   356  C CB  . SER A 1 44  ? -9.403  14.273  16.783  1.00 16.07  ? 44  SER A CB  1 
ATOM   357  O OG  . SER A 1 44  ? -8.577  14.394  17.917  1.00 17.81  ? 44  SER A OG  1 
ATOM   358  N N   . GLU A 1 45  ? -7.581  12.966  14.522  1.00 14.19  ? 45  GLU A N   1 
ATOM   359  C CA  . GLU A 1 45  ? -6.402  12.214  14.061  1.00 13.46  ? 45  GLU A CA  1 
ATOM   360  C C   . GLU A 1 45  ? -5.556  13.057  13.110  1.00 13.80  ? 45  GLU A C   1 
ATOM   361  O O   . GLU A 1 45  ? -4.315  13.019  13.159  1.00 14.32  ? 45  GLU A O   1 
ATOM   362  C CB  . GLU A 1 45  ? -6.799  10.893  13.378  1.00 13.25  ? 45  GLU A CB  1 
ATOM   363  C CG  . GLU A 1 45  ? -7.310  9.812   14.342  1.00 14.32  ? 45  GLU A CG  1 
ATOM   364  C CD  . GLU A 1 45  ? -6.293  9.409   15.402  1.00 15.53  ? 45  GLU A CD  1 
ATOM   365  O OE1 . GLU A 1 45  ? -5.118  9.144   15.069  1.00 15.29  ? 45  GLU A OE1 1 
ATOM   366  O OE2 . GLU A 1 45  ? -6.685  9.325   16.582  1.00 18.26  ? 45  GLU A OE2 1 
ATOM   367  N N   . LEU A 1 46  ? -6.232  13.794  12.228  1.00 13.28  ? 46  LEU A N   1 
ATOM   368  C CA  . LEU A 1 46  ? -5.546  14.655  11.264  1.00 13.03  ? 46  LEU A CA  1 
ATOM   369  C C   . LEU A 1 46  ? -4.744  15.728  11.986  1.00 13.53  ? 46  LEU A C   1 
ATOM   370  O O   . LEU A 1 46  ? -3.566  15.912  11.710  1.00 14.39  ? 46  LEU A O   1 
ATOM   371  C CB  . LEU A 1 46  ? -6.549  15.292  10.298  1.00 12.84  ? 46  LEU A CB  1 
ATOM   372  C CG  . LEU A 1 46  ? -5.914  16.257  9.291   1.00 12.79  ? 46  LEU A CG  1 
ATOM   373  C CD1 . LEU A 1 46  ? -4.869  15.526  8.448   1.00 13.40  ? 46  LEU A CD1 1 
ATOM   374  C CD2 . LEU A 1 46  ? -6.964  16.900  8.411   1.00 13.68  ? 46  LEU A CD2 1 
ATOM   375  N N   . ASP A 1 47  ? -5.377  16.414  12.933  1.00 13.95  ? 47  ASP A N   1 
ATOM   376  C CA  . ASP A 1 47  ? -4.685  17.443  13.708  1.00 14.24  ? 47  ASP A CA  1 
ATOM   377  C C   . ASP A 1 47  ? -3.492  16.883  14.480  1.00 13.92  ? 47  ASP A C   1 
ATOM   378  O O   . ASP A 1 47  ? -2.447  17.527  14.576  1.00 15.01  ? 47  ASP A O   1 
ATOM   379  C CB  . ASP A 1 47  ? -5.652  18.113  14.675  1.00 15.41  ? 47  ASP A CB  1 
ATOM   380  C CG  . ASP A 1 47  ? -6.744  18.874  13.959  1.00 15.75  ? 47  ASP A CG  1 
ATOM   381  O OD1 . ASP A 1 47  ? -6.643  19.069  12.728  1.00 16.60  ? 47  ASP A OD1 1 
ATOM   382  O OD2 . ASP A 1 47  ? -7.698  19.306  14.645  1.00 18.00  ? 47  ASP A OD2 1 
ATOM   383  N N   . LYS A 1 48  ? -3.676  15.699  15.056  1.00 14.12  ? 48  LYS A N   1 
ATOM   384  C CA  . LYS A 1 48  ? -2.602  15.005  15.760  1.00 13.45  ? 48  LYS A CA  1 
ATOM   385  C C   . LYS A 1 48  ? -1.430  14.719  14.809  1.00 13.42  ? 48  LYS A C   1 
ATOM   386  O O   . LYS A 1 48  ? -0.264  14.907  15.162  1.00 14.13  ? 48  LYS A O   1 
ATOM   387  C CB  . LYS A 1 48  ? -3.142  13.705  16.358  1.00 13.70  ? 48  LYS A CB  1 
ATOM   388  C CG  . LYS A 1 48  ? -2.163  12.945  17.243  1.00 13.63  ? 48  LYS A CG  1 
ATOM   389  C CD  . LYS A 1 48  ? -2.887  12.019  18.231  1.00 13.96  ? 48  LYS A CD  1 
ATOM   390  C CE  . LYS A 1 48  ? -3.838  11.030  17.550  1.00 15.35  ? 48  LYS A CE  1 
ATOM   391  N NZ  . LYS A 1 48  ? -3.127  9.907   16.902  1.00 13.39  ? 48  LYS A NZ  1 
ATOM   392  N N   . ALA A 1 49  ? -1.757  14.283  13.600  1.00 13.14  ? 49  ALA A N   1 
ATOM   393  C CA  . ALA A 1 49  ? -0.739  13.865  12.632  1.00 13.70  ? 49  ALA A CA  1 
ATOM   394  C C   . ALA A 1 49  ? 0.054   15.038  12.077  1.00 14.15  ? 49  ALA A C   1 
ATOM   395  O O   . ALA A 1 49  ? 1.263   14.920  11.808  1.00 14.18  ? 49  ALA A O   1 
ATOM   396  C CB  . ALA A 1 49  ? -1.417  13.095  11.492  1.00 13.95  ? 49  ALA A CB  1 
ATOM   397  N N   . ILE A 1 50  ? -0.619  16.169  11.902  1.00 14.18  ? 50  ILE A N   1 
ATOM   398  C CA  . ILE A 1 50  ? -0.008  17.349  11.272  1.00 14.71  ? 50  ILE A CA  1 
ATOM   399  C C   . ILE A 1 50  ? 0.599   18.296  12.305  1.00 15.42  ? 50  ILE A C   1 
ATOM   400  O O   . ILE A 1 50  ? 1.571   19.000  12.010  1.00 16.99  ? 50  ILE A O   1 
ATOM   401  C CB  . ILE A 1 50  ? -1.039  18.099  10.390  1.00 14.57  ? 50  ILE A CB  1 
ATOM   402  C CG1 . ILE A 1 50  ? -1.567  17.180  9.292   1.00 16.30  ? 50  ILE A CG1 1 
ATOM   403  C CG2 . ILE A 1 50  ? -0.456  19.367  9.779   1.00 15.36  ? 50  ILE A CG2 1 
ATOM   404  C CD1 . ILE A 1 50  ? -0.538  16.806  8.220   1.00 15.93  ? 50  ILE A CD1 1 
ATOM   405  N N   . GLY A 1 51  ? 0.012   18.328  13.501  1.00 16.18  ? 51  GLY A N   1 
ATOM   406  C CA  . GLY A 1 51  ? 0.515   19.183  14.574  1.00 16.99  ? 51  GLY A CA  1 
ATOM   407  C C   . GLY A 1 51  ? -0.114  20.563  14.623  1.00 18.24  ? 51  GLY A C   1 
ATOM   408  O O   . GLY A 1 51  ? 0.434   21.486  15.228  1.00 19.40  ? 51  GLY A O   1 
ATOM   409  N N   . ARG A 1 52  ? -1.270  20.716  13.987  1.00 17.31  ? 52  ARG A N   1 
ATOM   410  C CA  . ARG A 1 52  ? -1.994  21.985  13.988  1.00 18.74  ? 52  ARG A CA  1 
ATOM   411  C C   . ARG A 1 52  ? -3.484  21.718  13.795  1.00 18.70  ? 52  ARG A C   1 
ATOM   412  O O   . ARG A 1 52  ? -3.879  20.598  13.439  1.00 18.47  ? 52  ARG A O   1 
ATOM   413  C CB  . ARG A 1 52  ? -1.461  22.919  12.893  1.00 18.32  ? 52  ARG A CB  1 
ATOM   414  C CG  . ARG A 1 52  ? -1.720  22.424  11.458  1.00 19.48  ? 52  ARG A CG  1 
ATOM   415  C CD  . ARG A 1 52  ? -1.192  23.401  10.385  1.00 19.94  ? 52  ARG A CD  1 
ATOM   416  N NE  . ARG A 1 52  ? -1.545  22.924  9.045   1.00 22.08  ? 52  ARG A NE  1 
ATOM   417  C CZ  . ARG A 1 52  ? -2.711  23.155  8.441   1.00 21.57  ? 52  ARG A CZ  1 
ATOM   418  N NH1 . ARG A 1 52  ? -3.651  23.891  9.039   1.00 21.85  ? 52  ARG A NH1 1 
ATOM   419  N NH2 . ARG A 1 52  ? -2.948  22.649  7.235   1.00 20.91  ? 52  ARG A NH2 1 
ATOM   420  N N   . ASN A 1 53  ? -4.312  22.733  14.056  1.00 18.73  ? 53  ASN A N   1 
ATOM   421  C CA  . ASN A 1 53  ? -5.743  22.647  13.759  1.00 19.17  ? 53  ASN A CA  1 
ATOM   422  C C   . ASN A 1 53  ? -5.952  22.779  12.252  1.00 18.82  ? 53  ASN A C   1 
ATOM   423  O O   . ASN A 1 53  ? -5.838  23.878  11.704  1.00 18.78  ? 53  ASN A O   1 
ATOM   424  C CB  . ASN A 1 53  ? -6.504  23.788  14.452  1.00 19.87  ? 53  ASN A CB  1 
ATOM   425  C CG  . ASN A 1 53  ? -6.750  23.538  15.926  0.50 21.18  ? 53  ASN A CG  1 
ATOM   426  O OD1 . ASN A 1 53  ? -6.018  22.807  16.588  0.50 24.26  ? 53  ASN A OD1 1 
ATOM   427  N ND2 . ASN A 1 53  ? -7.795  24.164  16.451  0.50 24.21  ? 53  ASN A ND2 1 
ATOM   428  N N   . CYS A 1 54  ? -6.264  21.671  11.583  1.00 18.12  ? 54  CYS A N   1 
ATOM   429  C CA  . CYS A 1 54  ? -6.358  21.668  10.116  1.00 18.44  ? 54  CYS A CA  1 
ATOM   430  C C   . CYS A 1 54  ? -7.765  21.863  9.597   1.00 17.97  ? 54  CYS A C   1 
ATOM   431  O O   . CYS A 1 54  ? -7.948  22.171  8.417   1.00 18.50  ? 54  CYS A O   1 
ATOM   432  C CB  . CYS A 1 54  ? -5.814  20.362  9.519   1.00 18.06  ? 54  CYS A CB  1 
ATOM   433  S SG  . CYS A 1 54  ? -4.093  20.014  9.917   1.00 19.05  ? 54  CYS A SG  1 
ATOM   434  N N   . ASN A 1 55  ? -8.754  21.659  10.470  1.00 17.91  ? 55  ASN A N   1 
ATOM   435  C CA  . ASN A 1 55  ? -10.157 21.699  10.062  1.00 18.09  ? 55  ASN A CA  1 
ATOM   436  C C   . ASN A 1 55  ? -10.405 20.911  8.764   1.00 18.16  ? 55  ASN A C   1 
ATOM   437  O O   . ASN A 1 55  ? -11.088 21.378  7.835   1.00 18.99  ? 55  ASN A O   1 
ATOM   438  C CB  . ASN A 1 55  ? -10.636 23.151  9.981   1.00 18.80  ? 55  ASN A CB  1 
ATOM   439  C CG  . ASN A 1 55  ? -10.711 23.796  11.358  0.50 16.77  ? 55  ASN A CG  1 
ATOM   440  O OD1 . ASN A 1 55  ? -11.613 23.495  12.139  0.50 19.01  ? 55  ASN A OD1 1 
ATOM   441  N ND2 . ASN A 1 55  ? -9.747  24.650  11.672  0.50 17.19  ? 55  ASN A ND2 1 
ATOM   442  N N   . GLY A 1 56  ? -9.829  19.710  8.715   1.00 17.86  ? 56  GLY A N   1 
ATOM   443  C CA  . GLY A 1 56  ? -10.064 18.767  7.619   1.00 17.33  ? 56  GLY A CA  1 
ATOM   444  C C   . GLY A 1 56  ? -9.363  19.033  6.294   1.00 17.07  ? 56  GLY A C   1 
ATOM   445  O O   . GLY A 1 56  ? -9.678  18.390  5.301   1.00 16.54  ? 56  GLY A O   1 
ATOM   446  N N   . VAL A 1 57  ? -8.419  19.975  6.274   1.00 16.58  ? 57  VAL A N   1 
ATOM   447  C CA  . VAL A 1 57  ? -7.731  20.361  5.038   1.00 16.64  ? 57  VAL A CA  1 
ATOM   448  C C   . VAL A 1 57  ? -6.232  20.473  5.282   1.00 16.43  ? 57  VAL A C   1 
ATOM   449  O O   . VAL A 1 57  ? -5.809  21.065  6.262   1.00 16.11  ? 57  VAL A O   1 
ATOM   450  C CB  . VAL A 1 57  ? -8.268  21.717  4.477   1.00 16.91  ? 57  VAL A CB  1 
ATOM   451  C CG1 . VAL A 1 57  ? -7.466  22.161  3.245   1.00 18.43  ? 57  VAL A CG1 1 
ATOM   452  C CG2 . VAL A 1 57  ? -9.748  21.601  4.145   1.00 18.93  ? 57  VAL A CG2 1 
ATOM   453  N N   . ILE A 1 58  ? -5.438  19.918  4.368   1.00 15.79  ? 58  ILE A N   1 
ATOM   454  C CA  . ILE A 1 58  ? -3.985  20.067  4.424   1.00 15.87  ? 58  ILE A CA  1 
ATOM   455  C C   . ILE A 1 58  ? -3.401  20.583  3.108   1.00 15.74  ? 58  ILE A C   1 
ATOM   456  O O   . ILE A 1 58  ? -4.101  20.707  2.100   1.00 15.69  ? 58  ILE A O   1 
ATOM   457  C CB  . ILE A 1 58  ? -3.264  18.754  4.824   1.00 15.58  ? 58  ILE A CB  1 
ATOM   458  C CG1 . ILE A 1 58  ? -3.487  17.662  3.765   1.00 15.25  ? 58  ILE A CG1 1 
ATOM   459  C CG2 . ILE A 1 58  ? -3.687  18.328  6.245   1.00 16.05  ? 58  ILE A CG2 1 
ATOM   460  C CD1 . ILE A 1 58  ? -2.698  16.353  4.012   1.00 15.16  ? 58  ILE A CD1 1 
ATOM   461  N N   . THR A 1 59  ? -2.104  20.893  3.131   1.00 15.77  ? 59  THR A N   1 
ATOM   462  C CA  . THR A 1 59  ? -1.408  21.350  1.929   1.00 16.51  ? 59  THR A CA  1 
ATOM   463  C C   . THR A 1 59  ? -0.701  20.174  1.240   1.00 16.45  ? 59  THR A C   1 
ATOM   464  O O   . THR A 1 59  ? -0.566  19.084  1.822   1.00 16.43  ? 59  THR A O   1 
ATOM   465  C CB  . THR A 1 59  ? -0.371  22.417  2.300   1.00 16.57  ? 59  THR A CB  1 
ATOM   466  O OG1 . THR A 1 59  ? 0.685   21.793  3.043   1.00 17.35  ? 59  THR A OG1 1 
ATOM   467  C CG2 . THR A 1 59  ? -1.010  23.521  3.167   1.00 17.30  ? 59  THR A CG2 1 
ATOM   468  N N   . LYS A 1 60  ? -0.238  20.400  0.007   1.00 16.86  ? 60  LYS A N   1 
ATOM   469  C CA  . LYS A 1 60  ? 0.461   19.379  -0.755  1.00 16.37  ? 60  LYS A CA  1 
ATOM   470  C C   . LYS A 1 60  ? 1.730   18.960  -0.015  1.00 16.05  ? 60  LYS A C   1 
ATOM   471  O O   . LYS A 1 60  ? 2.033   17.758  0.101   1.00 16.11  ? 60  LYS A O   1 
ATOM   472  C CB  . LYS A 1 60  ? 0.797   19.891  -2.160  1.00 16.67  ? 60  LYS A CB  1 
ATOM   473  C CG  . LYS A 1 60  ? 1.320   18.789  -3.055  1.00 17.90  ? 60  LYS A CG  1 
ATOM   474  C CD  . LYS A 1 60  ? 1.601   19.269  -4.460  1.00 19.16  ? 60  LYS A CD  1 
ATOM   475  C CE  . LYS A 1 60  ? 2.016   18.091  -5.338  1.00 21.75  ? 60  LYS A CE  1 
ATOM   476  N NZ  . LYS A 1 60  ? 2.304   18.495  -6.745  0.50 22.89  ? 60  LYS A NZ  1 
ATOM   477  N N   . ASP A 1 61  ? 2.457   19.945  0.509   1.00 15.78  ? 61  ASP A N   1 
ATOM   478  C CA  . ASP A 1 61  ? 3.686   19.636  1.234   1.00 16.08  ? 61  ASP A CA  1 
ATOM   479  C C   . ASP A 1 61  ? 3.353   18.771  2.445   1.00 15.06  ? 61  ASP A C   1 
ATOM   480  O O   . ASP A 1 61  ? 4.083   17.831  2.764   1.00 15.72  ? 61  ASP A O   1 
ATOM   481  C CB  . ASP A 1 61  ? 4.408   20.901  1.700   1.00 16.77  ? 61  ASP A CB  1 
ATOM   482  C CG  . ASP A 1 61  ? 5.038   21.688  0.563   1.00 20.48  ? 61  ASP A CG  1 
ATOM   483  O OD1 . ASP A 1 61  ? 5.590   22.767  0.855   1.00 25.56  ? 61  ASP A OD1 1 
ATOM   484  O OD2 . ASP A 1 61  ? 4.990   21.246  -0.601  1.00 23.38  ? 61  ASP A OD2 1 
ATOM   485  N N   . GLU A 1 62  ? 2.261   19.097  3.141   1.00 13.86  ? 62  GLU A N   1 
ATOM   486  C CA  . GLU A 1 62  ? 1.876   18.286  4.302   1.00 13.56  ? 62  GLU A CA  1 
ATOM   487  C C   . GLU A 1 62  ? 1.486   16.878  3.886   1.00 13.54  ? 62  GLU A C   1 
ATOM   488  O O   . GLU A 1 62  ? 1.818   15.917  4.567   1.00 13.25  ? 62  GLU A O   1 
ATOM   489  C CB  . GLU A 1 62  ? 0.745   18.932  5.093   1.00 13.61  ? 62  GLU A CB  1 
ATOM   490  C CG  . GLU A 1 62  ? 1.203   20.162  5.859   1.00 14.15  ? 62  GLU A CG  1 
ATOM   491  C CD  . GLU A 1 62  ? 0.081   21.017  6.407   1.00 17.26  ? 62  GLU A CD  1 
ATOM   492  O OE1 . GLU A 1 62  ? -1.075  20.935  5.922   1.00 16.92  ? 62  GLU A OE1 1 
ATOM   493  O OE2 . GLU A 1 62  ? 0.384   21.812  7.328   1.00 17.77  ? 62  GLU A OE2 1 
ATOM   494  N N   . ALA A 1 63  ? 0.770   16.760  2.764   1.00 13.36  ? 63  ALA A N   1 
ATOM   495  C CA  . ALA A 1 63  ? 0.391   15.441  2.247   1.00 13.22  ? 63  ALA A CA  1 
ATOM   496  C C   . ALA A 1 63  ? 1.631   14.605  1.926   1.00 13.43  ? 63  ALA A C   1 
ATOM   497  O O   . ALA A 1 63  ? 1.697   13.405  2.243   1.00 13.46  ? 63  ALA A O   1 
ATOM   498  C CB  . ALA A 1 63  ? -0.470  15.593  1.005   1.00 13.60  ? 63  ALA A CB  1 
ATOM   499  N N   . GLU A 1 64  ? 2.617   15.256  1.317   1.00 13.20  ? 64  GLU A N   1 
ATOM   500  C CA  . GLU A 1 64  ? 3.829   14.568  0.920   1.00 12.98  ? 64  GLU A CA  1 
ATOM   501  C C   . GLU A 1 64  ? 4.641   14.158  2.141   1.00 13.23  ? 64  GLU A C   1 
ATOM   502  O O   . GLU A 1 64  ? 5.278   13.106  2.137   1.00 13.92  ? 64  GLU A O   1 
ATOM   503  C CB  . GLU A 1 64  ? 4.644   15.413  -0.059  1.00 13.17  ? 64  GLU A CB  1 
ATOM   504  C CG  . GLU A 1 64  ? 3.960   15.488  -1.424  1.00 14.16  ? 64  GLU A CG  1 
ATOM   505  C CD  . GLU A 1 64  ? 4.588   16.487  -2.385  1.00 17.50  ? 64  GLU A CD  1 
ATOM   506  O OE1 . GLU A 1 64  ? 5.361   17.369  -1.953  1.00 17.42  ? 64  GLU A OE1 1 
ATOM   507  O OE2 . GLU A 1 64  ? 4.272   16.382  -3.581  1.00 19.43  ? 64  GLU A OE2 1 
ATOM   508  N N   . LYS A 1 65  ? 4.580   14.981  3.193   1.00 12.50  ? 65  LYS A N   1 
ATOM   509  C CA  . LYS A 1 65  ? 5.288   14.662  4.429   1.00 13.52  ? 65  LYS A CA  1 
ATOM   510  C C   . LYS A 1 65  ? 4.704   13.408  5.080   1.00 13.71  ? 65  LYS A C   1 
ATOM   511  O O   . LYS A 1 65  ? 5.441   12.507  5.468   1.00 13.65  ? 65  LYS A O   1 
ATOM   512  C CB  . LYS A 1 65  ? 5.262   15.852  5.397   1.00 13.96  ? 65  LYS A CB  1 
ATOM   513  C CG  . LYS A 1 65  ? 6.039   15.586  6.672   1.00 15.13  ? 65  LYS A CG  1 
ATOM   514  C CD  . LYS A 1 65  ? 6.134   16.814  7.544   1.00 18.46  ? 65  LYS A CD  1 
ATOM   515  C CE  . LYS A 1 65  ? 6.928   16.461  8.794   1.00 23.25  ? 65  LYS A CE  1 
ATOM   516  N NZ  . LYS A 1 65  ? 7.911   17.463  9.222   1.00 25.73  ? 65  LYS A NZ  1 
ATOM   517  N N   . LEU A 1 66  ? 3.372   13.339  5.189   1.00 13.71  ? 66  LEU A N   1 
ATOM   518  C CA  . LEU A 1 66  ? 2.729   12.114  5.701   1.00 13.26  ? 66  LEU A CA  1 
ATOM   519  C C   . LEU A 1 66  ? 3.073   10.908  4.835   1.00 12.99  ? 66  LEU A C   1 
ATOM   520  O O   . LEU A 1 66  ? 3.302   9.828   5.357   1.00 12.69  ? 66  LEU A O   1 
ATOM   521  C CB  . LEU A 1 66  ? 1.204   12.292  5.802   1.00 13.72  ? 66  LEU A CB  1 
ATOM   522  C CG  . LEU A 1 66  ? 0.703   13.336  6.827   1.00 14.43  ? 66  LEU A CG  1 
ATOM   523  C CD1 . LEU A 1 66  ? -0.814  13.287  6.890   1.00 18.78  ? 66  LEU A CD1 1 
ATOM   524  C CD2 . LEU A 1 66  ? 1.299   13.101  8.214   1.00 16.70  ? 66  LEU A CD2 1 
ATOM   525  N N   . PHE A 1 67  ? 3.109   11.104  3.517   1.00 13.10  ? 67  PHE A N   1 
ATOM   526  C CA  . PHE A 1 67  ? 3.389   10.025  2.557   1.00 13.80  ? 67  PHE A CA  1 
ATOM   527  C C   . PHE A 1 67  ? 4.773   9.443   2.815   1.00 13.63  ? 67  PHE A C   1 
ATOM   528  O O   . PHE A 1 67  ? 4.923   8.229   2.913   1.00 13.99  ? 67  PHE A O   1 
ATOM   529  C CB  . PHE A 1 67  ? 3.260   10.566  1.131   1.00 13.88  ? 67  PHE A CB  1 
ATOM   530  C CG  . PHE A 1 67  ? 3.371   9.532   0.041   1.00 14.88  ? 67  PHE A CG  1 
ATOM   531  C CD1 . PHE A 1 67  ? 2.826   8.253   0.188   1.00 14.31  ? 67  PHE A CD1 1 
ATOM   532  C CD2 . PHE A 1 67  ? 3.937   9.896   -1.197  1.00 16.75  ? 67  PHE A CD2 1 
ATOM   533  C CE1 . PHE A 1 67  ? 2.905   7.318   -0.866  1.00 16.95  ? 67  PHE A CE1 1 
ATOM   534  C CE2 . PHE A 1 67  ? 4.010   8.981   -2.260  1.00 16.36  ? 67  PHE A CE2 1 
ATOM   535  C CZ  . PHE A 1 67  ? 3.500   7.689   -2.086  1.00 16.18  ? 67  PHE A CZ  1 
ATOM   536  N N   . ASN A 1 68  ? 5.765   10.311  2.987   1.00 13.45  ? 68  ASN A N   1 
ATOM   537  C CA  . ASN A 1 68  ? 7.124   9.843   3.267   1.00 13.21  ? 68  ASN A CA  1 
ATOM   538  C C   . ASN A 1 68  ? 7.176   9.060   4.572   1.00 13.08  ? 68  ASN A C   1 
ATOM   539  O O   . ASN A 1 68  ? 7.800   8.005   4.660   1.00 13.62  ? 68  ASN A O   1 
ATOM   540  C CB  . ASN A 1 68  ? 8.101   11.010  3.304   1.00 13.42  ? 68  ASN A CB  1 
ATOM   541  C CG  . ASN A 1 68  ? 9.560   10.570  3.144   0.50 12.56  ? 68  ASN A CG  1 
ATOM   542  O OD1 . ASN A 1 68  ? 9.939   9.433   3.453   0.50 14.43  ? 68  ASN A OD1 1 
ATOM   543  N ND2 . ASN A 1 68  ? 10.381  11.482  2.651   0.50 11.37  ? 68  ASN A ND2 1 
ATOM   544  N N   . GLN A 1 69  ? 6.513   9.581   5.611   1.00 12.44  ? 69  GLN A N   1 
ATOM   545  C CA  . GLN A 1 69  ? 6.456   8.852   6.873   1.00 13.73  ? 69  GLN A CA  1 
ATOM   546  C C   . GLN A 1 69  ? 5.808   7.481   6.717   1.00 13.75  ? 69  GLN A C   1 
ATOM   547  O O   . GLN A 1 69  ? 6.291   6.502   7.276   1.00 14.83  ? 69  GLN A O   1 
ATOM   548  C CB  . GLN A 1 69  ? 5.712   9.674   7.932   1.00 12.60  ? 69  GLN A CB  1 
ATOM   549  C CG  . GLN A 1 69  ? 6.433   10.983  8.267   1.00 14.33  ? 69  GLN A CG  1 
ATOM   550  C CD  . GLN A 1 69  ? 5.767   11.841  9.330   1.00 15.30  ? 69  GLN A CD  1 
ATOM   551  O OE1 . GLN A 1 69  ? 6.416   12.747  9.874   1.00 15.07  ? 69  GLN A OE1 1 
ATOM   552  N NE2 . GLN A 1 69  ? 4.472   11.595  9.612   1.00 14.90  ? 69  GLN A NE2 1 
ATOM   553  N N   . ASP A 1 70  ? 4.701   7.433   5.974   1.00 14.49  ? 70  ASP A N   1 
ATOM   554  C CA  . ASP A 1 70  ? 3.910   6.206   5.786   1.00 14.55  ? 70  ASP A CA  1 
ATOM   555  C C   . ASP A 1 70  ? 4.666   5.133   5.009   1.00 15.06  ? 70  ASP A C   1 
ATOM   556  O O   . ASP A 1 70  ? 4.645   3.962   5.402   1.00 16.39  ? 70  ASP A O   1 
ATOM   557  C CB  . ASP A 1 70  ? 2.583   6.523   5.090   1.00 14.30  ? 70  ASP A CB  1 
ATOM   558  C CG  . ASP A 1 70  ? 1.623   7.320   5.973   1.00 13.95  ? 70  ASP A CG  1 
ATOM   559  O OD1 . ASP A 1 70  ? 1.879   7.454   7.188   1.00 14.91  ? 70  ASP A OD1 1 
ATOM   560  O OD2 . ASP A 1 70  ? 0.616   7.814   5.430   1.00 15.05  ? 70  ASP A OD2 1 
ATOM   561  N N   . VAL A 1 71  ? 5.313   5.531   3.910   1.00 15.16  ? 71  VAL A N   1 
ATOM   562  C CA  . VAL A 1 71  ? 6.134   4.597   3.108   1.00 15.28  ? 71  VAL A CA  1 
ATOM   563  C C   . VAL A 1 71  ? 7.288   4.046   3.945   1.00 14.70  ? 71  VAL A C   1 
ATOM   564  O O   . VAL A 1 71  ? 7.511   2.842   3.982   1.00 14.77  ? 71  VAL A O   1 
ATOM   565  C CB  . VAL A 1 71  ? 6.678   5.264   1.826   1.00 15.47  ? 71  VAL A CB  1 
ATOM   566  C CG1 . VAL A 1 71  ? 7.653   4.318   1.079   1.00 16.39  ? 71  VAL A CG1 1 
ATOM   567  C CG2 . VAL A 1 71  ? 5.525   5.694   0.907   1.00 16.17  ? 71  VAL A CG2 1 
ATOM   568  N N   . ASP A 1 72  ? 8.006   4.934   4.627   1.00 14.86  ? 72  ASP A N   1 
ATOM   569  C CA  . ASP A 1 72  ? 9.099   4.520   5.497   1.00 15.57  ? 72  ASP A CA  1 
ATOM   570  C C   . ASP A 1 72  ? 8.648   3.529   6.571   1.00 15.89  ? 72  ASP A C   1 
ATOM   571  O O   . ASP A 1 72  ? 9.282   2.489   6.806   1.00 16.28  ? 72  ASP A O   1 
ATOM   572  C CB  . ASP A 1 72  ? 9.744   5.737   6.150   1.00 15.77  ? 72  ASP A CB  1 
ATOM   573  C CG  . ASP A 1 72  ? 11.026  5.390   6.853   0.50 17.68  ? 72  ASP A CG  1 
ATOM   574  O OD1 . ASP A 1 72  ? 12.012  5.056   6.165   0.50 21.17  ? 72  ASP A OD1 1 
ATOM   575  O OD2 . ASP A 1 72  ? 11.052  5.450   8.092   0.50 21.09  ? 72  ASP A OD2 1 
ATOM   576  N N   . ALA A 1 73  ? 7.545   3.845   7.242   1.00 15.84  ? 73  ALA A N   1 
ATOM   577  C CA  . ALA A 1 73  ? 7.071   2.970   8.301   1.00 16.20  ? 73  ALA A CA  1 
ATOM   578  C C   . ALA A 1 73  ? 6.646   1.606   7.749   1.00 16.52  ? 73  ALA A C   1 
ATOM   579  O O   . ALA A 1 73  ? 6.818   0.586   8.429   1.00 17.34  ? 73  ALA A O   1 
ATOM   580  C CB  . ALA A 1 73  ? 5.926   3.615   9.068   1.00 15.92  ? 73  ALA A CB  1 
ATOM   581  N N   . ALA A 1 74  ? 6.101   1.592   6.531   1.00 15.94  ? 74  ALA A N   1 
ATOM   582  C CA  . ALA A 1 74  ? 5.679   0.343   5.895   1.00 16.13  ? 74  ALA A CA  1 
ATOM   583  C C   . ALA A 1 74  ? 6.901   -0.537  5.678   1.00 15.83  ? 74  ALA A C   1 
ATOM   584  O O   . ALA A 1 74  ? 6.877   -1.715  6.018   1.00 16.30  ? 74  ALA A O   1 
ATOM   585  C CB  . ALA A 1 74  ? 4.977   0.605   4.585   1.00 16.32  ? 74  ALA A CB  1 
ATOM   586  N N   . VAL A 1 75  ? 7.966   0.035   5.115   1.00 15.86  ? 75  VAL A N   1 
ATOM   587  C CA  . VAL A 1 75  ? 9.201   -0.729  4.914   1.00 15.94  ? 75  VAL A CA  1 
ATOM   588  C C   . VAL A 1 75  ? 9.748   -1.239  6.246   1.00 16.19  ? 75  VAL A C   1 
ATOM   589  O O   . VAL A 1 75  ? 10.056  -2.426  6.391   1.00 16.79  ? 75  VAL A O   1 
ATOM   590  C CB  . VAL A 1 75  ? 10.286  0.095   4.199   1.00 15.94  ? 75  VAL A CB  1 
ATOM   591  C CG1 . VAL A 1 75  ? 11.596  -0.722  4.076   1.00 16.27  ? 75  VAL A CG1 1 
ATOM   592  C CG2 . VAL A 1 75  ? 9.793   0.533   2.835   1.00 15.81  ? 75  VAL A CG2 1 
ATOM   593  N N   . ARG A 1 76  ? 9.841   -0.348  7.235   1.00 16.27  ? 76  ARG A N   1 
ATOM   594  C CA  . ARG A 1 76  ? 10.428  -0.735  8.512   1.00 16.80  ? 76  ARG A CA  1 
ATOM   595  C C   . ARG A 1 76  ? 9.611   -1.845  9.175   1.00 16.96  ? 76  ARG A C   1 
ATOM   596  O O   . ARG A 1 76  ? 10.166  -2.721  9.832   1.00 17.61  ? 76  ARG A O   1 
ATOM   597  C CB  . ARG A 1 76  ? 10.577  0.478   9.438   1.00 17.12  ? 76  ARG A CB  1 
ATOM   598  C CG  . ARG A 1 76  ? 11.644  1.475   8.972   1.00 17.99  ? 76  ARG A CG  1 
ATOM   599  C CD  . ARG A 1 76  ? 13.066  0.859   8.882   1.00 17.70  ? 76  ARG A CD  1 
ATOM   600  N NE  . ARG A 1 76  ? 13.683  0.524   10.184  1.00 18.68  ? 76  ARG A NE  1 
ATOM   601  C CZ  . ARG A 1 76  ? 14.312  1.398   10.980  1.00 16.50  ? 76  ARG A CZ  1 
ATOM   602  N NH1 . ARG A 1 76  ? 14.408  2.679   10.633  1.00 18.87  ? 76  ARG A NH1 1 
ATOM   603  N NH2 . ARG A 1 76  ? 14.850  0.987   12.127  1.00 18.22  ? 76  ARG A NH2 1 
ATOM   604  N N   . GLY A 1 77  ? 8.293   -1.815  8.976   1.00 16.51  ? 77  GLY A N   1 
ATOM   605  C CA  . GLY A 1 77  ? 7.410   -2.870  9.479   1.00 17.22  ? 77  GLY A CA  1 
ATOM   606  C C   . GLY A 1 77  ? 7.662   -4.223  8.834   1.00 17.35  ? 77  GLY A C   1 
ATOM   607  O O   . GLY A 1 77  ? 7.715   -5.254  9.524   1.00 17.23  ? 77  GLY A O   1 
ATOM   608  N N   . ILE A 1 78  ? 7.837   -4.218  7.513   1.00 17.17  ? 78  ILE A N   1 
ATOM   609  C CA  . ILE A 1 78  ? 8.166   -5.438  6.782   1.00 17.69  ? 78  ILE A CA  1 
ATOM   610  C C   . ILE A 1 78  ? 9.419   -6.079  7.399   1.00 17.85  ? 78  ILE A C   1 
ATOM   611  O O   . ILE A 1 78  ? 9.414   -7.269  7.712   1.00 18.04  ? 78  ILE A O   1 
ATOM   612  C CB  . ILE A 1 78  ? 8.369   -5.158  5.283   1.00 17.31  ? 78  ILE A CB  1 
ATOM   613  C CG1 . ILE A 1 78  ? 7.012   -4.952  4.601   1.00 17.02  ? 78  ILE A CG1 1 
ATOM   614  C CG2 . ILE A 1 78  ? 9.092   -6.333  4.595   1.00 18.43  ? 78  ILE A CG2 1 
ATOM   615  C CD1 . ILE A 1 78  ? 7.098   -4.287  3.227   1.00 16.82  ? 78  ILE A CD1 1 
ATOM   616  N N   . LEU A 1 79  ? 10.458  -5.269  7.601   1.00 18.78  ? 79  LEU A N   1 
ATOM   617  C CA  . LEU A 1 79  ? 11.753  -5.748  8.117   1.00 19.39  ? 79  LEU A CA  1 
ATOM   618  C C   . LEU A 1 79  ? 11.668  -6.295  9.542   1.00 20.76  ? 79  LEU A C   1 
ATOM   619  O O   . LEU A 1 79  ? 12.468  -7.158  9.919   1.00 21.73  ? 79  LEU A O   1 
ATOM   620  C CB  . LEU A 1 79  ? 12.818  -4.652  8.019   1.00 18.95  ? 79  LEU A CB  1 
ATOM   621  C CG  . LEU A 1 79  ? 13.102  -4.102  6.615   1.00 19.52  ? 79  LEU A CG  1 
ATOM   622  C CD1 . LEU A 1 79  ? 14.207  -3.060  6.679   1.00 20.64  ? 79  LEU A CD1 1 
ATOM   623  C CD2 . LEU A 1 79  ? 13.459  -5.206  5.602   1.00 18.26  ? 79  LEU A CD2 1 
ATOM   624  N N   . ARG A 1 80  ? 10.699  -5.798  10.318  1.00 21.17  ? 80  ARG A N   1 
ATOM   625  C CA  A ARG A 1 80  ? 10.452  -6.249  11.694  0.50 21.49  ? 80  ARG A CA  1 
ATOM   626  C CA  B ARG A 1 80  ? 10.509  -6.284  11.686  0.50 21.78  ? 80  ARG A CA  1 
ATOM   627  C C   . ARG A 1 80  ? 9.587   -7.501  11.734  1.00 21.56  ? 80  ARG A C   1 
ATOM   628  O O   . ARG A 1 80  ? 9.432   -8.129  12.784  1.00 22.31  ? 80  ARG A O   1 
ATOM   629  C CB  A ARG A 1 80  ? 9.729   -5.167  12.502  0.50 21.41  ? 80  ARG A CB  1 
ATOM   630  C CB  B ARG A 1 80  ? 9.998   -5.166  12.609  0.50 21.59  ? 80  ARG A CB  1 
ATOM   631  C CG  A ARG A 1 80  ? 10.555  -3.948  12.858  0.50 22.40  ? 80  ARG A CG  1 
ATOM   632  C CG  B ARG A 1 80  ? 11.095  -4.216  13.083  0.50 22.64  ? 80  ARG A CG  1 
ATOM   633  C CD  A ARG A 1 80  ? 9.908   -3.186  14.011  0.50 22.27  ? 80  ARG A CD  1 
ATOM   634  C CD  B ARG A 1 80  ? 10.588  -3.202  14.110  0.50 23.07  ? 80  ARG A CD  1 
ATOM   635  N NE  A ARG A 1 80  ? 8.553   -2.734  13.713  0.50 23.64  ? 80  ARG A NE  1 
ATOM   636  N NE  B ARG A 1 80  ? 9.986   -2.018  13.498  0.50 24.47  ? 80  ARG A NE  1 
ATOM   637  C CZ  A ARG A 1 80  ? 8.256   -1.573  13.133  0.50 22.33  ? 80  ARG A CZ  1 
ATOM   638  C CZ  B ARG A 1 80  ? 10.630  -0.881  13.242  0.50 24.99  ? 80  ARG A CZ  1 
ATOM   639  N NH1 A ARG A 1 80  ? 9.217   -0.734  12.783  0.50 22.30  ? 80  ARG A NH1 1 
ATOM   640  N NH1 B ARG A 1 80  ? 11.919  -0.747  13.531  0.50 24.79  ? 80  ARG A NH1 1 
ATOM   641  N NH2 A ARG A 1 80  ? 6.992   -1.248  12.911  0.50 24.26  ? 80  ARG A NH2 1 
ATOM   642  N NH2 B ARG A 1 80  ? 9.981   0.126   12.681  0.50 26.50  ? 80  ARG A NH2 1 
ATOM   643  N N   . ASN A 1 81  ? 8.986   -7.850  10.597  1.00 21.57  ? 81  ASN A N   1 
ATOM   644  C CA  . ASN A 1 81  ? 8.036   -8.961  10.566  1.00 21.25  ? 81  ASN A CA  1 
ATOM   645  C C   . ASN A 1 81  ? 8.682   -10.270 10.092  1.00 21.35  ? 81  ASN A C   1 
ATOM   646  O O   . ASN A 1 81  ? 9.033   -10.402 8.930   1.00 20.46  ? 81  ASN A O   1 
ATOM   647  C CB  . ASN A 1 81  ? 6.821   -8.586  9.708   1.00 21.40  ? 81  ASN A CB  1 
ATOM   648  C CG  . ASN A 1 81  ? 5.682   -9.586  9.834   1.00 21.93  ? 81  ASN A CG  1 
ATOM   649  O OD1 . ASN A 1 81  ? 5.891   -10.800 9.807   1.00 24.31  ? 81  ASN A OD1 1 
ATOM   650  N ND2 . ASN A 1 81  ? 4.467   -9.078  9.966   1.00 22.43  ? 81  ASN A ND2 1 
ATOM   651  N N   . ALA A 1 82  ? 8.819   -11.241 10.997  1.00 21.74  ? 82  ALA A N   1 
ATOM   652  C CA  . ALA A 1 82  ? 9.523   -12.491 10.676  1.00 22.13  ? 82  ALA A CA  1 
ATOM   653  C C   . ALA A 1 82  ? 8.921   -13.281 9.508   1.00 22.08  ? 82  ALA A C   1 
ATOM   654  O O   . ALA A 1 82  ? 9.634   -14.039 8.840   1.00 22.98  ? 82  ALA A O   1 
ATOM   655  C CB  . ALA A 1 82  ? 9.652   -13.376 11.916  1.00 22.11  ? 82  ALA A CB  1 
ATOM   656  N N   . LYS A 1 83  ? 7.626   -13.097 9.253   1.00 22.22  ? 83  LYS A N   1 
ATOM   657  C CA  . LYS A 1 83  ? 6.949   -13.760 8.129   1.00 22.53  ? 83  LYS A CA  1 
ATOM   658  C C   . LYS A 1 83  ? 7.155   -13.044 6.787   1.00 21.64  ? 83  LYS A C   1 
ATOM   659  O O   . LYS A 1 83  ? 7.078   -13.666 5.728   1.00 23.19  ? 83  LYS A O   1 
ATOM   660  C CB  . LYS A 1 83  ? 5.454   -13.917 8.409   1.00 23.69  ? 83  LYS A CB  1 
ATOM   661  C CG  . LYS A 1 83  ? 5.135   -15.001 9.432   1.00 26.01  ? 83  LYS A CG  1 
ATOM   662  C CD  . LYS A 1 83  ? 3.723   -14.888 9.955   0.50 27.06  ? 83  LYS A CD  1 
ATOM   663  C CE  . LYS A 1 83  ? 3.480   -15.902 11.063  0.50 28.71  ? 83  LYS A CE  1 
ATOM   664  N NZ  . LYS A 1 83  ? 2.093   -15.817 11.597  0.50 28.81  ? 83  LYS A NZ  1 
ATOM   665  N N   . LEU A 1 84  ? 7.413   -11.745 6.827   1.00 19.80  ? 84  LEU A N   1 
ATOM   666  C CA  . LEU A 1 84  ? 7.536   -10.952 5.600   1.00 18.20  ? 84  LEU A CA  1 
ATOM   667  C C   . LEU A 1 84  ? 8.977   -10.690 5.166   1.00 17.41  ? 84  LEU A C   1 
ATOM   668  O O   . LEU A 1 84  ? 9.283   -10.666 3.965   1.00 16.72  ? 84  LEU A O   1 
ATOM   669  C CB  . LEU A 1 84  ? 6.793   -9.614  5.751   1.00 18.48  ? 84  LEU A CB  1 
ATOM   670  C CG  . LEU A 1 84  ? 5.306   -9.689  6.118   1.00 18.53  ? 84  LEU A CG  1 
ATOM   671  C CD1 . LEU A 1 84  ? 4.694   -8.295  6.261   1.00 19.30  ? 84  LEU A CD1 1 
ATOM   672  C CD2 . LEU A 1 84  ? 4.545   -10.499 5.085   1.00 19.70  ? 84  LEU A CD2 1 
ATOM   673  N N   . LYS A 1 85  ? 9.863   -10.485 6.139   1.00 16.20  ? 85  LYS A N   1 
ATOM   674  C CA  . LYS A 1 85  ? 11.243  -10.117 5.830   1.00 16.00  ? 85  LYS A CA  1 
ATOM   675  C C   . LYS A 1 85  ? 11.965  -11.100 4.886   1.00 15.22  ? 85  LYS A C   1 
ATOM   676  O O   . LYS A 1 85  ? 12.561  -10.654 3.916   1.00 14.69  ? 85  LYS A O   1 
ATOM   677  C CB  . LYS A 1 85  ? 12.076  -9.895  7.102   1.00 15.48  ? 85  LYS A CB  1 
ATOM   678  C CG  . LYS A 1 85  ? 13.478  -9.397  6.811   1.00 17.99  ? 85  LYS A CG  1 
ATOM   679  C CD  . LYS A 1 85  ? 14.303  -9.281  8.072   1.00 18.97  ? 85  LYS A CD  1 
ATOM   680  C CE  . LYS A 1 85  ? 15.555  -8.455  7.802   1.00 20.80  ? 85  LYS A CE  1 
ATOM   681  N NZ  . LYS A 1 85  ? 16.412  -8.386  9.022   1.00 25.34  ? 85  LYS A NZ  1 
ATOM   682  N N   . PRO A 1 86  ? 11.926  -12.417 5.182   1.00 16.29  ? 86  PRO A N   1 
ATOM   683  C CA  . PRO A 1 86  ? 12.640  -13.347 4.276   1.00 16.38  ? 86  PRO A CA  1 
ATOM   684  C C   . PRO A 1 86  ? 12.165  -13.282 2.828   1.00 15.65  ? 86  PRO A C   1 
ATOM   685  O O   . PRO A 1 86  ? 12.985  -13.329 1.906   1.00 15.59  ? 86  PRO A O   1 
ATOM   686  C CB  . PRO A 1 86  ? 12.374  -14.739 4.874   1.00 16.58  ? 86  PRO A CB  1 
ATOM   687  C CG  . PRO A 1 86  ? 11.331  -14.556 5.915   1.00 18.54  ? 86  PRO A CG  1 
ATOM   688  C CD  . PRO A 1 86  ? 11.335  -13.116 6.339   1.00 17.08  ? 86  PRO A CD  1 
ATOM   689  N N   . VAL A 1 87  ? 10.855  -13.145 2.625   1.00 15.01  ? 87  VAL A N   1 
ATOM   690  C CA  . VAL A 1 87  ? 10.314  -13.058 1.270   1.00 14.69  ? 87  VAL A CA  1 
ATOM   691  C C   . VAL A 1 87  ? 10.714  -11.728 0.624   1.00 13.82  ? 87  VAL A C   1 
ATOM   692  O O   . VAL A 1 87  ? 11.181  -11.672 -0.515  1.00 13.53  ? 87  VAL A O   1 
ATOM   693  C CB  . VAL A 1 87  ? 8.775   -13.192 1.262   1.00 15.14  ? 87  VAL A CB  1 
ATOM   694  C CG1 . VAL A 1 87  ? 8.279   -13.248 -0.172  1.00 15.41  ? 87  VAL A CG1 1 
ATOM   695  C CG2 . VAL A 1 87  ? 8.361   -14.466 2.025   1.00 16.55  ? 87  VAL A CG2 1 
ATOM   696  N N   . TYR A 1 88  ? 10.556  -10.655 1.381   1.00 13.44  ? 88  TYR A N   1 
ATOM   697  C CA  . TYR A 1 88  ? 10.925  -9.334  0.895   1.00 13.78  ? 88  TYR A CA  1 
ATOM   698  C C   . TYR A 1 88  ? 12.397  -9.297  0.484   1.00 13.26  ? 88  TYR A C   1 
ATOM   699  O O   . TYR A 1 88  ? 12.728  -8.842  -0.609  1.00 13.75  ? 88  TYR A O   1 
ATOM   700  C CB  . TYR A 1 88  ? 10.661  -8.327  2.012   1.00 14.50  ? 88  TYR A CB  1 
ATOM   701  C CG  . TYR A 1 88  ? 10.954  -6.893  1.671   1.00 15.02  ? 88  TYR A CG  1 
ATOM   702  C CD1 . TYR A 1 88  ? 10.037  -6.117  0.942   1.00 14.62  ? 88  TYR A CD1 1 
ATOM   703  C CD2 . TYR A 1 88  ? 12.125  -6.280  2.125   1.00 16.69  ? 88  TYR A CD2 1 
ATOM   704  C CE1 . TYR A 1 88  ? 10.297  -4.787  0.657   1.00 17.20  ? 88  TYR A CE1 1 
ATOM   705  C CE2 . TYR A 1 88  ? 12.386  -4.954  1.838   1.00 16.41  ? 88  TYR A CE2 1 
ATOM   706  C CZ  . TYR A 1 88  ? 11.472  -4.208  1.110   1.00 16.92  ? 88  TYR A CZ  1 
ATOM   707  O OH  . TYR A 1 88  ? 11.746  -2.872  0.842   1.00 20.19  ? 88  TYR A OH  1 
ATOM   708  N N   . ASP A 1 89  ? 13.273  -9.786  1.355   1.00 13.77  ? 89  ASP A N   1 
ATOM   709  C CA  . ASP A 1 89  ? 14.705  -9.757  1.046   1.00 14.24  ? 89  ASP A CA  1 
ATOM   710  C C   . ASP A 1 89  ? 15.119  -10.704 -0.076  1.00 14.21  ? 89  ASP A C   1 
ATOM   711  O O   . ASP A 1 89  ? 16.210  -10.539 -0.641  1.00 14.58  ? 89  ASP A O   1 
ATOM   712  C CB  . ASP A 1 89  ? 15.537  -10.002 2.301   1.00 14.67  ? 89  ASP A CB  1 
ATOM   713  C CG  . ASP A 1 89  ? 15.661  -8.751  3.164   1.00 16.94  ? 89  ASP A CG  1 
ATOM   714  O OD1 . ASP A 1 89  ? 15.236  -7.660  2.718   1.00 17.41  ? 89  ASP A OD1 1 
ATOM   715  O OD2 . ASP A 1 89  ? 16.220  -8.864  4.267   1.00 19.30  ? 89  ASP A OD2 1 
ATOM   716  N N   . SER A 1 90  ? 14.256  -11.664 -0.417  1.00 13.30  ? 90  SER A N   1 
ATOM   717  C CA  . SER A 1 90  ? 14.507  -12.552 -1.571  1.00 13.16  ? 90  SER A CA  1 
ATOM   718  C C   . SER A 1 90  ? 14.256  -11.864 -2.922  1.00 13.83  ? 90  SER A C   1 
ATOM   719  O O   . SER A 1 90  ? 14.720  -12.340 -3.963  1.00 13.52  ? 90  SER A O   1 
ATOM   720  C CB  . SER A 1 90  ? 13.682  -13.844 -1.488  1.00 13.95  ? 90  SER A CB  1 
ATOM   721  O OG  . SER A 1 90  ? 12.315  -13.624 -1.864  1.00 13.35  ? 90  SER A OG  1 
ATOM   722  N N   . LEU A 1 91  ? 13.499  -10.768 -2.902  1.00 13.66  ? 91  LEU A N   1 
ATOM   723  C CA  . LEU A 1 91  ? 13.054  -10.102 -4.122  1.00 13.20  ? 91  LEU A CA  1 
ATOM   724  C C   . LEU A 1 91  ? 14.041  -9.078  -4.645  1.00 13.13  ? 91  LEU A C   1 
ATOM   725  O O   . LEU A 1 91  ? 14.798  -8.479  -3.871  1.00 14.47  ? 91  LEU A O   1 
ATOM   726  C CB  . LEU A 1 91  ? 11.726  -9.383  -3.866  1.00 13.51  ? 91  LEU A CB  1 
ATOM   727  C CG  . LEU A 1 91  ? 10.547  -10.262 -3.450  1.00 14.16  ? 91  LEU A CG  1 
ATOM   728  C CD1 . LEU A 1 91  ? 9.387   -9.386  -2.958  1.00 14.73  ? 91  LEU A CD1 1 
ATOM   729  C CD2 . LEU A 1 91  ? 10.093  -11.161 -4.596  1.00 14.12  ? 91  LEU A CD2 1 
ATOM   730  N N   . ASP A 1 92  ? 13.984  -8.857  -5.957  1.00 13.15  ? 92  ASP A N   1 
ATOM   731  C CA  . ASP A 1 92  ? 14.644  -7.723  -6.613  1.00 13.50  ? 92  ASP A CA  1 
ATOM   732  C C   . ASP A 1 92  ? 13.930  -6.394  -6.248  1.00 13.87  ? 92  ASP A C   1 
ATOM   733  O O   . ASP A 1 92  ? 12.821  -6.409  -5.715  1.00 14.53  ? 92  ASP A O   1 
ATOM   734  C CB  . ASP A 1 92  ? 14.596  -7.939  -8.115  1.00 13.01  ? 92  ASP A CB  1 
ATOM   735  C CG  . ASP A 1 92  ? 13.182  -8.031  -8.612  1.00 14.78  ? 92  ASP A CG  1 
ATOM   736  O OD1 . ASP A 1 92  ? 12.624  -6.953  -8.956  1.00 15.84  ? 92  ASP A OD1 1 
ATOM   737  O OD2 . ASP A 1 92  ? 12.626  -9.153  -8.540  1.00 12.96  ? 92  ASP A OD2 1 
ATOM   738  N N   . ALA A 1 93  ? 14.551  -5.256  -6.560  1.00 14.12  ? 93  ALA A N   1 
ATOM   739  C CA  . ALA A 1 93  ? 14.052  -3.960  -6.072  1.00 13.99  ? 93  ALA A CA  1 
ATOM   740  C C   . ALA A 1 93  ? 12.679  -3.589  -6.633  1.00 14.37  ? 93  ALA A C   1 
ATOM   741  O O   . ALA A 1 93  ? 11.872  -2.970  -5.924  1.00 15.42  ? 93  ALA A O   1 
ATOM   742  C CB  . ALA A 1 93  ? 15.038  -2.853  -6.371  1.00 15.33  ? 93  ALA A CB  1 
ATOM   743  N N   . VAL A 1 94  ? 12.429  -3.947  -7.886  1.00 13.48  ? 94  VAL A N   1 
ATOM   744  C CA  . VAL A 1 94  ? 11.130  -3.623  -8.508  1.00 13.88  ? 94  VAL A CA  1 
ATOM   745  C C   . VAL A 1 94  ? 10.021  -4.420  -7.814  1.00 13.42  ? 94  VAL A C   1 
ATOM   746  O O   . VAL A 1 94  ? 9.002   -3.839  -7.396  1.00 12.48  ? 94  VAL A O   1 
ATOM   747  C CB  . VAL A 1 94  ? 11.108  -3.849  -10.022 1.00 14.31  ? 94  VAL A CB  1 
ATOM   748  C CG1 . VAL A 1 94  ? 9.722   -3.535  -10.563 1.00 14.28  ? 94  VAL A CG1 1 
ATOM   749  C CG2 . VAL A 1 94  ? 12.164  -2.951  -10.712 1.00 15.28  ? 94  VAL A CG2 1 
ATOM   750  N N   . ARG A 1 95  ? 10.211  -5.735  -7.661  1.00 12.92  ? 95  ARG A N   1 
ATOM   751  C CA  . ARG A 1 95  ? 9.223   -6.540  -6.931  1.00 13.10  ? 95  ARG A CA  1 
ATOM   752  C C   . ARG A 1 95  ? 9.063   -6.113  -5.461  1.00 13.46  ? 95  ARG A C   1 
ATOM   753  O O   . ARG A 1 95  ? 7.961   -6.185  -4.907  1.00 13.16  ? 95  ARG A O   1 
ATOM   754  C CB  . ARG A 1 95  ? 9.492   -8.039  -7.067  1.00 13.16  ? 95  ARG A CB  1 
ATOM   755  C CG  . ARG A 1 95  ? 9.247   -8.535  -8.474  1.00 14.32  ? 95  ARG A CG  1 
ATOM   756  C CD  . ARG A 1 95  ? 9.574   -10.001 -8.586  1.00 13.88  ? 95  ARG A CD  1 
ATOM   757  N NE  . ARG A 1 95  ? 9.244   -10.551 -9.908  1.00 13.54  ? 95  ARG A NE  1 
ATOM   758  C CZ  . ARG A 1 95  ? 10.121  -10.731 -10.904 1.00 14.20  ? 95  ARG A CZ  1 
ATOM   759  N NH1 . ARG A 1 95  ? 11.396  -10.385 -10.746 1.00 13.77  ? 95  ARG A NH1 1 
ATOM   760  N NH2 . ARG A 1 95  ? 9.727   -11.276 -12.054 1.00 13.60  ? 95  ARG A NH2 1 
ATOM   761  N N   . ARG A 1 96  ? 10.145  -5.644  -4.826  1.00 13.32  ? 96  ARG A N   1 
ATOM   762  C CA  A ARG A 1 96  ? 10.031  -5.094  -3.476  0.50 13.40  ? 96  ARG A CA  1 
ATOM   763  C CA  B ARG A 1 96  ? 10.043  -5.089  -3.472  0.50 13.63  ? 96  ARG A CA  1 
ATOM   764  C C   . ARG A 1 96  ? 9.072   -3.912  -3.439  1.00 13.33  ? 96  ARG A C   1 
ATOM   765  O O   . ARG A 1 96  ? 8.358   -3.729  -2.463  1.00 13.33  ? 96  ARG A O   1 
ATOM   766  C CB  A ARG A 1 96  ? 11.400  -4.715  -2.911  0.50 14.03  ? 96  ARG A CB  1 
ATOM   767  C CB  B ARG A 1 96  ? 11.422  -4.697  -2.908  0.50 14.04  ? 96  ARG A CB  1 
ATOM   768  C CG  A ARG A 1 96  ? 12.298  -5.925  -2.686  0.50 14.33  ? 96  ARG A CG  1 
ATOM   769  C CG  B ARG A 1 96  ? 12.239  -5.888  -2.373  0.50 14.12  ? 96  ARG A CG  1 
ATOM   770  C CD  A ARG A 1 96  ? 13.487  -5.631  -1.770  0.50 16.32  ? 96  ARG A CD  1 
ATOM   771  C CD  B ARG A 1 96  ? 13.596  -5.469  -1.727  0.50 14.91  ? 96  ARG A CD  1 
ATOM   772  N NE  A ARG A 1 96  ? 14.298  -4.487  -2.178  0.50 15.72  ? 96  ARG A NE  1 
ATOM   773  N NE  B ARG A 1 96  ? 14.612  -6.514  -1.898  0.50 17.03  ? 96  ARG A NE  1 
ATOM   774  C CZ  A ARG A 1 96  ? 15.449  -4.566  -2.845  0.50 16.67  ? 96  ARG A CZ  1 
ATOM   775  C CZ  B ARG A 1 96  ? 15.668  -6.747  -1.106  0.50 19.97  ? 96  ARG A CZ  1 
ATOM   776  N NH1 A ARG A 1 96  ? 15.931  -5.745  -3.226  0.50 17.08  ? 96  ARG A NH1 1 
ATOM   777  N NH1 B ARG A 1 96  ? 15.895  -6.042  -0.004  0.50 20.72  ? 96  ARG A NH1 1 
ATOM   778  N NH2 A ARG A 1 96  ? 16.119  -3.457  -3.145  0.50 17.11  ? 96  ARG A NH2 1 
ATOM   779  N NH2 B ARG A 1 96  ? 16.502  -7.734  -1.409  0.50 19.56  ? 96  ARG A NH2 1 
ATOM   780  N N   . CYS A 1 97  ? 9.031   -3.128  -4.521  1.00 12.88  ? 97  CYS A N   1 
ATOM   781  C CA  . CYS A 1 97  ? 8.054   -2.020  -4.608  1.00 13.26  ? 97  CYS A CA  1 
ATOM   782  C C   . CYS A 1 97  ? 6.626   -2.531  -4.593  1.00 12.78  ? 97  CYS A C   1 
ATOM   783  O O   . CYS A 1 97  ? 5.760   -1.937  -3.943  1.00 12.98  ? 97  CYS A O   1 
ATOM   784  C CB  . CYS A 1 97  ? 8.276   -1.182  -5.850  1.00 13.61  ? 97  CYS A CB  1 
ATOM   785  S SG  . CYS A 1 97  ? 9.776   -0.169  -5.745  1.00 15.52  ? 97  CYS A SG  1 
ATOM   786  N N   . ALA A 1 98  ? 6.378   -3.637  -5.302  1.00 12.60  ? 98  ALA A N   1 
ATOM   787  C CA  . ALA A 1 98  ? 5.046   -4.253  -5.284  1.00 12.68  ? 98  ALA A CA  1 
ATOM   788  C C   . ALA A 1 98  ? 4.653   -4.705  -3.866  1.00 12.70  ? 98  ALA A C   1 
ATOM   789  O O   . ALA A 1 98  ? 3.515   -4.521  -3.415  1.00 13.45  ? 98  ALA A O   1 
ATOM   790  C CB  . ALA A 1 98  ? 4.990   -5.432  -6.281  1.00 12.07  ? 98  ALA A CB  1 
ATOM   791  N N   . ALA A 1 99  ? 5.617   -5.265  -3.146  1.00 12.59  ? 99  ALA A N   1 
ATOM   792  C CA  . ALA A 1 99  ? 5.425   -5.651  -1.756  1.00 12.74  ? 99  ALA A CA  1 
ATOM   793  C C   . ALA A 1 99  ? 5.054   -4.452  -0.879  1.00 12.64  ? 99  ALA A C   1 
ATOM   794  O O   . ALA A 1 99  ? 4.106   -4.519  -0.083  1.00 12.77  ? 99  ALA A O   1 
ATOM   795  C CB  . ALA A 1 99  ? 6.693   -6.347  -1.216  1.00 12.50  ? 99  ALA A CB  1 
ATOM   796  N N   . ILE A 1 100 ? 5.803   -3.354  -1.008  1.00 12.77  ? 100 ILE A N   1 
ATOM   797  C CA  . ILE A 1 100 ? 5.518   -2.155  -0.217  1.00 13.06  ? 100 ILE A CA  1 
ATOM   798  C C   . ILE A 1 100 ? 4.127   -1.613  -0.548  1.00 12.62  ? 100 ILE A C   1 
ATOM   799  O O   . ILE A 1 100 ? 3.391   -1.191  0.357   1.00 13.15  ? 100 ILE A O   1 
ATOM   800  C CB  . ILE A 1 100 ? 6.590   -1.050  -0.408  1.00 12.94  ? 100 ILE A CB  1 
ATOM   801  C CG1 . ILE A 1 100 ? 7.958   -1.577  0.048   1.00 12.19  ? 100 ILE A CG1 1 
ATOM   802  C CG2 . ILE A 1 100 ? 6.221   0.220   0.401   1.00 13.91  ? 100 ILE A CG2 1 
ATOM   803  C CD1 . ILE A 1 100 ? 9.155   -0.761  -0.490  1.00 14.43  ? 100 ILE A CD1 1 
ATOM   804  N N   . ASN A 1 101 ? 3.778   -1.635  -1.832  1.00 12.48  ? 101 ASN A N   1 
ATOM   805  C CA  . ASN A 1 101 ? 2.472   -1.172  -2.298  1.00 12.52  ? 101 ASN A CA  1 
ATOM   806  C C   . ASN A 1 101 ? 1.370   -1.992  -1.624  1.00 12.86  ? 101 ASN A C   1 
ATOM   807  O O   . ASN A 1 101 ? 0.470   -1.433  -0.992  1.00 12.57  ? 101 ASN A O   1 
ATOM   808  C CB  . ASN A 1 101 ? 2.412   -1.270  -3.832  1.00 12.21  ? 101 ASN A CB  1 
ATOM   809  C CG  . ASN A 1 101 ? 1.204   -0.570  -4.419  1.00 11.91  ? 101 ASN A CG  1 
ATOM   810  O OD1 . ASN A 1 101 ? 0.082   -0.814  -4.003  1.00 12.97  ? 101 ASN A OD1 1 
ATOM   811  N ND2 . ASN A 1 101 ? 1.439   0.320   -5.377  1.00 12.38  ? 101 ASN A ND2 1 
ATOM   812  N N   . GLN A 1 102 ? 1.456   -3.320  -1.741  1.00 13.17  ? 102 GLN A N   1 
ATOM   813  C CA  . GLN A 1 102 ? 0.494   -4.203  -1.085  1.00 13.67  ? 102 GLN A CA  1 
ATOM   814  C C   . GLN A 1 102 ? 0.329   -3.920  0.416   1.00 13.70  ? 102 GLN A C   1 
ATOM   815  O O   . GLN A 1 102 ? -0.807  -3.741  0.902   1.00 13.79  ? 102 GLN A O   1 
ATOM   816  C CB  . GLN A 1 102 ? 0.854   -5.666  -1.340  1.00 14.38  ? 102 GLN A CB  1 
ATOM   817  C CG  . GLN A 1 102 ? -0.320  -6.607  -1.138  1.00 15.71  ? 102 GLN A CG  1 
ATOM   818  C CD  . GLN A 1 102 ? 0.043   -8.046  -1.418  1.00 18.64  ? 102 GLN A CD  1 
ATOM   819  O OE1 . GLN A 1 102 ? 1.152   -8.485  -1.113  1.00 17.93  ? 102 GLN A OE1 1 
ATOM   820  N NE2 . GLN A 1 102 ? -0.886  -8.790  -2.008  1.00 18.72  ? 102 GLN A NE2 1 
ATOM   821  N N   . VAL A 1 103 ? 1.428   -3.836  1.169   1.00 12.93  ? 103 VAL A N   1 
ATOM   822  C CA  A VAL A 1 103 ? 1.305   -3.586  2.609   0.50 13.59  ? 103 VAL A CA  1 
ATOM   823  C CA  B VAL A 1 103 ? 1.318   -3.574  2.616   0.50 13.95  ? 103 VAL A CA  1 
ATOM   824  C C   . VAL A 1 103 ? 0.755   -2.191  2.927   1.00 13.49  ? 103 VAL A C   1 
ATOM   825  O O   . VAL A 1 103 ? -0.009  -2.027  3.873   1.00 14.19  ? 103 VAL A O   1 
ATOM   826  C CB  A VAL A 1 103 ? 2.606   -3.897  3.394   0.50 13.65  ? 103 VAL A CB  1 
ATOM   827  C CB  B VAL A 1 103 ? 2.639   -3.798  3.401   0.50 14.00  ? 103 VAL A CB  1 
ATOM   828  C CG1 A VAL A 1 103 ? 3.509   -2.669  3.537   0.50 13.58  ? 103 VAL A CG1 1 
ATOM   829  C CG1 B VAL A 1 103 ? 3.024   -5.267  3.383   0.50 14.66  ? 103 VAL A CG1 1 
ATOM   830  C CG2 A VAL A 1 103 ? 2.248   -4.444  4.758   0.50 13.04  ? 103 VAL A CG2 1 
ATOM   831  C CG2 B VAL A 1 103 ? 3.778   -2.915  2.885   0.50 15.02  ? 103 VAL A CG2 1 
ATOM   832  N N   . PHE A 1 104 ? 1.117   -1.192  2.114   1.00 13.27  ? 104 PHE A N   1 
ATOM   833  C CA  . PHE A 1 104 ? 0.597   0.167   2.256   1.00 13.29  ? 104 PHE A CA  1 
ATOM   834  C C   . PHE A 1 104 ? -0.929  0.133   2.160   1.00 13.46  ? 104 PHE A C   1 
ATOM   835  O O   . PHE A 1 104 ? -1.627  0.793   2.939   1.00 14.42  ? 104 PHE A O   1 
ATOM   836  C CB  . PHE A 1 104 ? 1.192   1.049   1.155   1.00 13.52  ? 104 PHE A CB  1 
ATOM   837  C CG  . PHE A 1 104 ? 0.948   2.525   1.322   1.00 13.77  ? 104 PHE A CG  1 
ATOM   838  C CD1 . PHE A 1 104 ? 1.928   3.355   1.873   1.00 14.15  ? 104 PHE A CD1 1 
ATOM   839  C CD2 . PHE A 1 104 ? -0.229  3.108   0.854   1.00 14.44  ? 104 PHE A CD2 1 
ATOM   840  C CE1 . PHE A 1 104 ? 1.715   4.733   1.984   1.00 14.37  ? 104 PHE A CE1 1 
ATOM   841  C CE2 . PHE A 1 104 ? -0.447  4.485   0.969   1.00 14.99  ? 104 PHE A CE2 1 
ATOM   842  C CZ  . PHE A 1 104 ? 0.513   5.294   1.544   1.00 14.83  ? 104 PHE A CZ  1 
ATOM   843  N N   . GLN A 1 105 ? -1.449  -0.695  1.257   1.00 13.75  ? 105 GLN A N   1 
ATOM   844  C CA  . GLN A 1 105 ? -2.893  -0.720  1.031   1.00 13.85  ? 105 GLN A CA  1 
ATOM   845  C C   . GLN A 1 105 ? -3.658  -1.508  2.085   1.00 14.82  ? 105 GLN A C   1 
ATOM   846  O O   . GLN A 1 105 ? -4.691  -1.034  2.590   1.00 15.63  ? 105 GLN A O   1 
ATOM   847  C CB  . GLN A 1 105 ? -3.212  -1.294  -0.357  1.00 13.44  ? 105 GLN A CB  1 
ATOM   848  C CG  . GLN A 1 105 ? -4.704  -1.214  -0.708  1.00 12.96  ? 105 GLN A CG  1 
ATOM   849  C CD  . GLN A 1 105 ? -5.043  -1.884  -2.017  1.00 14.09  ? 105 GLN A CD  1 
ATOM   850  O OE1 . GLN A 1 105 ? -4.170  -2.346  -2.746  1.00 13.32  ? 105 GLN A OE1 1 
ATOM   851  N NE2 . GLN A 1 105 ? -6.331  -1.973  -2.309  1.00 16.67  ? 105 GLN A NE2 1 
ATOM   852  N N   . MET A 1 106 ? -3.174  -2.711  2.389   1.00 15.22  ? 106 MET A N   1 
ATOM   853  C CA  A MET A 1 106 ? -3.952  -3.626  3.212   0.50 14.24  ? 106 MET A CA  1 
ATOM   854  C CA  B MET A 1 106 ? -3.909  -3.697  3.179   0.50 16.75  ? 106 MET A CA  1 
ATOM   855  C C   . MET A 1 106 ? -3.400  -3.861  4.606   1.00 16.00  ? 106 MET A C   1 
ATOM   856  O O   . MET A 1 106 ? -4.068  -4.504  5.437   1.00 15.73  ? 106 MET A O   1 
ATOM   857  C CB  A MET A 1 106 ? -4.155  -4.965  2.496   0.50 14.48  ? 106 MET A CB  1 
ATOM   858  C CB  B MET A 1 106 ? -3.835  -5.077  2.512   0.50 16.72  ? 106 MET A CB  1 
ATOM   859  C CG  A MET A 1 106 ? -2.868  -5.743  2.191   0.50 12.08  ? 106 MET A CG  1 
ATOM   860  C CG  B MET A 1 106 ? -3.979  -5.111  0.994   0.50 18.97  ? 106 MET A CG  1 
ATOM   861  S SD  A MET A 1 106 ? -3.192  -7.392  1.519   0.50 11.61  ? 106 MET A SD  1 
ATOM   862  S SD  B MET A 1 106 ? -3.786  -6.793  0.343   0.50 20.81  ? 106 MET A SD  1 
ATOM   863  C CE  A MET A 1 106 ? -4.603  -7.037  0.477   0.50 14.39  ? 106 MET A CE  1 
ATOM   864  C CE  B MET A 1 106 ? -5.255  -7.542  1.048   0.50 23.56  ? 106 MET A CE  1 
ATOM   865  N N   . GLY A 1 107 ? -2.198  -3.343  4.867   1.00 16.16  ? 107 GLY A N   1 
ATOM   866  C CA  . GLY A 1 107 ? -1.536  -3.529  6.153   1.00 16.60  ? 107 GLY A CA  1 
ATOM   867  C C   . GLY A 1 107 ? -0.940  -4.917  6.305   1.00 17.59  ? 107 GLY A C   1 
ATOM   868  O O   . GLY A 1 107 ? -1.217  -5.830  5.519   1.00 17.22  ? 107 GLY A O   1 
ATOM   869  N N   . GLU A 1 108 ? -0.107  -5.096  7.328   1.00 18.40  ? 108 GLU A N   1 
ATOM   870  C CA  . GLU A 1 108 ? 0.455   -6.416  7.610   1.00 19.69  ? 108 GLU A CA  1 
ATOM   871  C C   . GLU A 1 108 ? -0.612  -7.475  7.934   1.00 20.17  ? 108 GLU A C   1 
ATOM   872  O O   . GLU A 1 108 ? -0.437  -8.659  7.617   1.00 20.99  ? 108 GLU A O   1 
ATOM   873  C CB  . GLU A 1 108 ? 1.508   -6.321  8.713   1.00 19.42  ? 108 GLU A CB  1 
ATOM   874  C CG  . GLU A 1 108 ? 2.697   -5.472  8.276   1.00 19.28  ? 108 GLU A CG  1 
ATOM   875  C CD  . GLU A 1 108 ? 3.770   -5.334  9.342   1.00 20.73  ? 108 GLU A CD  1 
ATOM   876  O OE1 . GLU A 1 108 ? 4.498   -4.324  9.283   1.00 20.57  ? 108 GLU A OE1 1 
ATOM   877  O OE2 . GLU A 1 108 ? 3.875   -6.204  10.236  1.00 19.84  ? 108 GLU A OE2 1 
ATOM   878  N N   . THR A 1 109 ? -1.723  -7.045  8.532   1.00 21.05  ? 109 THR A N   1 
ATOM   879  C CA  . THR A 1 109 ? -2.825  -7.964  8.830   1.00 21.72  ? 109 THR A CA  1 
ATOM   880  C C   . THR A 1 109 ? -3.482  -8.467  7.543   1.00 21.03  ? 109 THR A C   1 
ATOM   881  O O   . THR A 1 109 ? -3.875  -9.634  7.462   1.00 21.35  ? 109 THR A O   1 
ATOM   882  C CB  . THR A 1 109 ? -3.883  -7.343  9.782   1.00 22.01  ? 109 THR A CB  1 
ATOM   883  O OG1 . THR A 1 109 ? -4.414  -6.145  9.212   1.00 24.88  ? 109 THR A OG1 1 
ATOM   884  C CG2 . THR A 1 109 ? -3.272  -7.031  11.139  1.00 22.63  ? 109 THR A CG2 1 
ATOM   885  N N   . GLY A 1 110 ? -3.582  -7.590  6.541   1.00 20.58  ? 110 GLY A N   1 
ATOM   886  C CA  . GLY A 1 110 ? -4.077  -7.974  5.210   1.00 19.97  ? 110 GLY A CA  1 
ATOM   887  C C   . GLY A 1 110 ? -3.139  -8.931  4.500   1.00 20.05  ? 110 GLY A C   1 
ATOM   888  O O   . GLY A 1 110 ? -3.584  -9.895  3.866   1.00 20.26  ? 110 GLY A O   1 
ATOM   889  N N   . VAL A 1 111 ? -1.834  -8.674  4.598   1.00 19.54  ? 111 VAL A N   1 
ATOM   890  C CA  . VAL A 1 111 ? -0.839  -9.528  3.934   1.00 18.68  ? 111 VAL A CA  1 
ATOM   891  C C   . VAL A 1 111 ? -0.716  -10.892 4.638   1.00 18.87  ? 111 VAL A C   1 
ATOM   892  O O   . VAL A 1 111 ? -0.230  -11.858 4.051   1.00 18.47  ? 111 VAL A O   1 
ATOM   893  C CB  . VAL A 1 111 ? 0.534   -8.809  3.782   1.00 18.97  ? 111 VAL A CB  1 
ATOM   894  C CG1 . VAL A 1 111 ? 1.587   -9.725  3.128   1.00 18.09  ? 111 VAL A CG1 1 
ATOM   895  C CG2 . VAL A 1 111 ? 0.363   -7.546  2.953   1.00 18.43  ? 111 VAL A CG2 1 
ATOM   896  N N   . ALA A 1 112 ? -1.180  -10.969 5.886   1.00 18.92  ? 112 ALA A N   1 
ATOM   897  C CA  . ALA A 1 112 ? -1.181  -12.235 6.623   1.00 19.19  ? 112 ALA A CA  1 
ATOM   898  C C   . ALA A 1 112 ? -1.976  -13.319 5.880   1.00 18.77  ? 112 ALA A C   1 
ATOM   899  O O   . ALA A 1 112 ? -1.669  -14.512 5.992   1.00 19.21  ? 112 ALA A O   1 
ATOM   900  C CB  . ALA A 1 112 ? -1.728  -12.026 8.026   1.00 19.48  ? 112 ALA A CB  1 
ATOM   901  N N   . GLY A 1 113 ? -2.985  -12.903 5.108   1.00 18.47  ? 113 GLY A N   1 
ATOM   902  C CA  . GLY A 1 113 ? -3.781  -13.855 4.349   1.00 17.33  ? 113 GLY A CA  1 
ATOM   903  C C   . GLY A 1 113 ? -3.130  -14.346 3.071   1.00 17.32  ? 113 GLY A C   1 
ATOM   904  O O   . GLY A 1 113 ? -3.681  -15.197 2.382   1.00 17.12  ? 113 GLY A O   1 
ATOM   905  N N   . PHE A 1 114 ? -1.950  -13.809 2.756   1.00 16.22  ? 114 PHE A N   1 
ATOM   906  C CA  . PHE A 1 114 ? -1.273  -14.101 1.493   1.00 15.44  ? 114 PHE A CA  1 
ATOM   907  C C   . PHE A 1 114 ? -0.092  -15.060 1.621   1.00 16.03  ? 114 PHE A C   1 
ATOM   908  O O   . PHE A 1 114 ? 0.768   -15.118 0.739   1.00 15.69  ? 114 PHE A O   1 
ATOM   909  C CB  . PHE A 1 114 ? -0.870  -12.785 0.804   1.00 15.37  ? 114 PHE A CB  1 
ATOM   910  C CG  . PHE A 1 114 ? -2.012  -12.096 0.125   1.00 14.53  ? 114 PHE A CG  1 
ATOM   911  C CD1 . PHE A 1 114 ? -2.877  -11.280 0.850   1.00 15.41  ? 114 PHE A CD1 1 
ATOM   912  C CD2 . PHE A 1 114 ? -2.259  -12.298 -1.230  1.00 13.57  ? 114 PHE A CD2 1 
ATOM   913  C CE1 . PHE A 1 114 ? -3.957  -10.656 0.208   1.00 16.48  ? 114 PHE A CE1 1 
ATOM   914  C CE2 . PHE A 1 114 ? -3.333  -11.667 -1.869  1.00 15.72  ? 114 PHE A CE2 1 
ATOM   915  C CZ  . PHE A 1 114 ? -4.178  -10.851 -1.139  1.00 16.44  ? 114 PHE A CZ  1 
ATOM   916  N N   . THR A 1 115 ? -0.084  -15.845 2.696   1.00 16.27  ? 115 THR A N   1 
ATOM   917  C CA  . THR A 1 115 ? 0.976   -16.831 2.969   1.00 16.92  ? 115 THR A CA  1 
ATOM   918  C C   . THR A 1 115 ? 1.341   -17.679 1.750   1.00 16.87  ? 115 THR A C   1 
ATOM   919  O O   . THR A 1 115 ? 2.533   -17.828 1.418   1.00 17.08  ? 115 THR A O   1 
ATOM   920  C CB  . THR A 1 115 ? 0.595   -17.722 4.158   1.00 17.56  ? 115 THR A CB  1 
ATOM   921  O OG1 . THR A 1 115 ? 0.230   -16.870 5.254   1.00 19.09  ? 115 THR A OG1 1 
ATOM   922  C CG2 . THR A 1 115 ? 1.784   -18.604 4.581   1.00 17.77  ? 115 THR A CG2 1 
ATOM   923  N N   . ASN A 1 116 ? 0.326   -18.206 1.059   1.00 16.55  ? 116 ASN A N   1 
ATOM   924  C CA  . ASN A 1 116 ? 0.579   -19.069 -0.090  1.00 16.12  ? 116 ASN A CA  1 
ATOM   925  C C   . ASN A 1 116 ? 1.216   -18.327 -1.266  1.00 15.32  ? 116 ASN A C   1 
ATOM   926  O O   . ASN A 1 116 ? 2.092   -18.868 -1.937  1.00 15.60  ? 116 ASN A O   1 
ATOM   927  C CB  . ASN A 1 116 ? -0.708  -19.788 -0.528  1.00 16.12  ? 116 ASN A CB  1 
ATOM   928  C CG  . ASN A 1 116 ? -1.250  -20.723 0.545   1.00 17.44  ? 116 ASN A CG  1 
ATOM   929  O OD1 . ASN A 1 116 ? -0.524  -21.124 1.462   1.00 19.30  ? 116 ASN A OD1 1 
ATOM   930  N ND2 . ASN A 1 116 ? -2.528  -21.070 0.437   1.00 16.67  ? 116 ASN A ND2 1 
ATOM   931  N N   . SER A 1 117 ? 0.760   -17.101 -1.521  1.00 15.48  ? 117 SER A N   1 
ATOM   932  C CA  . SER A 1 117 ? 1.345   -16.249 -2.559  1.00 15.37  ? 117 SER A CA  1 
ATOM   933  C C   . SER A 1 117 ? 2.792   -15.921 -2.212  1.00 15.31  ? 117 SER A C   1 
ATOM   934  O O   . SER A 1 117 ? 3.682   -15.985 -3.071  1.00 15.26  ? 117 SER A O   1 
ATOM   935  C CB  . SER A 1 117 ? 0.580   -14.926 -2.689  1.00 15.80  ? 117 SER A CB  1 
ATOM   936  O OG  . SER A 1 117 ? -0.801  -15.113 -2.928  1.00 18.46  ? 117 SER A OG  1 
ATOM   937  N N   . LEU A 1 118 ? 3.011   -15.542 -0.957  1.00 15.47  ? 118 LEU A N   1 
ATOM   938  C CA  . LEU A 1 118 ? 4.359   -15.183 -0.498  1.00 15.58  ? 118 LEU A CA  1 
ATOM   939  C C   . LEU A 1 118 ? 5.340   -16.338 -0.686  1.00 15.54  ? 118 LEU A C   1 
ATOM   940  O O   . LEU A 1 118 ? 6.450   -16.124 -1.168  1.00 14.77  ? 118 LEU A O   1 
ATOM   941  C CB  . LEU A 1 118 ? 4.350   -14.630 0.929   1.00 17.37  ? 118 LEU A CB  1 
ATOM   942  C CG  . LEU A 1 118 ? 4.288   -13.085 0.904   1.00 17.73  ? 118 LEU A CG  1 
ATOM   943  C CD1 . LEU A 1 118 ? 2.981   -12.567 0.266   1.00 20.05  ? 118 LEU A CD1 1 
ATOM   944  C CD2 . LEU A 1 118 ? 4.443   -12.511 2.280   1.00 19.74  ? 118 LEU A CD2 1 
ATOM   945  N N   . ARG A 1 119 ? 4.913   -17.561 -0.364  1.00 15.02  ? 119 ARG A N   1 
ATOM   946  C CA  . ARG A 1 119 ? 5.734   -18.755 -0.636  1.00 15.72  ? 119 ARG A CA  1 
ATOM   947  C C   . ARG A 1 119 ? 6.115   -18.865 -2.115  1.00 15.01  ? 119 ARG A C   1 
ATOM   948  O O   . ARG A 1 119 ? 7.282   -19.071 -2.451  1.00 15.21  ? 119 ARG A O   1 
ATOM   949  C CB  . ARG A 1 119 ? 5.006   -20.021 -0.177  1.00 16.21  ? 119 ARG A CB  1 
ATOM   950  C CG  . ARG A 1 119 ? 5.827   -21.297 -0.290  1.00 17.12  ? 119 ARG A CG  1 
ATOM   951  C CD  . ARG A 1 119 ? 5.114   -22.502 0.349   1.00 18.41  ? 119 ARG A CD  1 
ATOM   952  N NE  . ARG A 1 119 ? 4.560   -22.208 1.679   0.50 19.53  ? 119 ARG A NE  1 
ATOM   953  C CZ  . ARG A 1 119 ? 3.263   -22.080 1.965   0.50 20.49  ? 119 ARG A CZ  1 
ATOM   954  N NH1 . ARG A 1 119 ? 2.332   -22.228 1.024   0.50 19.57  ? 119 ARG A NH1 1 
ATOM   955  N NH2 . ARG A 1 119 ? 2.893   -21.808 3.210   0.50 20.08  ? 119 ARG A NH2 1 
ATOM   956  N N   . MET A 1 120 ? 5.131   -18.740 -3.003  1.00 14.22  ? 120 MET A N   1 
ATOM   957  C CA  . MET A 1 120 ? 5.410   -18.804 -4.436  1.00 13.69  ? 120 MET A CA  1 
ATOM   958  C C   . MET A 1 120 ? 6.351   -17.689 -4.906  1.00 13.23  ? 120 MET A C   1 
ATOM   959  O O   . MET A 1 120 ? 7.225   -17.922 -5.741  1.00 12.75  ? 120 MET A O   1 
ATOM   960  C CB  . MET A 1 120 ? 4.103   -18.799 -5.238  1.00 13.80  ? 120 MET A CB  1 
ATOM   961  C CG  . MET A 1 120 ? 3.224   -19.990 -4.963  1.00 13.77  ? 120 MET A CG  1 
ATOM   962  S SD  . MET A 1 120 ? 1.659   -19.798 -5.861  1.00 15.41  ? 120 MET A SD  1 
ATOM   963  C CE  . MET A 1 120 ? 0.692   -21.023 -4.990  1.00 15.79  ? 120 MET A CE  1 
ATOM   964  N N   . LEU A 1 121 ? 6.173   -16.481 -4.364  1.00 13.30  ? 121 LEU A N   1 
ATOM   965  C CA  . LEU A 1 121 ? 7.091   -15.372 -4.625  1.00 13.31  ? 121 LEU A CA  1 
ATOM   966  C C   . LEU A 1 121 ? 8.517   -15.692 -4.162  1.00 13.63  ? 121 LEU A C   1 
ATOM   967  O O   . LEU A 1 121 ? 9.469   -15.450 -4.914  1.00 13.50  ? 121 LEU A O   1 
ATOM   968  C CB  . LEU A 1 121 ? 6.600   -14.066 -3.972  1.00 13.49  ? 121 LEU A CB  1 
ATOM   969  C CG  . LEU A 1 121 ? 5.330   -13.455 -4.595  1.00 12.69  ? 121 LEU A CG  1 
ATOM   970  C CD1 . LEU A 1 121 ? 4.864   -12.298 -3.712  1.00 14.39  ? 121 LEU A CD1 1 
ATOM   971  C CD2 . LEU A 1 121 ? 5.571   -12.946 -6.027  1.00 14.24  ? 121 LEU A CD2 1 
ATOM   972  N N   . GLN A 1 122 ? 8.656   -16.265 -2.965  1.00 14.07  ? 122 GLN A N   1 
ATOM   973  C CA  . GLN A 1 122 ? 9.999   -16.644 -2.482  1.00 14.31  ? 122 GLN A CA  1 
ATOM   974  C C   . GLN A 1 122 ? 10.642  -17.701 -3.395  1.00 14.62  ? 122 GLN A C   1 
ATOM   975  O O   . GLN A 1 122 ? 11.863  -17.653 -3.645  1.00 15.02  ? 122 GLN A O   1 
ATOM   976  C CB  . GLN A 1 122 ? 9.988   -17.089 -1.023  1.00 15.37  ? 122 GLN A CB  1 
ATOM   977  C CG  . GLN A 1 122 ? 11.413  -17.171 -0.460  1.00 17.66  ? 122 GLN A CG  1 
ATOM   978  C CD  . GLN A 1 122 ? 11.499  -17.309 1.051   1.00 21.49  ? 122 GLN A CD  1 
ATOM   979  O OE1 . GLN A 1 122 ? 10.496  -17.359 1.747   1.00 25.04  ? 122 GLN A OE1 1 
ATOM   980  N NE2 . GLN A 1 122 ? 12.723  -17.385 1.560   1.00 24.10  ? 122 GLN A NE2 1 
ATOM   981  N N   . GLN A 1 123 ? 9.815   -18.610 -3.919  1.00 13.47  ? 123 GLN A N   1 
ATOM   982  C CA  . GLN A 1 123 ? 10.271  -19.637 -4.855  1.00 14.85  ? 123 GLN A CA  1 
ATOM   983  C C   . GLN A 1 123 ? 10.539  -19.089 -6.262  1.00 13.94  ? 123 GLN A C   1 
ATOM   984  O O   . GLN A 1 123 ? 11.017  -19.837 -7.133  1.00 14.98  ? 123 GLN A O   1 
ATOM   985  C CB  . GLN A 1 123 ? 9.237   -20.769 -4.952  1.00 14.82  ? 123 GLN A CB  1 
ATOM   986  C CG  . GLN A 1 123 ? 8.999   -21.556 -3.676  1.00 15.70  ? 123 GLN A CG  1 
ATOM   987  C CD  . GLN A 1 123 ? 7.797   -22.496 -3.795  1.00 16.71  ? 123 GLN A CD  1 
ATOM   988  O OE1 . GLN A 1 123 ? 6.692   -22.080 -4.159  1.00 20.04  ? 123 GLN A OE1 1 
ATOM   989  N NE2 . GLN A 1 123 ? 8.014   -23.769 -3.487  1.00 23.05  ? 123 GLN A NE2 1 
ATOM   990  N N   . LYS A 1 124 ? 10.186  -17.817 -6.507  1.00 12.85  ? 124 LYS A N   1 
ATOM   991  C CA  . LYS A 1 124 ? 10.298  -17.195 -7.836  1.00 12.07  ? 124 LYS A CA  1 
ATOM   992  C C   . LYS A 1 124 ? 9.487   -17.937 -8.906  1.00 12.46  ? 124 LYS A C   1 
ATOM   993  O O   . LYS A 1 124 ? 9.892   -18.016 -10.061 1.00 13.15  ? 124 LYS A O   1 
ATOM   994  C CB  . LYS A 1 124 ? 11.778  -17.022 -8.256  1.00 12.28  ? 124 LYS A CB  1 
ATOM   995  C CG  . LYS A 1 124 ? 12.567  -16.254 -7.199  1.00 13.11  ? 124 LYS A CG  1 
ATOM   996  C CD  . LYS A 1 124 ? 13.888  -15.715 -7.754  1.00 14.44  ? 124 LYS A CD  1 
ATOM   997  C CE  . LYS A 1 124 ? 14.628  -14.959 -6.667  1.00 15.84  ? 124 LYS A CE  1 
ATOM   998  N NZ  . LYS A 1 124 ? 13.940  -13.685 -6.285  1.00 15.83  ? 124 LYS A NZ  1 
ATOM   999  N N   . ARG A 1 125 ? 8.329   -18.455 -8.491  1.00 12.60  ? 125 ARG A N   1 
ATOM   1000 C CA  . ARG A 1 125 ? 7.366   -19.089 -9.395  1.00 12.80  ? 125 ARG A CA  1 
ATOM   1001 C C   . ARG A 1 125 ? 6.391   -17.980 -9.797  1.00 12.77  ? 125 ARG A C   1 
ATOM   1002 O O   . ARG A 1 125 ? 5.279   -17.882 -9.277  1.00 13.32  ? 125 ARG A O   1 
ATOM   1003 C CB  . ARG A 1 125 ? 6.677   -20.273 -8.688  1.00 12.89  ? 125 ARG A CB  1 
ATOM   1004 C CG  . ARG A 1 125 ? 7.652   -21.407 -8.362  1.00 14.21  ? 125 ARG A CG  1 
ATOM   1005 C CD  . ARG A 1 125 ? 6.995   -22.595 -7.715  1.00 14.68  ? 125 ARG A CD  1 
ATOM   1006 N NE  . ARG A 1 125 ? 8.015   -23.616 -7.460  1.00 19.36  ? 125 ARG A NE  1 
ATOM   1007 C CZ  . ARG A 1 125 ? 7.754   -24.867 -7.094  1.00 21.38  ? 125 ARG A CZ  1 
ATOM   1008 N NH1 . ARG A 1 125 ? 6.502   -25.262 -6.914  1.00 23.16  ? 125 ARG A NH1 1 
ATOM   1009 N NH2 . ARG A 1 125 ? 8.754   -25.720 -6.890  1.00 23.45  ? 125 ARG A NH2 1 
ATOM   1010 N N   . TRP A 1 126 ? 6.848   -17.112 -10.691 1.00 12.43  ? 126 TRP A N   1 
ATOM   1011 C CA  . TRP A 1 126 ? 6.187   -15.824 -10.885 1.00 12.59  ? 126 TRP A CA  1 
ATOM   1012 C C   . TRP A 1 126 ? 4.773   -15.924 -11.460 1.00 13.14  ? 126 TRP A C   1 
ATOM   1013 O O   . TRP A 1 126 ? 3.877   -15.207 -10.995 1.00 14.27  ? 126 TRP A O   1 
ATOM   1014 C CB  . TRP A 1 126 ? 7.026   -14.903 -11.760 1.00 12.93  ? 126 TRP A CB  1 
ATOM   1015 C CG  . TRP A 1 126 ? 8.431   -14.657 -11.270 1.00 11.70  ? 126 TRP A CG  1 
ATOM   1016 C CD1 . TRP A 1 126 ? 9.588   -14.826 -12.007 1.00 13.38  ? 126 TRP A CD1 1 
ATOM   1017 C CD2 . TRP A 1 126 ? 8.848   -14.147 -9.991  1.00 12.95  ? 126 TRP A CD2 1 
ATOM   1018 N NE1 . TRP A 1 126 ? 10.678  -14.460 -11.262 1.00 11.71  ? 126 TRP A NE1 1 
ATOM   1019 C CE2 . TRP A 1 126 ? 10.262  -14.043 -10.028 1.00 12.77  ? 126 TRP A CE2 1 
ATOM   1020 C CE3 . TRP A 1 126 ? 8.174   -13.782 -8.814  1.00 11.71  ? 126 TRP A CE3 1 
ATOM   1021 C CZ2 . TRP A 1 126 ? 11.011  -13.598 -8.933  1.00 13.12  ? 126 TRP A CZ2 1 
ATOM   1022 C CZ3 . TRP A 1 126 ? 8.927   -13.335 -7.720  1.00 13.79  ? 126 TRP A CZ3 1 
ATOM   1023 C CH2 . TRP A 1 126 ? 10.329  -13.231 -7.800  1.00 13.70  ? 126 TRP A CH2 1 
ATOM   1024 N N   . ASP A 1 127 ? 4.565   -16.789 -12.449 1.00 12.85  ? 127 ASP A N   1 
ATOM   1025 C CA  . ASP A 1 127 ? 3.210   -16.917 -13.024 1.00 13.48  ? 127 ASP A CA  1 
ATOM   1026 C C   . ASP A 1 127 ? 2.250   -17.564 -12.027 1.00 13.18  ? 127 ASP A C   1 
ATOM   1027 O O   . ASP A 1 127 ? 1.102   -17.117 -11.877 1.00 13.49  ? 127 ASP A O   1 
ATOM   1028 C CB  . ASP A 1 127 ? 3.235   -17.675 -14.358 1.00 13.74  ? 127 ASP A CB  1 
ATOM   1029 C CG  . ASP A 1 127 ? 3.716   -16.804 -15.522 1.00 14.94  ? 127 ASP A CG  1 
ATOM   1030 O OD1 . ASP A 1 127 ? 4.429   -15.794 -15.317 1.00 15.54  ? 127 ASP A OD1 1 
ATOM   1031 O OD2 . ASP A 1 127 ? 3.374   -17.137 -16.675 1.00 17.42  ? 127 ASP A OD2 1 
ATOM   1032 N N   . GLU A 1 128 ? 2.722   -18.595 -11.320 1.00 13.43  ? 128 GLU A N   1 
ATOM   1033 C CA  . GLU A 1 128 ? 1.910   -19.246 -10.289 1.00 12.98  ? 128 GLU A CA  1 
ATOM   1034 C C   . GLU A 1 128 ? 1.550   -18.268 -9.159  1.00 13.09  ? 128 GLU A C   1 
ATOM   1035 O O   . GLU A 1 128 ? 0.397   -18.242 -8.686  1.00 13.55  ? 128 GLU A O   1 
ATOM   1036 C CB  . GLU A 1 128 ? 2.635   -20.473 -9.723  1.00 13.68  ? 128 GLU A CB  1 
ATOM   1037 C CG  . GLU A 1 128 ? 2.636   -21.654 -10.720 1.00 14.74  ? 128 GLU A CG  1 
ATOM   1038 C CD  . GLU A 1 128 ? 3.645   -22.713 -10.374 1.00 19.95  ? 128 GLU A CD  1 
ATOM   1039 O OE1 . GLU A 1 128 ? 3.247   -23.736 -9.763  1.00 22.40  ? 128 GLU A OE1 1 
ATOM   1040 O OE2 . GLU A 1 128 ? 4.831   -22.531 -10.718 1.00 20.04  ? 128 GLU A OE2 1 
ATOM   1041 N N   . ALA A 1 129 ? 2.544   -17.486 -8.721  1.00 12.47  ? 129 ALA A N   1 
ATOM   1042 C CA  . ALA A 1 129 ? 2.320   -16.458 -7.698  1.00 12.15  ? 129 ALA A CA  1 
ATOM   1043 C C   . ALA A 1 129 ? 1.243   -15.492 -8.159  1.00 12.88  ? 129 ALA A C   1 
ATOM   1044 O O   . ALA A 1 129 ? 0.310   -15.176 -7.396  1.00 12.58  ? 129 ALA A O   1 
ATOM   1045 C CB  . ALA A 1 129 ? 3.615   -15.696 -7.388  1.00 13.23  ? 129 ALA A CB  1 
ATOM   1046 N N   . ALA A 1 130 ? 1.387   -14.998 -9.391  1.00 12.60  ? 130 ALA A N   1 
ATOM   1047 C CA  . ALA A 1 130 ? 0.434   -14.026 -9.955  1.00 13.11  ? 130 ALA A CA  1 
ATOM   1048 C C   . ALA A 1 130 ? -0.986  -14.588 -9.983  1.00 13.92  ? 130 ALA A C   1 
ATOM   1049 O O   . ALA A 1 130 ? -1.945  -13.886 -9.631  1.00 13.87  ? 130 ALA A O   1 
ATOM   1050 C CB  . ALA A 1 130 ? 0.872   -13.559 -11.340 1.00 14.07  ? 130 ALA A CB  1 
ATOM   1051 N N   . VAL A 1 131 ? -1.132  -15.855 -10.365 1.00 13.81  ? 131 VAL A N   1 
ATOM   1052 C CA  . VAL A 1 131 ? -2.459  -16.478 -10.370 1.00 14.26  ? 131 VAL A CA  1 
ATOM   1053 C C   . VAL A 1 131 ? -3.009  -16.556 -8.942  1.00 13.61  ? 131 VAL A C   1 
ATOM   1054 O O   . VAL A 1 131 ? -4.164  -16.241 -8.688  1.00 14.75  ? 131 VAL A O   1 
ATOM   1055 C CB  . VAL A 1 131 ? -2.412  -17.875 -11.034 1.00 14.34  ? 131 VAL A CB  1 
ATOM   1056 C CG1 . VAL A 1 131 ? -3.659  -18.718 -10.714 1.00 15.27  ? 131 VAL A CG1 1 
ATOM   1057 C CG2 . VAL A 1 131 ? -2.202  -17.724 -12.522 1.00 15.15  ? 131 VAL A CG2 1 
ATOM   1058 N N   . ASN A 1 132 ? -2.164  -16.948 -7.991  1.00 12.80  ? 132 ASN A N   1 
ATOM   1059 C CA  . ASN A 1 132 ? -2.619  -17.103 -6.619  1.00 12.60  ? 132 ASN A CA  1 
ATOM   1060 C C   . ASN A 1 132 ? -2.988  -15.750 -6.007  1.00 12.42  ? 132 ASN A C   1 
ATOM   1061 O O   . ASN A 1 132 ? -3.969  -15.649 -5.261  1.00 13.27  ? 132 ASN A O   1 
ATOM   1062 C CB  . ASN A 1 132 ? -1.527  -17.784 -5.799  1.00 12.92  ? 132 ASN A CB  1 
ATOM   1063 C CG  . ASN A 1 132 ? -1.999  -18.185 -4.434  1.00 12.40  ? 132 ASN A CG  1 
ATOM   1064 O OD1 . ASN A 1 132 ? -1.701  -17.518 -3.445  1.00 13.58  ? 132 ASN A OD1 1 
ATOM   1065 N ND2 . ASN A 1 132 ? -2.745  -19.291 -4.359  1.00 12.33  ? 132 ASN A ND2 1 
ATOM   1066 N N   . LEU A 1 133 ? -2.230  -14.707 -6.356  1.00 12.76  ? 133 LEU A N   1 
ATOM   1067 C CA  . LEU A 1 133 ? -2.473  -13.369 -5.796  1.00 12.23  ? 133 LEU A CA  1 
ATOM   1068 C C   . LEU A 1 133 ? -3.863  -12.837 -6.167  1.00 12.57  ? 133 LEU A C   1 
ATOM   1069 O O   . LEU A 1 133 ? -4.474  -12.113 -5.381  1.00 12.55  ? 133 LEU A O   1 
ATOM   1070 C CB  . LEU A 1 133 ? -1.418  -12.374 -6.284  1.00 12.29  ? 133 LEU A CB  1 
ATOM   1071 C CG  . LEU A 1 133 ? -0.073  -12.461 -5.567  1.00 11.87  ? 133 LEU A CG  1 
ATOM   1072 C CD1 . LEU A 1 133 ? 0.987   -11.844 -6.461  1.00 13.30  ? 133 LEU A CD1 1 
ATOM   1073 C CD2 . LEU A 1 133 ? -0.170  -11.741 -4.230  1.00 13.74  ? 133 LEU A CD2 1 
ATOM   1074 N N   . ALA A 1 134 ? -4.339  -13.212 -7.352  1.00 13.07  ? 134 ALA A N   1 
ATOM   1075 C CA  . ALA A 1 134 ? -5.629  -12.710 -7.877  1.00 13.50  ? 134 ALA A CA  1 
ATOM   1076 C C   . ALA A 1 134 ? -6.838  -13.430 -7.272  1.00 13.31  ? 134 ALA A C   1 
ATOM   1077 O O   . ALA A 1 134 ? -7.990  -12.948 -7.396  1.00 14.87  ? 134 ALA A O   1 
ATOM   1078 C CB  . ALA A 1 134 ? -5.653  -12.796 -9.385  1.00 13.25  ? 134 ALA A CB  1 
ATOM   1079 N N   . LYS A 1 135 ? -6.595  -14.572 -6.625  1.00 13.62  ? 135 LYS A N   1 
ATOM   1080 C CA  A LYS A 1 135 ? -7.661  -15.304 -5.943  0.50 13.83  ? 135 LYS A CA  1 
ATOM   1081 C CA  B LYS A 1 135 ? -7.641  -15.319 -5.931  0.50 13.59  ? 135 LYS A CA  1 
ATOM   1082 C C   . LYS A 1 135 ? -7.815  -14.735 -4.534  1.00 13.23  ? 135 LYS A C   1 
ATOM   1083 O O   . LYS A 1 135 ? -7.469  -15.367 -3.540  1.00 13.34  ? 135 LYS A O   1 
ATOM   1084 C CB  A LYS A 1 135 ? -7.388  -16.815 -5.929  0.50 14.27  ? 135 LYS A CB  1 
ATOM   1085 C CB  B LYS A 1 135 ? -7.277  -16.806 -5.839  0.50 14.32  ? 135 LYS A CB  1 
ATOM   1086 C CG  A LYS A 1 135 ? -7.456  -17.475 -7.310  0.50 15.49  ? 135 LYS A CG  1 
ATOM   1087 C CG  B LYS A 1 135 ? -7.188  -17.520 -7.173  0.50 15.93  ? 135 LYS A CG  1 
ATOM   1088 C CD  A LYS A 1 135 ? -7.432  -19.008 -7.230  0.50 15.36  ? 135 LYS A CD  1 
ATOM   1089 C CD  B LYS A 1 135 ? -6.848  -18.989 -6.973  0.50 17.78  ? 135 LYS A CD  1 
ATOM   1090 C CE  A LYS A 1 135 ? -6.138  -19.532 -6.617  0.50 18.17  ? 135 LYS A CE  1 
ATOM   1091 C CE  B LYS A 1 135 ? -6.608  -19.671 -8.300  0.50 18.83  ? 135 LYS A CE  1 
ATOM   1092 N NZ  A LYS A 1 135 ? -6.055  -21.022 -6.696  0.50 19.41  ? 135 LYS A NZ  1 
ATOM   1093 N NZ  B LYS A 1 135 ? -6.070  -21.061 -8.158  0.50 18.90  ? 135 LYS A NZ  1 
ATOM   1094 N N   . SER A 1 136 ? -8.350  -13.519 -4.460  1.00 12.57  ? 136 SER A N   1 
ATOM   1095 C CA  . SER A 1 136 ? -8.334  -12.787 -3.205  1.00 12.18  ? 136 SER A CA  1 
ATOM   1096 C C   . SER A 1 136 ? -9.417  -11.716 -3.153  1.00 12.42  ? 136 SER A C   1 
ATOM   1097 O O   . SER A 1 136 ? -9.827  -11.174 -4.197  1.00 12.24  ? 136 SER A O   1 
ATOM   1098 C CB  . SER A 1 136 ? -6.942  -12.138 -3.022  1.00 12.38  ? 136 SER A CB  1 
ATOM   1099 O OG  . SER A 1 136 ? -6.703  -11.142 -4.023  1.00 12.15  ? 136 SER A OG  1 
ATOM   1100 N N   . ARG A 1 137 ? -9.867  -11.417 -1.931  1.00 12.83  ? 137 ARG A N   1 
ATOM   1101 C CA  . ARG A 1 137 ? -10.752 -10.273 -1.707  1.00 12.83  ? 137 ARG A CA  1 
ATOM   1102 C C   . ARG A 1 137 ? -10.100 -9.006  -2.268  1.00 12.75  ? 137 ARG A C   1 
ATOM   1103 O O   . ARG A 1 137 ? -10.732 -8.225  -2.985  1.00 12.58  ? 137 ARG A O   1 
ATOM   1104 C CB  . ARG A 1 137 ? -11.062 -10.068 -0.220  1.00 13.14  ? 137 ARG A CB  1 
ATOM   1105 C CG  . ARG A 1 137 ? -12.019 -8.900  -0.029  1.00 16.03  ? 137 ARG A CG  1 
ATOM   1106 C CD  . ARG A 1 137 ? -12.220 -8.478  1.416   1.00 20.83  ? 137 ARG A CD  1 
ATOM   1107 N NE  . ARG A 1 137 ? -13.198 -7.391  1.483   1.00 22.65  ? 137 ARG A NE  1 
ATOM   1108 C CZ  . ARG A 1 137 ? -12.908 -6.093  1.394   1.00 23.78  ? 137 ARG A CZ  1 
ATOM   1109 N NH1 . ARG A 1 137 ? -11.655 -5.686  1.248   1.00 24.05  ? 137 ARG A NH1 1 
ATOM   1110 N NH2 . ARG A 1 137 ? -13.894 -5.192  1.458   1.00 22.32  ? 137 ARG A NH2 1 
ATOM   1111 N N   . TRP A 1 138 ? -8.807  -8.841  -1.979  1.00 12.51  ? 138 TRP A N   1 
ATOM   1112 C CA  . TRP A 1 138 ? -8.022  -7.718  -2.492  1.00 12.29  ? 138 TRP A CA  1 
ATOM   1113 C C   . TRP A 1 138 ? -8.255  -7.480  -3.981  1.00 12.94  ? 138 TRP A C   1 
ATOM   1114 O O   . TRP A 1 138 ? -8.614  -6.374  -4.403  1.00 13.93  ? 138 TRP A O   1 
ATOM   1115 C CB  . TRP A 1 138 ? -6.543  -8.015  -2.233  1.00 12.59  ? 138 TRP A CB  1 
ATOM   1116 C CG  . TRP A 1 138 ? -5.578  -7.027  -2.819  1.00 12.41  ? 138 TRP A CG  1 
ATOM   1117 C CD1 . TRP A 1 138 ? -5.549  -5.671  -2.607  1.00 13.00  ? 138 TRP A CD1 1 
ATOM   1118 C CD2 . TRP A 1 138 ? -4.431  -7.330  -3.629  1.00 11.72  ? 138 TRP A CD2 1 
ATOM   1119 N NE1 . TRP A 1 138 ? -4.487  -5.102  -3.294  1.00 12.16  ? 138 TRP A NE1 1 
ATOM   1120 C CE2 . TRP A 1 138 ? -3.782  -6.102  -3.917  1.00 12.06  ? 138 TRP A CE2 1 
ATOM   1121 C CE3 . TRP A 1 138 ? -3.906  -8.516  -4.164  1.00 13.54  ? 138 TRP A CE3 1 
ATOM   1122 C CZ2 . TRP A 1 138 ? -2.618  -6.035  -4.690  1.00 12.02  ? 138 TRP A CZ2 1 
ATOM   1123 C CZ3 . TRP A 1 138 ? -2.762  -8.444  -4.932  1.00 12.55  ? 138 TRP A CZ3 1 
ATOM   1124 C CH2 . TRP A 1 138 ? -2.132  -7.211  -5.196  1.00 13.45  ? 138 TRP A CH2 1 
ATOM   1125 N N   . TYR A 1 139 ? -8.042  -8.520  -4.786  1.00 12.82  ? 139 TYR A N   1 
ATOM   1126 C CA  . TYR A 1 139 ? -8.169  -8.397  -6.224  1.00 13.46  ? 139 TYR A CA  1 
ATOM   1127 C C   . TYR A 1 139 ? -9.614  -8.064  -6.601  1.00 13.26  ? 139 TYR A C   1 
ATOM   1128 O O   . TYR A 1 139 ? -9.880  -7.185  -7.425  1.00 13.71  ? 139 TYR A O   1 
ATOM   1129 C CB  . TYR A 1 139 ? -7.713  -9.691  -6.943  1.00 14.76  ? 139 TYR A CB  1 
ATOM   1130 C CG  . TYR A 1 139 ? -7.780  -9.489  -8.434  1.00 15.93  ? 139 TYR A CG  1 
ATOM   1131 C CD1 . TYR A 1 139 ? -6.664  -9.043  -9.139  1.00 17.05  ? 139 TYR A CD1 1 
ATOM   1132 C CD2 . TYR A 1 139 ? -8.977  -9.663  -9.131  1.00 18.40  ? 139 TYR A CD2 1 
ATOM   1133 C CE1 . TYR A 1 139 ? -6.715  -8.793  -10.505 1.00 19.78  ? 139 TYR A CE1 1 
ATOM   1134 C CE2 . TYR A 1 139 ? -9.044  -9.407  -10.515 1.00 19.92  ? 139 TYR A CE2 1 
ATOM   1135 C CZ  . TYR A 1 139 ? -7.907  -8.984  -11.191 1.00 19.72  ? 139 TYR A CZ  1 
ATOM   1136 O OH  . TYR A 1 139 ? -7.956  -8.719  -12.551 1.00 21.31  ? 139 TYR A OH  1 
ATOM   1137 N N   . ASN A 1 140 ? -10.561 -8.771  -6.000  1.00 13.26  ? 140 ASN A N   1 
ATOM   1138 C CA  . ASN A 1 140 ? -11.961 -8.594  -6.397  1.00 13.07  ? 140 ASN A CA  1 
ATOM   1139 C C   . ASN A 1 140 ? -12.501 -7.196  -6.065  1.00 12.85  ? 140 ASN A C   1 
ATOM   1140 O O   . ASN A 1 140 ? -13.328 -6.655  -6.816  1.00 12.94  ? 140 ASN A O   1 
ATOM   1141 C CB  . ASN A 1 140 ? -12.822 -9.686  -5.768  1.00 13.50  ? 140 ASN A CB  1 
ATOM   1142 C CG  . ASN A 1 140 ? -12.698 -11.000 -6.495  1.00 16.21  ? 140 ASN A CG  1 
ATOM   1143 O OD1 . ASN A 1 140 ? -11.986 -11.920 -6.050  1.00 18.00  ? 140 ASN A OD1 1 
ATOM   1144 N ND2 . ASN A 1 140 ? -13.373 -11.101 -7.634  1.00 19.13  ? 140 ASN A ND2 1 
ATOM   1145 N N   . GLN A 1 141 ? -12.015 -6.596  -4.982  1.00 12.29  ? 141 GLN A N   1 
ATOM   1146 C CA  . GLN A 1 141 ? -12.500 -5.275  -4.545  1.00 12.35  ? 141 GLN A CA  1 
ATOM   1147 C C   . GLN A 1 141 ? -11.797 -4.109  -5.256  1.00 12.59  ? 141 GLN A C   1 
ATOM   1148 O O   . GLN A 1 141 ? -12.420 -3.085  -5.543  1.00 13.89  ? 141 GLN A O   1 
ATOM   1149 C CB  . GLN A 1 141 ? -12.381 -5.113  -3.029  1.00 12.60  ? 141 GLN A CB  1 
ATOM   1150 C CG  . GLN A 1 141 ? -13.145 -6.156  -2.199  1.00 13.23  ? 141 GLN A CG  1 
ATOM   1151 C CD  . GLN A 1 141 ? -14.649 -6.248  -2.500  1.00 13.43  ? 141 GLN A CD  1 
ATOM   1152 O OE1 . GLN A 1 141 ? -15.175 -7.342  -2.710  1.00 14.17  ? 141 GLN A OE1 1 
ATOM   1153 N NE2 . GLN A 1 141 ? -15.343 -5.111  -2.486  1.00 14.71  ? 141 GLN A NE2 1 
ATOM   1154 N N   . THR A 1 142 ? -10.494 -4.266  -5.520  1.00 12.28  ? 142 THR A N   1 
ATOM   1155 C CA  . THR A 1 142 ? -9.734  -3.268  -6.279  1.00 11.59  ? 142 THR A CA  1 
ATOM   1156 C C   . THR A 1 142 ? -8.991  -3.943  -7.426  1.00 11.74  ? 142 THR A C   1 
ATOM   1157 O O   . THR A 1 142 ? -7.761  -4.082  -7.398  1.00 11.57  ? 142 THR A O   1 
ATOM   1158 C CB  . THR A 1 142 ? -8.754  -2.471  -5.394  1.00 11.88  ? 142 THR A CB  1 
ATOM   1159 O OG1 . THR A 1 142 ? -7.922  -3.371  -4.646  1.00 12.64  ? 142 THR A OG1 1 
ATOM   1160 C CG2 . THR A 1 142 ? -9.522  -1.587  -4.417  1.00 10.94  ? 142 THR A CG2 1 
ATOM   1161 N N   . PRO A 1 143 ? -9.732  -4.412  -8.429  1.00 11.94  ? 143 PRO A N   1 
ATOM   1162 C CA  . PRO A 1 143 ? -9.090  -5.201  -9.485  1.00 12.18  ? 143 PRO A CA  1 
ATOM   1163 C C   . PRO A 1 143 ? -8.121  -4.428  -10.363 1.00 12.57  ? 143 PRO A C   1 
ATOM   1164 O O   . PRO A 1 143 ? -7.109  -4.989  -10.793 1.00 12.53  ? 143 PRO A O   1 
ATOM   1165 C CB  . PRO A 1 143 ? -10.272 -5.701  -10.324 1.00 13.03  ? 143 PRO A CB  1 
ATOM   1166 C CG  . PRO A 1 143 ? -11.366 -4.703  -10.040 1.00 12.65  ? 143 PRO A CG  1 
ATOM   1167 C CD  . PRO A 1 143 ? -11.196 -4.290  -8.619  1.00 12.81  ? 143 PRO A CD  1 
ATOM   1168 N N   . ASP A 1 144 ? -8.419  -3.171  -10.674 1.00 12.62  ? 144 ASP A N   1 
ATOM   1169 C CA  . ASP A 1 144 ? -7.536  -2.484  -11.602 1.00 13.34  ? 144 ASP A CA  1 
ATOM   1170 C C   . ASP A 1 144 ? -6.180  -2.177  -10.950 1.00 13.36  ? 144 ASP A C   1 
ATOM   1171 O O   . ASP A 1 144 ? -5.134  -2.377  -11.571 1.00 13.29  ? 144 ASP A O   1 
ATOM   1172 C CB  . ASP A 1 144 ? -8.241  -1.291  -12.232 1.00 14.52  ? 144 ASP A CB  1 
ATOM   1173 C CG  . ASP A 1 144 ? -9.321  -1.732  -13.228 1.00 15.51  ? 144 ASP A CG  1 
ATOM   1174 O OD1 . ASP A 1 144 ? -9.209  -2.841  -13.817 1.00 21.12  ? 144 ASP A OD1 1 
ATOM   1175 O OD2 . ASP A 1 144 ? -10.253 -0.964  -13.442 1.00 21.90  ? 144 ASP A OD2 1 
ATOM   1176 N N   . ARG A 1 145 ? -6.208  -1.790  -9.684  1.00 13.63  ? 145 ARG A N   1 
ATOM   1177 C CA  . ARG A 1 145 ? -4.973  -1.589  -8.936  1.00 13.43  ? 145 ARG A CA  1 
ATOM   1178 C C   . ARG A 1 145 ? -4.258  -2.909  -8.675  1.00 13.73  ? 145 ARG A C   1 
ATOM   1179 O O   . ARG A 1 145 ? -3.045  -3.025  -8.905  1.00 13.55  ? 145 ARG A O   1 
ATOM   1180 C CB  . ARG A 1 145 ? -5.227  -0.826  -7.639  1.00 14.53  ? 145 ARG A CB  1 
ATOM   1181 C CG  . ARG A 1 145 ? -3.930  -0.586  -6.906  1.00 15.82  ? 145 ARG A CG  1 
ATOM   1182 C CD  . ARG A 1 145 ? -4.170  -0.444  -5.453  1.00 17.00  ? 145 ARG A CD  1 
ATOM   1183 N NE  . ARG A 1 145 ? -2.960  -0.074  -4.714  1.00 12.81  ? 145 ARG A NE  1 
ATOM   1184 C CZ  . ARG A 1 145 ? -2.994  0.765   -3.686  1.00 13.67  ? 145 ARG A CZ  1 
ATOM   1185 N NH1 . ARG A 1 145 ? -4.166  1.323   -3.326  1.00 14.40  ? 145 ARG A NH1 1 
ATOM   1186 N NH2 . ARG A 1 145 ? -1.889  1.071   -3.022  1.00 13.71  ? 145 ARG A NH2 1 
ATOM   1187 N N   . ALA A 1 146 ? -4.996  -3.920  -8.229  1.00 13.58  ? 146 ALA A N   1 
ATOM   1188 C CA  . ALA A 1 146 ? -4.372  -5.223  -7.984  1.00 13.37  ? 146 ALA A CA  1 
ATOM   1189 C C   . ALA A 1 146 ? -3.727  -5.763  -9.268  1.00 13.28  ? 146 ALA A C   1 
ATOM   1190 O O   . ALA A 1 146 ? -2.640  -6.337  -9.221  1.00 13.83  ? 146 ALA A O   1 
ATOM   1191 C CB  . ALA A 1 146 ? -5.364  -6.213  -7.394  1.00 13.80  ? 146 ALA A CB  1 
ATOM   1192 N N   . LYS A 1 147 ? -4.363  -5.567  -10.423 1.00 13.05  ? 147 LYS A N   1 
ATOM   1193 C CA  A LYS A 1 147 ? -3.764  -6.036  -11.679 0.50 13.32  ? 147 LYS A CA  1 
ATOM   1194 C CA  B LYS A 1 147 ? -3.772  -6.035  -11.679 0.50 13.25  ? 147 LYS A CA  1 
ATOM   1195 C C   . LYS A 1 147 ? -2.391  -5.417  -11.899 1.00 13.02  ? 147 LYS A C   1 
ATOM   1196 O O   . LYS A 1 147 ? -1.458  -6.096  -12.342 1.00 13.61  ? 147 LYS A O   1 
ATOM   1197 C CB  A LYS A 1 147 ? -4.654  -5.719  -12.871 0.50 13.50  ? 147 LYS A CB  1 
ATOM   1198 C CB  B LYS A 1 147 ? -4.680  -5.710  -12.858 0.50 13.21  ? 147 LYS A CB  1 
ATOM   1199 C CG  A LYS A 1 147 ? -5.653  -6.793  -13.227 0.50 14.65  ? 147 LYS A CG  1 
ATOM   1200 C CG  B LYS A 1 147 ? -4.407  -6.523  -14.105 0.50 13.11  ? 147 LYS A CG  1 
ATOM   1201 C CD  A LYS A 1 147 ? -6.656  -6.222  -14.203 0.50 17.18  ? 147 LYS A CD  1 
ATOM   1202 C CD  B LYS A 1 147 ? -5.300  -6.099  -15.277 0.50 14.07  ? 147 LYS A CD  1 
ATOM   1203 C CE  A LYS A 1 147 ? -6.661  -6.972  -15.515 0.50 18.25  ? 147 LYS A CE  1 
ATOM   1204 C CE  B LYS A 1 147 ? -6.788  -6.030  -14.926 0.50 17.21  ? 147 LYS A CE  1 
ATOM   1205 N NZ  A LYS A 1 147 ? -7.461  -6.239  -16.529 0.50 18.32  ? 147 LYS A NZ  1 
ATOM   1206 N NZ  B LYS A 1 147 ? -7.475  -7.340  -14.717 0.50 19.53  ? 147 LYS A NZ  1 
ATOM   1207 N N   . ARG A 1 148 ? -2.261  -4.125  -11.611 1.00 12.82  ? 148 ARG A N   1 
ATOM   1208 C CA  . ARG A 1 148 ? -0.982  -3.435  -11.790 1.00 12.34  ? 148 ARG A CA  1 
ATOM   1209 C C   . ARG A 1 148 ? 0.056   -3.993  -10.823 1.00 12.49  ? 148 ARG A C   1 
ATOM   1210 O O   . ARG A 1 148 ? 1.190   -4.273  -11.201 1.00 12.66  ? 148 ARG A O   1 
ATOM   1211 C CB  . ARG A 1 148 ? -1.123  -1.929  -11.580 1.00 11.87  ? 148 ARG A CB  1 
ATOM   1212 C CG  . ARG A 1 148 ? -1.925  -1.197  -12.648 1.00 12.29  ? 148 ARG A CG  1 
ATOM   1213 C CD  . ARG A 1 148 ? -1.748  0.304   -12.493 1.00 12.00  ? 148 ARG A CD  1 
ATOM   1214 N NE  . ARG A 1 148 ? -2.414  0.867   -11.310 1.00 12.10  ? 148 ARG A NE  1 
ATOM   1215 C CZ  . ARG A 1 148 ? -3.690  1.244   -11.278 1.00 14.67  ? 148 ARG A CZ  1 
ATOM   1216 N NH1 . ARG A 1 148 ? -4.446  1.110   -12.368 1.00 14.98  ? 148 ARG A NH1 1 
ATOM   1217 N NH2 . ARG A 1 148 ? -4.204  1.764   -10.161 1.00 14.90  ? 148 ARG A NH2 1 
ATOM   1218 N N   . VAL A 1 149 ? -0.334  -4.151  -9.566  1.00 12.00  ? 149 VAL A N   1 
ATOM   1219 C CA  . VAL A 1 149 ? 0.614   -4.631  -8.544  1.00 12.08  ? 149 VAL A CA  1 
ATOM   1220 C C   . VAL A 1 149 ? 1.048   -6.065  -8.884  1.00 12.85  ? 149 VAL A C   1 
ATOM   1221 O O   . VAL A 1 149 ? 2.246   -6.416  -8.804  1.00 12.68  ? 149 VAL A O   1 
ATOM   1222 C CB  . VAL A 1 149 ? -0.009  -4.565  -7.133  1.00 12.37  ? 149 VAL A CB  1 
ATOM   1223 C CG1 . VAL A 1 149 ? 0.967   -5.146  -6.100  1.00 12.52  ? 149 VAL A CG1 1 
ATOM   1224 C CG2 . VAL A 1 149 ? -0.295  -3.119  -6.775  1.00 11.97  ? 149 VAL A CG2 1 
ATOM   1225 N N   . ILE A 1 150 ? 0.084   -6.887  -9.285  1.00 12.97  ? 150 ILE A N   1 
ATOM   1226 C CA  . ILE A 1 150 ? 0.378   -8.266  -9.664  1.00 13.36  ? 150 ILE A CA  1 
ATOM   1227 C C   . ILE A 1 150 ? 1.298   -8.344  -10.886 1.00 13.47  ? 150 ILE A C   1 
ATOM   1228 O O   . ILE A 1 150 ? 2.219   -9.144  -10.891 1.00 14.06  ? 150 ILE A O   1 
ATOM   1229 C CB  . ILE A 1 150 ? -0.906  -9.091  -9.882  1.00 13.58  ? 150 ILE A CB  1 
ATOM   1230 C CG1 . ILE A 1 150 ? -1.642  -9.245  -8.558  1.00 13.81  ? 150 ILE A CG1 1 
ATOM   1231 C CG2 . ILE A 1 150 ? -0.559  -10.429 -10.496 1.00 13.89  ? 150 ILE A CG2 1 
ATOM   1232 C CD1 . ILE A 1 150 ? -3.016  -9.862  -8.703  1.00 13.64  ? 150 ILE A CD1 1 
ATOM   1233 N N   . THR A 1 151 ? 1.047   -7.528  -11.916 1.00 12.93  ? 151 THR A N   1 
ATOM   1234 C CA  . THR A 1 151 ? 1.949   -7.492  -13.077 1.00 13.40  ? 151 THR A CA  1 
ATOM   1235 C C   . THR A 1 151 ? 3.372   -7.171  -12.640 1.00 12.85  ? 151 THR A C   1 
ATOM   1236 O O   . THR A 1 151 ? 4.351   -7.720  -13.184 1.00 12.89  ? 151 THR A O   1 
ATOM   1237 C CB  . THR A 1 151 ? 1.459   -6.480  -14.110 1.00 14.12  ? 151 THR A CB  1 
ATOM   1238 O OG1 . THR A 1 151 ? 0.287   -7.022  -14.730 1.00 15.17  ? 151 THR A OG1 1 
ATOM   1239 C CG2 . THR A 1 151 ? 2.515   -6.221  -15.167 1.00 15.06  ? 151 THR A CG2 1 
ATOM   1240 N N   . THR A 1 152 ? 3.493   -6.262  -11.675 1.00 11.99  ? 152 THR A N   1 
ATOM   1241 C CA  . THR A 1 152 ? 4.805   -5.877  -11.134 1.00 12.68  ? 152 THR A CA  1 
ATOM   1242 C C   . THR A 1 152 ? 5.460   -7.075  -10.431 1.00 12.59  ? 152 THR A C   1 
ATOM   1243 O O   . THR A 1 152 ? 6.649   -7.365  -10.642 1.00 12.23  ? 152 THR A O   1 
ATOM   1244 C CB  . THR A 1 152 ? 4.674   -4.642  -10.211 1.00 12.82  ? 152 THR A CB  1 
ATOM   1245 O OG1 . THR A 1 152 ? 3.905   -3.630  -10.892 1.00 13.95  ? 152 THR A OG1 1 
ATOM   1246 C CG2 . THR A 1 152 ? 6.044   -4.047  -9.908  1.00 14.12  ? 152 THR A CG2 1 
ATOM   1247 N N   . PHE A 1 153 ? 4.692   -7.789  -9.613  1.00 12.37  ? 153 PHE A N   1 
ATOM   1248 C CA  . PHE A 1 153 ? 5.202   -9.032  -8.997  1.00 13.10  ? 153 PHE A CA  1 
ATOM   1249 C C   . PHE A 1 153 ? 5.588   -10.092 -10.043 1.00 13.81  ? 153 PHE A C   1 
ATOM   1250 O O   . PHE A 1 153 ? 6.570   -10.842 -9.860  1.00 15.17  ? 153 PHE A O   1 
ATOM   1251 C CB  . PHE A 1 153 ? 4.162   -9.666  -8.073  1.00 12.90  ? 153 PHE A CB  1 
ATOM   1252 C CG  . PHE A 1 153 ? 4.135   -9.110  -6.668  1.00 12.08  ? 153 PHE A CG  1 
ATOM   1253 C CD1 . PHE A 1 153 ? 2.930   -8.662  -6.128  1.00 14.34  ? 153 PHE A CD1 1 
ATOM   1254 C CD2 . PHE A 1 153 ? 5.278   -9.124  -5.850  1.00 13.41  ? 153 PHE A CD2 1 
ATOM   1255 C CE1 . PHE A 1 153 ? 2.852   -8.179  -4.820  1.00 14.28  ? 153 PHE A CE1 1 
ATOM   1256 C CE2 . PHE A 1 153 ? 5.207   -8.644  -4.530  1.00 14.63  ? 153 PHE A CE2 1 
ATOM   1257 C CZ  . PHE A 1 153 ? 3.996   -8.169  -4.018  1.00 13.21  ? 153 PHE A CZ  1 
ATOM   1258 N N   . ARG A 1 154 ? 4.804   -10.179 -11.116 1.00 13.76  ? 154 ARG A N   1 
ATOM   1259 C CA  A ARG A 1 154 ? 5.012   -11.239 -12.094 0.50 14.17  ? 154 ARG A CA  1 
ATOM   1260 C CA  B ARG A 1 154 ? 4.984   -11.221 -12.128 0.50 13.91  ? 154 ARG A CA  1 
ATOM   1261 C C   . ARG A 1 154 ? 6.243   -10.998 -12.966 1.00 14.17  ? 154 ARG A C   1 
ATOM   1262 O O   . ARG A 1 154 ? 6.959   -11.954 -13.310 1.00 14.68  ? 154 ARG A O   1 
ATOM   1263 C CB  A ARG A 1 154 ? 3.765   -11.446 -12.962 0.50 14.18  ? 154 ARG A CB  1 
ATOM   1264 C CB  B ARG A 1 154 ? 3.745   -11.289 -13.040 0.50 13.74  ? 154 ARG A CB  1 
ATOM   1265 C CG  A ARG A 1 154 ? 3.768   -12.796 -13.691 0.50 14.58  ? 154 ARG A CG  1 
ATOM   1266 C CG  B ARG A 1 154 ? 3.787   -12.405 -14.100 0.50 13.65  ? 154 ARG A CG  1 
ATOM   1267 C CD  A ARG A 1 154 ? 2.569   -12.971 -14.623 0.50 15.15  ? 154 ARG A CD  1 
ATOM   1268 C CD  B ARG A 1 154 ? 2.480   -12.497 -14.904 0.50 14.49  ? 154 ARG A CD  1 
ATOM   1269 N NE  A ARG A 1 154 ? 2.463   -11.884 -15.592 0.50 18.82  ? 154 ARG A NE  1 
ATOM   1270 N NE  B ARG A 1 154 ? 2.237   -11.300 -15.716 0.50 17.78  ? 154 ARG A NE  1 
ATOM   1271 C CZ  A ARG A 1 154 ? 3.192   -11.768 -16.699 0.50 19.98  ? 154 ARG A CZ  1 
ATOM   1272 C CZ  B ARG A 1 154 ? 1.304   -10.382 -15.464 0.50 18.02  ? 154 ARG A CZ  1 
ATOM   1273 N NH1 A ARG A 1 154 ? 4.102   -12.682 -17.018 0.50 21.19  ? 154 ARG A NH1 1 
ATOM   1274 N NH1 B ARG A 1 154 ? 0.487   -10.505 -14.422 0.50 18.00  ? 154 ARG A NH1 1 
ATOM   1275 N NH2 A ARG A 1 154 ? 3.004   -10.724 -17.494 0.50 21.40  ? 154 ARG A NH2 1 
ATOM   1276 N NH2 B ARG A 1 154 ? 1.189   -9.330  -16.264 0.50 16.66  ? 154 ARG A NH2 1 
ATOM   1277 N N   . THR A 1 155 ? 6.490   -9.738  -13.314 1.00 13.96  ? 155 THR A N   1 
ATOM   1278 C CA  . THR A 1 155 ? 7.507   -9.401  -14.328 1.00 13.97  ? 155 THR A CA  1 
ATOM   1279 C C   . THR A 1 155 ? 8.782   -8.759  -13.791 1.00 14.25  ? 155 THR A C   1 
ATOM   1280 O O   . THR A 1 155 ? 9.832   -8.775  -14.463 1.00 13.35  ? 155 THR A O   1 
ATOM   1281 C CB  . THR A 1 155 ? 6.924   -8.441  -15.392 1.00 13.75  ? 155 THR A CB  1 
ATOM   1282 O OG1 . THR A 1 155 ? 6.585   -7.189  -14.776 1.00 14.47  ? 155 THR A OG1 1 
ATOM   1283 C CG2 . THR A 1 155 ? 5.683   -9.031  -16.048 1.00 14.50  ? 155 THR A CG2 1 
ATOM   1284 N N   . GLY A 1 156 ? 8.699   -8.150  -12.620 1.00 13.82  ? 156 GLY A N   1 
ATOM   1285 C CA  . GLY A 1 156 ? 9.808   -7.359  -12.102 1.00 14.12  ? 156 GLY A CA  1 
ATOM   1286 C C   . GLY A 1 156 ? 10.105  -6.168  -12.991 1.00 14.43  ? 156 GLY A C   1 
ATOM   1287 O O   . GLY A 1 156 ? 11.222  -5.667  -12.986 1.00 15.10  ? 156 GLY A O   1 
ATOM   1288 N N   . THR A 1 157 ? 9.108   -5.735  -13.776 1.00 13.77  ? 157 THR A N   1 
ATOM   1289 C CA  . THR A 1 157 ? 9.207   -4.517  -14.592 1.00 14.63  ? 157 THR A CA  1 
ATOM   1290 C C   . THR A 1 157 ? 8.132   -3.510  -14.167 1.00 14.03  ? 157 THR A C   1 
ATOM   1291 O O   . THR A 1 157 ? 7.224   -3.838  -13.401 1.00 14.36  ? 157 THR A O   1 
ATOM   1292 C CB  . THR A 1 157 ? 8.978   -4.783  -16.102 1.00 15.51  ? 157 THR A CB  1 
ATOM   1293 O OG1 . THR A 1 157 ? 7.571   -4.973  -16.358 1.00 16.08  ? 157 THR A OG1 1 
ATOM   1294 C CG2 . THR A 1 157 ? 9.781   -5.980  -16.605 1.00 15.94  ? 157 THR A CG2 1 
ATOM   1295 N N   . TRP A 1 158 ? 8.247   -2.292  -14.688 1.00 14.46  ? 158 TRP A N   1 
ATOM   1296 C CA  . TRP A 1 158 ? 7.279   -1.231  -14.415 1.00 14.95  ? 158 TRP A CA  1 
ATOM   1297 C C   . TRP A 1 158 ? 6.242   -1.085  -15.524 1.00 15.54  ? 158 TRP A C   1 
ATOM   1298 O O   . TRP A 1 158 ? 5.598   -0.038  -15.631 1.00 15.93  ? 158 TRP A O   1 
ATOM   1299 C CB  . TRP A 1 158 ? 8.016   0.091   -14.249 1.00 14.88  ? 158 TRP A CB  1 
ATOM   1300 C CG  . TRP A 1 158 ? 8.825   0.175   -13.006 1.00 15.54  ? 158 TRP A CG  1 
ATOM   1301 C CD1 . TRP A 1 158 ? 10.190  0.214   -12.911 1.00 14.91  ? 158 TRP A CD1 1 
ATOM   1302 C CD2 . TRP A 1 158 ? 8.322   0.255   -11.677 1.00 14.86  ? 158 TRP A CD2 1 
ATOM   1303 N NE1 . TRP A 1 158 ? 10.569  0.315   -11.591 1.00 14.66  ? 158 TRP A NE1 1 
ATOM   1304 C CE2 . TRP A 1 158 ? 9.438   0.332   -10.807 1.00 14.36  ? 158 TRP A CE2 1 
ATOM   1305 C CE3 . TRP A 1 158 ? 7.024   0.253   -11.124 1.00 15.01  ? 158 TRP A CE3 1 
ATOM   1306 C CZ2 . TRP A 1 158 ? 9.301   0.438   -9.419  1.00 15.02  ? 158 TRP A CZ2 1 
ATOM   1307 C CZ3 . TRP A 1 158 ? 6.890   0.342   -9.736  1.00 15.43  ? 158 TRP A CZ3 1 
ATOM   1308 C CH2 . TRP A 1 158 ? 8.022   0.448   -8.903  1.00 15.44  ? 158 TRP A CH2 1 
ATOM   1309 N N   . ASP A 1 159 ? 6.076   -2.132  -16.336 1.00 16.19  ? 159 ASP A N   1 
ATOM   1310 C CA  . ASP A 1 159 ? 5.197   -2.067  -17.502 1.00 16.90  ? 159 ASP A CA  1 
ATOM   1311 C C   . ASP A 1 159 ? 3.772   -1.598  -17.168 1.00 16.52  ? 159 ASP A C   1 
ATOM   1312 O O   . ASP A 1 159 ? 3.152   -0.856  -17.946 1.00 16.49  ? 159 ASP A O   1 
ATOM   1313 C CB  . ASP A 1 159 ? 5.158   -3.423  -18.213 1.00 17.64  ? 159 ASP A CB  1 
ATOM   1314 C CG  . ASP A 1 159 ? 6.443   -3.724  -18.986 1.00 20.61  ? 159 ASP A CG  1 
ATOM   1315 O OD1 . ASP A 1 159 ? 7.373   -2.896  -18.968 1.00 23.90  ? 159 ASP A OD1 1 
ATOM   1316 O OD2 . ASP A 1 159 ? 6.501   -4.798  -19.622 1.00 25.58  ? 159 ASP A OD2 1 
ATOM   1317 N N   . ALA A 1 160 ? 3.262   -2.010  -16.006 1.00 15.42  ? 160 ALA A N   1 
ATOM   1318 C CA  . ALA A 1 160 ? 1.884   -1.663  -15.622 1.00 15.34  ? 160 ALA A CA  1 
ATOM   1319 C C   . ALA A 1 160 ? 1.705   -0.191  -15.224 1.00 16.50  ? 160 ALA A C   1 
ATOM   1320 O O   . ALA A 1 160 ? 0.562   0.276   -15.093 1.00 16.41  ? 160 ALA A O   1 
ATOM   1321 C CB  . ALA A 1 160 ? 1.395   -2.587  -14.507 1.00 15.03  ? 160 ALA A CB  1 
ATOM   1322 N N   . TYR A 1 161 ? 2.810   0.528   -15.028 1.00 16.60  ? 161 TYR A N   1 
ATOM   1323 C CA  . TYR A 1 161 ? 2.748   1.926   -14.572 1.00 17.48  ? 161 TYR A CA  1 
ATOM   1324 C C   . TYR A 1 161 ? 3.097   2.961   -15.668 1.00 19.22  ? 161 TYR A C   1 
ATOM   1325 O O   . TYR A 1 161 ? 3.281   4.145   -15.389 1.00 19.85  ? 161 TYR A O   1 
ATOM   1326 C CB  . TYR A 1 161 ? 3.523   2.113   -13.253 1.00 16.87  ? 161 TYR A CB  1 
ATOM   1327 C CG  . TYR A 1 161 ? 2.799   1.450   -12.104 1.00 15.57  ? 161 TYR A CG  1 
ATOM   1328 C CD1 . TYR A 1 161 ? 3.014   0.108   -11.809 1.00 16.05  ? 161 TYR A CD1 1 
ATOM   1329 C CD2 . TYR A 1 161 ? 1.862   2.157   -11.330 1.00 14.38  ? 161 TYR A CD2 1 
ATOM   1330 C CE1 . TYR A 1 161 ? 2.337   -0.521  -10.778 1.00 14.12  ? 161 TYR A CE1 1 
ATOM   1331 C CE2 . TYR A 1 161 ? 1.176   1.540   -10.284 1.00 13.85  ? 161 TYR A CE2 1 
ATOM   1332 C CZ  . TYR A 1 161 ? 1.415   0.193   -10.018 1.00 13.99  ? 161 TYR A CZ  1 
ATOM   1333 O OH  . TYR A 1 161 ? 0.769   -0.444  -9.005  1.00 14.69  ? 161 TYR A OH  1 
ATOM   1334 N N   . LYS A 1 162 ? 3.142   2.487   -16.911 0.50 20.83  ? 162 LYS A N   1 
ATOM   1335 C CA  . LYS A 1 162 ? 2.919   3.338   -18.085 0.50 22.22  ? 162 LYS A CA  1 
ATOM   1336 C C   . LYS A 1 162 ? 2.453   2.512   -19.275 0.50 22.70  ? 162 LYS A C   1 
ATOM   1337 O O   . LYS A 1 162 ? 1.337   2.707   -19.763 0.50 23.61  ? 162 LYS A O   1 
ATOM   1338 C CB  . LYS A 1 162 ? 4.135   4.199   -18.439 0.50 22.47  ? 162 LYS A CB  1 
ATOM   1339 C CG  . LYS A 1 162 ? 3.872   5.238   -19.555 0.50 24.23  ? 162 LYS A CG  1 
ATOM   1340 C CD  . LYS A 1 162 ? 2.504   5.926   -19.427 0.50 27.05  ? 162 LYS A CD  1 
ATOM   1341 C CE  . LYS A 1 162 ? 2.500   7.054   -18.398 0.50 27.75  ? 162 LYS A CE  1 
ATOM   1342 N NZ  . LYS A 1 162 ? 1.104   7.470   -18.070 0.50 29.23  ? 162 LYS A NZ  1 
HETATM 1343 P P   . PO4 B 2 .   ? -15.663 9.484   -1.110  0.75 13.83  ? 165 PO4 A P   1 
HETATM 1344 O O1  . PO4 B 2 .   ? -16.449 8.361   -0.504  0.75 12.34  ? 165 PO4 A O1  1 
HETATM 1345 O O2  . PO4 B 2 .   ? -14.368 8.968   -1.750  0.75 12.59  ? 165 PO4 A O2  1 
HETATM 1346 O O3  . PO4 B 2 .   ? -16.425 10.107  -2.269  0.75 12.06  ? 165 PO4 A O3  1 
HETATM 1347 O O4  . PO4 B 2 .   ? -15.307 10.527  -0.047  0.75 13.08  ? 165 PO4 A O4  1 
HETATM 1348 P P   . PO4 C 2 .   ? -9.553  17.323  -3.020  0.50 24.65  ? 166 PO4 A P   1 
HETATM 1349 O O1  . PO4 C 2 .   ? -9.900  16.823  -1.640  0.50 23.27  ? 166 PO4 A O1  1 
HETATM 1350 O O2  . PO4 C 2 .   ? -8.152  17.884  -3.008  0.50 23.30  ? 166 PO4 A O2  1 
HETATM 1351 O O3  . PO4 C 2 .   ? -9.666  16.192  -4.031  0.50 23.28  ? 166 PO4 A O3  1 
HETATM 1352 O O4  . PO4 C 2 .   ? -10.508 18.419  -3.428  0.50 25.35  ? 166 PO4 A O4  1 
HETATM 1353 C C9  A JZ0 D 3 .   ? 6.478   -9.002  1.297   0.50 11.97  ? 167 JZ0 A C9  1 
HETATM 1354 C C9  B JZ0 D 3 .   ? 5.915   -9.776  -0.299  0.50 17.80  ? 167 JZ0 A C9  1 
HETATM 1355 C C10 A JZ0 D 3 .   ? 6.791   -9.874  0.255   0.50 13.40  ? 167 JZ0 A C10 1 
HETATM 1356 C C10 B JZ0 D 3 .   ? 6.889   -9.503  0.659   0.50 17.53  ? 167 JZ0 A C10 1 
HETATM 1357 C C11 A JZ0 D 3 .   ? 5.865   -10.110 -0.762  0.50 12.42  ? 167 JZ0 A C11 1 
HETATM 1358 C C11 B JZ0 D 3 .   ? 6.608   -8.639  1.716   0.50 18.04  ? 167 JZ0 A C11 1 
HETATM 1359 C C12 A JZ0 D 3 .   ? 4.628   -9.460  -0.713  0.50 13.05  ? 167 JZ0 A C12 1 
HETATM 1360 C C12 B JZ0 D 3 .   ? 5.357   -8.047  1.831   0.50 18.06  ? 167 JZ0 A C12 1 
HETATM 1361 C C13 A JZ0 D 3 .   ? 4.321   -8.590  0.337   0.50 11.67  ? 167 JZ0 A C13 1 
HETATM 1362 C C13 B JZ0 D 3 .   ? 4.376   -8.320  0.879   0.50 16.80  ? 167 JZ0 A C13 1 
HETATM 1363 C C14 A JZ0 D 3 .   ? 5.249   -8.354  1.352   0.50 12.86  ? 167 JZ0 A C14 1 
HETATM 1364 C C14 B JZ0 D 3 .   ? 4.659   -9.182  -0.180  0.50 17.14  ? 167 JZ0 A C14 1 
HETATM 1365 C C15 A JZ0 D 3 .   ? 4.918   -7.388  2.511   0.50 11.87  ? 167 JZ0 A C15 1 
HETATM 1366 C C15 B JZ0 D 3 .   ? 3.597   -9.483  -1.225  0.50 17.02  ? 167 JZ0 A C15 1 
HETATM 1367 O OAB A JZ0 D 3 .   ? 3.118   -7.968  0.358   0.50 13.31  ? 167 JZ0 A OAB 1 
HETATM 1368 O OAB B JZ0 D 3 .   ? 3.156   -7.738  0.995   0.50 17.38  ? 167 JZ0 A OAB 1 
HETATM 1369 O O   . HOH E 4 .   ? 17.470  -12.953 3.658   1.00 28.06  ? 168 HOH A O   1 
HETATM 1370 O O   . HOH E 4 .   ? 1.370   -2.922  11.413  1.00 40.18  ? 169 HOH A O   1 
HETATM 1371 O O   . HOH E 4 .   ? -7.818  10.125  -6.148  1.00 27.74  ? 170 HOH A O   1 
HETATM 1372 O O   . HOH E 4 .   ? 1.298   -15.275 -17.603 1.00 29.65  ? 171 HOH A O   1 
HETATM 1373 O O   . HOH E 4 .   ? -5.915  23.846  7.168   1.00 24.19  ? 172 HOH A O   1 
HETATM 1374 O O   . HOH E 4 .   ? -3.127  10.001  11.231  1.00 26.59  ? 173 HOH A O   1 
HETATM 1375 O O   . HOH E 4 .   ? 7.638   -7.748  -18.954 1.00 44.40  ? 174 HOH A O   1 
HETATM 1376 O O   . HOH E 4 .   ? -8.851  -0.729  -8.416  1.00 12.07  ? 175 HOH A O   1 
HETATM 1377 O O   . HOH E 4 .   ? -4.050  8.765   -9.222  1.00 35.71  ? 176 HOH A O   1 
HETATM 1378 O O   . HOH E 4 .   ? -7.416  7.313   -6.667  1.00 37.98  ? 177 HOH A O   1 
HETATM 1379 O O   . HOH E 4 .   ? -15.294 -1.725  3.983   1.00 34.30  ? 178 HOH A O   1 
HETATM 1380 O O   . HOH E 4 .   ? 2.083   -7.001  12.177  1.00 30.63  ? 179 HOH A O   1 
HETATM 1381 O O   . HOH E 4 .   ? -10.042 18.342  15.673  1.00 31.69  ? 180 HOH A O   1 
HETATM 1382 O O   . HOH E 4 .   ? 8.739   9.008   9.239   1.00 61.79  ? 181 HOH A O   1 
HETATM 1383 O O   . HOH E 4 .   ? -15.950 -2.095  1.042   1.00 26.60  ? 182 HOH A O   1 
HETATM 1384 O O   . HOH E 4 .   ? 6.437   -26.219 -3.319  1.00 40.68  ? 183 HOH A O   1 
HETATM 1385 O O   . HOH E 4 .   ? -16.908 14.380  5.022   1.00 30.03  ? 184 HOH A O   1 
HETATM 1386 O O   . HOH E 4 .   ? -2.611  3.390   3.076   1.00 22.63  ? 185 HOH A O   1 
HETATM 1387 O O   . HOH E 4 .   ? -6.302  -9.955  2.773   1.00 21.86  ? 186 HOH A O   1 
HETATM 1388 O O   . HOH E 4 .   ? -6.279  -16.210 -10.613 1.00 17.82  ? 187 HOH A O   1 
HETATM 1389 O O   . HOH E 4 .   ? 4.759   0.024   10.810  1.00 35.19  ? 188 HOH A O   1 
HETATM 1390 O O   . HOH E 4 .   ? -5.487  5.000   -9.127  1.00 28.05  ? 189 HOH A O   1 
HETATM 1391 O O   . HOH E 4 .   ? 2.122   5.463   9.019   1.00 29.29  ? 190 HOH A O   1 
HETATM 1392 O O   . HOH E 4 .   ? 2.345   -21.629 -1.748  1.00 23.41  ? 191 HOH A O   1 
HETATM 1393 O O   . HOH E 4 .   ? 2.312   -19.473 -17.152 1.00 23.84  ? 192 HOH A O   1 
HETATM 1394 O O   . HOH E 4 .   ? -10.991 -2.045  -1.261  1.00 23.56  ? 193 HOH A O   1 
HETATM 1395 O O   . HOH E 4 .   ? 1.735   14.688  -6.918  1.00 33.88  ? 194 HOH A O   1 
HETATM 1396 O O   . HOH E 4 .   ? 4.790   -6.914  -19.074 1.00 55.89  ? 195 HOH A O   1 
HETATM 1397 O O   . HOH E 4 .   ? 4.650   -15.213 4.972   1.00 35.51  ? 196 HOH A O   1 
HETATM 1398 O O   . HOH E 4 .   ? 2.262   -15.341 6.170   1.00 34.52  ? 197 HOH A O   1 
HETATM 1399 O O   . HOH E 4 .   ? -18.406 5.001   5.052   1.00 29.41  ? 198 HOH A O   1 
HETATM 1400 O O   . HOH E 4 .   ? -0.160  16.473  -7.958  1.00 40.40  ? 199 HOH A O   1 
HETATM 1401 O O   . HOH E 4 .   ? -9.049  -4.162  -2.073  1.00 18.17  ? 200 HOH A O   1 
HETATM 1402 O O   . HOH E 4 .   ? -14.846 -2.077  -5.732  1.00 17.46  ? 201 HOH A O   1 
HETATM 1403 O O   . HOH E 4 .   ? 9.121   -16.854 8.400   1.00 41.56  ? 202 HOH A O   1 
HETATM 1404 O O   . HOH E 4 .   ? -8.532  4.090   -1.157  1.00 23.49  ? 203 HOH A O   1 
HETATM 1405 O O   . HOH E 4 .   ? -6.788  6.591   -1.954  1.00 18.12  ? 204 HOH A O   1 
HETATM 1406 O O   . HOH E 4 .   ? -11.695 23.764  6.536   1.00 39.26  ? 205 HOH A O   1 
HETATM 1407 O O   . HOH E 4 .   ? -4.463  24.253  4.792   1.00 38.14  ? 206 HOH A O   1 
HETATM 1408 O O   . HOH E 4 .   ? -2.015  5.910   8.663   1.00 36.22  ? 207 HOH A O   1 
HETATM 1409 O O   . HOH E 4 .   ? -2.969  10.787  13.675  1.00 30.68  ? 208 HOH A O   1 
HETATM 1410 O O   . HOH E 4 .   ? -16.093 6.093   7.667   1.00 25.37  ? 209 HOH A O   1 
HETATM 1411 O O   . HOH E 4 .   ? 0.349   8.976   2.971   1.00 13.31  ? 210 HOH A O   1 
HETATM 1412 O O   . HOH E 4 .   ? -8.552  17.075  18.623  1.00 22.85  ? 211 HOH A O   1 
HETATM 1413 O O   . HOH E 4 .   ? -0.431  11.649  2.551   1.00 12.18  ? 212 HOH A O   1 
HETATM 1414 O O   . HOH E 4 .   ? 0.529   -2.685  8.815   1.00 21.68  ? 213 HOH A O   1 
HETATM 1415 O O   . HOH E 4 .   ? 3.114   13.846  -9.024  1.00 33.53  ? 214 HOH A O   1 
HETATM 1416 O O   . HOH E 4 .   ? -4.338  11.607  -9.446  1.00 38.83  ? 215 HOH A O   1 
HETATM 1417 O O   . HOH E 4 .   ? 5.987   23.964  3.215   1.00 38.03  ? 216 HOH A O   1 
HETATM 1418 O O   . HOH E 4 .   ? 3.492   -0.837  -20.678 1.00 42.00  ? 217 HOH A O   1 
HETATM 1419 O O   . HOH E 4 .   ? -4.979  -2.488  -14.350 1.00 15.72  ? 218 HOH A O   1 
HETATM 1420 O O   . HOH E 4 .   ? 16.777  -5.592  -8.644  1.00 26.10  ? 219 HOH A O   1 
HETATM 1421 O O   . HOH E 4 .   ? -6.642  3.215   -2.492  1.00 31.99  ? 220 HOH A O   1 
HETATM 1422 O O   . HOH E 4 .   ? -5.899  10.423  -2.720  0.50 12.18  ? 221 HOH A O   1 
HETATM 1423 O O   . HOH E 4 .   ? -18.016 1.642   9.702   1.00 35.44  ? 222 HOH A O   1 
HETATM 1424 O O   . HOH E 4 .   ? -5.522  24.966  2.394   1.00 30.02  ? 223 HOH A O   1 
HETATM 1425 O O   . HOH E 4 .   ? -1.918  -8.796  -13.640 1.00 17.46  ? 224 HOH A O   1 
HETATM 1426 O O   . HOH E 4 .   ? -9.415  4.377   -5.955  1.00 29.40  ? 225 HOH A O   1 
HETATM 1427 O O   . HOH E 4 .   ? -5.595  0.712   4.547   1.00 46.28  ? 226 HOH A O   1 
HETATM 1428 O O   . HOH E 4 .   ? -7.535  -10.477 0.218   1.00 13.21  ? 227 HOH A O   1 
HETATM 1429 O O   . HOH E 4 .   ? -2.788  -3.319  -15.774 1.00 20.38  ? 228 HOH A O   1 
HETATM 1430 O O   . HOH E 4 .   ? 4.501   -12.120 11.832  1.00 39.44  ? 229 HOH A O   1 
HETATM 1431 O O   . HOH E 4 .   ? 12.215  -14.716 9.705   1.00 40.51  ? 230 HOH A O   1 
HETATM 1432 O O   . HOH E 4 .   ? 15.653  -14.096 2.039   1.00 19.88  ? 231 HOH A O   1 
HETATM 1433 O O   . HOH E 4 .   ? -4.040  0.131   -15.066 1.00 16.65  ? 232 HOH A O   1 
HETATM 1434 O O   . HOH E 4 .   ? 3.497   18.491  10.156  1.00 29.40  ? 233 HOH A O   1 
HETATM 1435 O O   . HOH E 4 .   ? 5.265   19.848  -2.986  1.00 35.12  ? 234 HOH A O   1 
HETATM 1436 O O   . HOH E 4 .   ? 18.999  -8.833  3.916   1.00 31.61  ? 235 HOH A O   1 
HETATM 1437 O O   . HOH E 4 .   ? 1.280   13.370  -10.758 1.00 39.19  ? 236 HOH A O   1 
HETATM 1438 O O   . HOH E 4 .   ? -0.489  -15.738 8.203   1.00 32.75  ? 237 HOH A O   1 
HETATM 1439 O O   . HOH E 4 .   ? -7.552  -12.672 -12.846 1.00 27.11  ? 238 HOH A O   1 
HETATM 1440 O O   . HOH E 4 .   ? -0.695  6.460   10.909  1.00 29.62  ? 239 HOH A O   1 
HETATM 1441 O O   . HOH E 4 .   ? -8.877  -15.627 -9.880  1.00 29.76  ? 240 HOH A O   1 
HETATM 1442 O O   . HOH E 4 .   ? 1.088   10.594  -10.900 1.00 31.68  ? 241 HOH A O   1 
HETATM 1443 O O   . HOH E 4 .   ? 4.556   22.735  5.018   1.00 35.32  ? 242 HOH A O   1 
HETATM 1444 O O   . HOH E 4 .   ? 13.717  -16.572 8.526   1.00 39.89  ? 243 HOH A O   1 
HETATM 1445 O O   . HOH E 4 .   ? 5.097   20.015  5.380   1.00 21.51  ? 244 HOH A O   1 
HETATM 1446 O O   . HOH E 4 .   ? 15.685  -15.311 6.656   1.00 30.25  ? 245 HOH A O   1 
HETATM 1447 O O   . HOH E 4 .   ? 9.751   4.628   9.798   1.00 23.64  ? 246 HOH A O   1 
HETATM 1448 O O   . HOH E 4 .   ? 2.406   23.729  13.427  1.00 52.18  ? 247 HOH A O   1 
HETATM 1449 O O   . HOH E 4 .   ? -13.821 16.785  3.513   1.00 26.35  ? 248 HOH A O   1 
HETATM 1450 O O   . HOH E 4 .   ? -16.653 0.434   0.294   1.00 15.77  ? 249 HOH A O   1 
HETATM 1451 O O   . HOH E 4 .   ? 8.015   -11.113 13.733  1.00 37.42  ? 250 HOH A O   1 
HETATM 1452 O O   . HOH E 4 .   ? 0.861   2.397   5.733   1.00 26.82  ? 251 HOH A O   1 
HETATM 1453 O O   . HOH E 4 .   ? -5.166  -15.674 -15.004 1.00 29.33  ? 252 HOH A O   1 
HETATM 1454 O O   . HOH E 4 .   ? 2.900   21.222  16.141  1.00 29.67  ? 253 HOH A O   1 
HETATM 1455 O O   . HOH E 4 .   ? 1.798   -22.428 -14.473 1.00 28.40  ? 254 HOH A O   1 
HETATM 1456 O O   . HOH E 4 .   ? 8.472   20.433  -0.864  1.00 28.79  ? 255 HOH A O   1 
HETATM 1457 O O   . HOH E 4 .   ? 5.909   -3.475  13.128  1.00 46.14  ? 256 HOH A O   1 
HETATM 1458 O O   . HOH E 4 .   ? 8.446   22.169  1.248   1.00 28.13  ? 257 HOH A O   1 
HETATM 1459 O O   . HOH E 4 .   ? -7.785  -5.432  0.229   1.00 31.48  ? 258 HOH A O   1 
HETATM 1460 O O   . HOH E 4 .   ? 8.106   23.470  5.084   1.00 28.35  ? 259 HOH A O   1 
HETATM 1461 O O   . HOH E 4 .   ? -1.378  22.302  -4.147  1.00 32.96  ? 260 HOH A O   1 
HETATM 1462 O O   . HOH E 4 .   ? 6.430   12.538  -10.613 1.00 36.29  ? 261 HOH A O   1 
HETATM 1463 O O   . HOH E 4 .   ? 6.349   7.334   11.246  1.00 29.25  ? 262 HOH A O   1 
HETATM 1464 O O   . HOH E 4 .   ? 4.299   6.961   -14.802 1.00 32.04  ? 263 HOH A O   1 
HETATM 1465 O O   . HOH E 4 .   ? -7.725  -15.877 -15.795 1.00 41.10  ? 264 HOH A O   1 
HETATM 1466 O O   . HOH E 4 .   ? -1.139  -16.963 -15.934 1.00 30.24  ? 265 HOH A O   1 
HETATM 1467 O O   . HOH E 4 .   ? -16.026 3.568   8.781   1.00 37.11  ? 266 HOH A O   1 
HETATM 1468 O O   . HOH E 4 .   ? 4.332   2.746   -21.835 1.00 76.88  ? 267 HOH A O   1 
HETATM 1469 O O   . HOH E 4 .   ? 8.293   13.365  5.613   1.00 24.31  ? 268 HOH A O   1 
HETATM 1470 O O   . HOH E 4 .   ? 8.761   13.422  1.475   1.00 38.79  ? 269 HOH A O   1 
HETATM 1471 O O   . HOH E 4 .   ? -7.000  5.333   -5.014  1.00 38.55  ? 270 HOH A O   1 
HETATM 1472 O O   . HOH E 4 .   ? 8.577   11.095  0.514   1.00 45.98  ? 271 HOH A O   1 
HETATM 1473 O O   . HOH E 4 .   ? 9.117   -20.671 -0.336  1.00 37.09  ? 272 HOH A O   1 
HETATM 1474 O O   . HOH E 4 .   ? 1.250   7.804   -15.298 1.00 50.65  ? 273 HOH A O   1 
HETATM 1475 O O   . HOH E 4 .   ? -8.920  3.387   13.863  1.00 43.56  ? 274 HOH A O   1 
HETATM 1476 O O   . HOH E 4 .   ? 7.315   -17.325 2.362   1.00 40.50  ? 275 HOH A O   1 
HETATM 1477 O O   . HOH E 4 .   ? 7.713   -16.334 5.174   1.00 39.84  ? 276 HOH A O   1 
HETATM 1478 O O   . HOH E 4 .   ? -11.015 7.179   15.544  1.00 28.94  ? 277 HOH A O   1 
HETATM 1479 O O   . HOH E 4 .   ? 3.911   -24.046 -7.143  1.00 38.56  ? 278 HOH A O   1 
HETATM 1480 O O   . HOH E 4 .   ? -8.919  -12.608 -10.473 1.00 29.75  ? 279 HOH A O   1 
HETATM 1481 O O   . HOH E 4 .   ? 8.762   14.059  8.199   1.00 25.60  ? 280 HOH A O   1 
HETATM 1482 O O   . HOH E 4 .   ? 14.150  -2.068  14.166  1.00 42.33  ? 281 HOH A O   1 
HETATM 1483 O O   . HOH E 4 .   ? 0.056   -10.731 -13.933 0.50 19.30  ? 282 HOH A O   1 
HETATM 1484 O O   . HOH E 4 .   ? 13.673  4.584   -0.048  1.00 31.74  ? 283 HOH A O   1 
HETATM 1485 O O   . HOH E 4 .   ? -7.364  18.165  -3.362  0.50 17.64  ? 284 HOH A O   1 
HETATM 1486 O O   . HOH E 4 .   ? -7.196  -18.538 -11.440 1.00 37.23  ? 285 HOH A O   1 
HETATM 1487 O O   . HOH E 4 .   ? -3.527  -17.915 -15.853 1.00 31.83  ? 286 HOH A O   1 
HETATM 1488 O O   . HOH E 4 .   ? 2.700   16.709  7.652   1.00 34.37  ? 287 HOH A O   1 
HETATM 1489 O O   . HOH E 4 .   ? 8.577   -11.785 -17.664 1.00 28.54  ? 288 HOH A O   1 
HETATM 1490 O O   . HOH E 4 .   ? 6.141   14.857  -7.095  1.00 39.05  ? 289 HOH A O   1 
HETATM 1491 O O   . HOH E 4 .   ? 2.342   24.763  1.549   1.00 39.43  ? 290 HOH A O   1 
HETATM 1492 O O   . HOH E 4 .   ? -3.668  -21.833 -12.876 1.00 31.80  ? 291 HOH A O   1 
HETATM 1493 O O   . HOH E 4 .   ? -3.141  -15.717 9.513   1.00 35.97  ? 292 HOH A O   1 
HETATM 1494 O O   . HOH E 4 .   ? 8.625   8.701   -13.977 1.00 36.92  ? 293 HOH A O   1 
HETATM 1495 O O   . HOH E 4 .   ? -9.954  -13.674 -8.945  1.00 38.68  ? 294 HOH A O   1 
HETATM 1496 O O   . HOH E 4 .   ? 12.143  -9.790  10.945  1.00 39.24  ? 295 HOH A O   1 
HETATM 1497 O O   . HOH E 4 .   ? -3.386  24.056  -1.006  1.00 33.32  ? 296 HOH A O   1 
HETATM 1498 O O   . HOH E 4 .   ? -2.787  -8.683  -16.247 1.00 34.39  ? 297 HOH A O   1 
HETATM 1499 O O   . HOH E 4 .   ? -11.119 19.881  12.822  1.00 38.04  ? 298 HOH A O   1 
HETATM 1500 O O   . HOH E 4 .   ? 4.874   -14.123 -17.386 0.50 22.76  ? 299 HOH A O   1 
HETATM 1501 O O   . HOH E 4 .   ? -1.103  -19.738 6.692   1.00 35.93  ? 300 HOH A O   1 
HETATM 1502 O O   . HOH E 4 .   ? -6.253  5.081   -11.663 1.00 40.18  ? 301 HOH A O   1 
HETATM 1503 O O   . HOH E 4 .   ? -6.007  1.554   -16.092 1.00 37.16  ? 302 HOH A O   1 
HETATM 1504 O O   . HOH E 4 .   ? -4.000  -3.210  -18.467 1.00 32.96  ? 303 HOH A O   1 
HETATM 1505 O O   . HOH E 4 .   ? -5.126  -19.550 -14.506 1.00 38.33  ? 304 HOH A O   1 
HETATM 1506 O O   . HOH E 4 .   ? -2.183  0.395   6.415   1.00 42.77  ? 305 HOH A O   1 
HETATM 1507 O O   . HOH E 4 .   ? 8.872   6.259   -15.099 1.00 37.93  ? 306 HOH A O   1 
HETATM 1508 O O   . HOH E 4 .   ? 0.476   1.325   10.232  1.00 32.96  ? 307 HOH A O   1 
HETATM 1509 O O   . HOH E 4 .   ? 13.496  -12.367 9.269   1.00 41.59  ? 308 HOH A O   1 
HETATM 1510 O O   . HOH E 4 .   ? -13.591 17.706  6.875   1.00 38.92  ? 309 HOH A O   1 
HETATM 1511 O O   . HOH E 4 .   ? -9.400  3.486   -9.165  1.00 43.62  ? 310 HOH A O   1 
HETATM 1512 O O   . HOH E 4 .   ? 0.013   -23.102 -1.974  1.00 38.52  ? 311 HOH A O   1 
HETATM 1513 O O   . HOH E 4 .   ? 9.524   -4.135  -20.010 1.00 34.56  ? 312 HOH A O   1 
HETATM 1514 O O   . HOH E 4 .   ? 2.434   -5.570  -19.220 1.00 40.78  ? 313 HOH A O   1 
HETATM 1515 O O   . HOH E 4 .   ? -4.725  2.620   -18.632 1.00 47.36  ? 314 HOH A O   1 
HETATM 1516 O O   . HOH E 4 .   ? 14.703  -5.078  -16.136 1.00 32.25  ? 315 HOH A O   1 
HETATM 1517 O O   . HOH E 4 .   ? -7.573  22.314  -0.655  1.00 37.82  ? 316 HOH A O   1 
HETATM 1518 O O   . HOH E 4 .   ? -9.938  23.010  15.370  1.00 43.74  ? 317 HOH A O   1 
HETATM 1519 O O   . HOH E 4 .   ? 12.034  -20.532 -1.354  1.00 46.40  ? 318 HOH A O   1 
HETATM 1520 O O   . HOH E 4 .   ? -15.266 16.426  5.734   1.00 33.65  ? 319 HOH A O   1 
HETATM 1521 O O   . HOH E 4 .   ? 5.502   17.127  -6.065  1.00 47.62  ? 320 HOH A O   1 
HETATM 1522 O O   . HOH E 4 .   ? -10.029 16.004  -6.147  0.50 26.94  ? 321 HOH A O   1 
HETATM 1523 O O   . HOH E 4 .   ? 3.532   15.901  10.408  1.00 17.81  ? 322 HOH A O   1 
HETATM 1524 O O   . HOH E 4 .   ? 2.676   12.486  11.797  1.00 14.03  ? 323 HOH A O   1 
HETATM 1525 O O   . HOH E 4 .   ? 0.308   -15.451 -14.250 1.00 18.13  ? 324 HOH A O   1 
HETATM 1526 O O   . HOH E 4 .   ? 8.240   6.838   9.219   1.00 25.37  ? 325 HOH A O   1 
HETATM 1527 O O   . HOH E 4 .   ? 11.843  -14.188 -4.539  1.00 13.88  ? 326 HOH A O   1 
HETATM 1528 O O   . HOH E 4 .   ? -6.428  12.825  18.810  1.00 18.66  ? 327 HOH A O   1 
HETATM 1529 O O   . HOH E 4 .   ? -5.187  22.828  0.823   1.00 26.78  ? 328 HOH A O   1 
HETATM 1530 O O   . HOH E 4 .   ? -12.046 6.605   -2.531  1.00 16.29  ? 329 HOH A O   1 
HETATM 1531 O O   . HOH E 4 .   ? -18.388 2.640   1.083   1.00 14.64  ? 330 HOH A O   1 
HETATM 1532 O O   . HOH E 4 .   ? -8.899  18.458  11.157  1.00 17.83  ? 331 HOH A O   1 
HETATM 1533 O O   . HOH E 4 .   ? 4.551   -3.228  -13.682 1.00 15.28  ? 332 HOH A O   1 
HETATM 1534 O O   . HOH E 4 .   ? 11.434  2.779   -5.230  1.00 18.56  ? 333 HOH A O   1 
HETATM 1535 O O   . HOH E 4 .   ? -1.174  -13.113 -14.036 1.00 16.63  ? 334 HOH A O   1 
HETATM 1536 O O   . HOH E 4 .   ? -15.531 -9.343  -8.348  1.00 27.73  ? 335 HOH A O   1 
HETATM 1537 O O   . HOH E 4 .   ? 6.796   12.332  -0.068  1.00 21.47  ? 336 HOH A O   1 
HETATM 1538 O O   . HOH E 4 .   ? -6.412  5.149   0.522   1.00 20.16  ? 337 HOH A O   1 
HETATM 1539 O O   . HOH E 4 .   ? -1.590  -3.033  -3.526  1.00 14.76  ? 338 HOH A O   1 
HETATM 1540 O O   . HOH E 4 .   ? -13.082 -1.253  -3.166  1.00 23.82  ? 339 HOH A O   1 
HETATM 1541 O O   . HOH E 4 .   ? -3.211  -12.975 -12.055 1.00 13.94  ? 340 HOH A O   1 
HETATM 1542 O O   . HOH E 4 .   ? -3.786  -10.235 -12.270 1.00 18.05  ? 341 HOH A O   1 
HETATM 1543 O O   . HOH E 4 .   ? 7.056   0.790   11.156  1.00 33.89  ? 342 HOH A O   1 
HETATM 1544 O O   . HOH E 4 .   ? -3.247  1.938   4.520   1.00 20.98  ? 343 HOH A O   1 
HETATM 1545 O O   . HOH E 4 .   ? -11.315 -14.542 -7.315  1.00 21.46  ? 344 HOH A O   1 
HETATM 1546 O O   . HOH E 4 .   ? -6.156  -10.427 -13.665 1.00 20.65  ? 345 HOH A O   1 
HETATM 1547 O O   . HOH E 4 .   ? 17.644  -7.938  -4.463  1.00 19.02  ? 346 HOH A O   1 
HETATM 1548 O O   . HOH E 4 .   ? 7.129   14.712  -3.961  1.00 20.39  ? 347 HOH A O   1 
HETATM 1549 O O   . HOH E 4 .   ? 2.844   3.163   7.322   1.00 20.43  ? 348 HOH A O   1 
HETATM 1550 O O   . HOH E 4 .   ? -7.017  4.808   3.307   1.00 14.76  ? 349 HOH A O   1 
HETATM 1551 O O   . HOH E 4 .   ? 2.297   21.755  11.629  1.00 25.14  ? 350 HOH A O   1 
HETATM 1552 O O   . HOH E 4 .   ? -8.317  1.641   -6.590  1.00 17.46  ? 351 HOH A O   1 
HETATM 1553 O O   . HOH E 4 .   ? -1.036  -5.292  -16.153 1.00 20.96  ? 352 HOH A O   1 
HETATM 1554 O O   . HOH E 4 .   ? -12.419 18.844  4.752   1.00 22.89  ? 353 HOH A O   1 
HETATM 1555 O O   . HOH E 4 .   ? 10.716  -1.576  -16.154 1.00 17.79  ? 354 HOH A O   1 
HETATM 1556 O O   . HOH E 4 .   ? -10.828 -1.326  -10.063 1.00 18.57  ? 355 HOH A O   1 
HETATM 1557 O O   . HOH E 4 .   ? 13.369  -4.087  -13.997 1.00 19.03  ? 356 HOH A O   1 
HETATM 1558 O O   . HOH E 4 .   ? -15.606 5.926   -0.532  1.00 18.34  ? 357 HOH A O   1 
HETATM 1559 O O   . HOH E 4 .   ? -5.838  2.768   -7.662  1.00 17.77  ? 358 HOH A O   1 
HETATM 1560 O O   . HOH E 4 .   ? -2.117  25.666  5.684   1.00 29.02  ? 359 HOH A O   1 
HETATM 1561 O O   . HOH E 4 .   ? -4.803  20.652  17.023  1.00 36.16  ? 360 HOH A O   1 
HETATM 1562 O O   . HOH E 4 .   ? -0.939  22.914  -1.371  1.00 23.85  ? 361 HOH A O   1 
HETATM 1563 O O   . HOH E 4 .   ? -8.084  -1.280  0.361   1.00 35.71  ? 362 HOH A O   1 
HETATM 1564 O O   . HOH E 4 .   ? 14.431  -16.777 -3.423  1.00 19.03  ? 363 HOH A O   1 
HETATM 1565 O O   . HOH E 4 .   ? 3.336   9.293   -10.109 1.00 19.54  ? 364 HOH A O   1 
HETATM 1566 O O   . HOH E 4 .   ? 2.141   22.646  -0.295  1.00 23.65  ? 365 HOH A O   1 
HETATM 1567 O O   . HOH E 4 .   ? 2.628   21.948  8.677   1.00 22.60  ? 366 HOH A O   1 
HETATM 1568 O O   . HOH E 4 .   ? 6.769   17.623  2.421   1.00 18.92  ? 367 HOH A O   1 
HETATM 1569 O O   . HOH E 4 .   ? -4.573  2.479   0.762   1.00 19.78  ? 368 HOH A O   1 
HETATM 1570 O O   . HOH E 4 .   ? 7.297   17.962  -0.199  1.00 19.86  ? 369 HOH A O   1 
HETATM 1571 O O   . HOH E 4 .   ? -6.859  2.543   -11.753 1.00 32.37  ? 370 HOH A O   1 
HETATM 1572 O O   . HOH E 4 .   ? 6.532   12.356  -2.719  1.00 16.10  ? 371 HOH A O   1 
HETATM 1573 O O   . HOH E 4 .   ? 4.847   -17.312 3.069   1.00 26.15  ? 372 HOH A O   1 
HETATM 1574 O O   . HOH E 4 .   ? -7.313  -2.945  -15.700 1.00 21.42  ? 373 HOH A O   1 
HETATM 1575 O O   . HOH E 4 .   ? -9.291  5.639   -2.902  1.00 32.07  ? 374 HOH A O   1 
HETATM 1576 O O   . HOH E 4 .   ? -5.382  -14.569 -12.575 1.00 20.50  ? 375 HOH A O   1 
HETATM 1577 O O   . HOH E 4 .   ? -19.350 11.494  11.306  1.00 29.81  ? 376 HOH A O   1 
HETATM 1578 O O   . HOH E 4 .   ? 4.470   11.682  -4.369  1.00 19.20  ? 377 HOH A O   1 
HETATM 1579 O O   . HOH E 4 .   ? 0.343   -0.306  5.874   1.00 26.21  ? 378 HOH A O   1 
HETATM 1580 O O   . HOH E 4 .   ? 5.709   10.630  -6.566  1.00 21.34  ? 379 HOH A O   1 
HETATM 1581 O O   . HOH E 4 .   ? -17.094 1.320   5.479   1.00 28.62  ? 380 HOH A O   1 
HETATM 1582 O O   . HOH E 4 .   ? -6.698  1.062   1.129   1.00 25.89  ? 381 HOH A O   1 
HETATM 1583 O O   . HOH E 4 .   ? -0.212  -21.608 4.008   1.00 29.34  ? 382 HOH A O   1 
HETATM 1584 O O   . HOH E 4 .   ? -4.978  9.770   -1.615  0.50 15.18  ? 383 HOH A O   1 
HETATM 1585 O O   . HOH E 4 .   ? -6.853  1.273   -3.945  1.00 26.64  ? 384 HOH A O   1 
HETATM 1586 O O   . HOH E 4 .   ? 0.306   24.510  6.402   1.00 24.58  ? 385 HOH A O   1 
HETATM 1587 O O   . HOH E 4 .   ? -6.666  -5.466  4.985   1.00 24.07  ? 386 HOH A O   1 
HETATM 1588 O O   . HOH E 4 .   ? 2.249   23.616  4.117   1.00 21.33  ? 387 HOH A O   1 
HETATM 1589 O O   . HOH E 4 .   ? -3.223  -20.668 -7.082  1.00 19.03  ? 388 HOH A O   1 
HETATM 1590 O O   . HOH E 4 .   ? 13.423  -6.707  -11.563 1.00 16.99  ? 389 HOH A O   1 
HETATM 1591 O O   . HOH E 4 .   ? -3.609  25.659  11.310  1.00 33.67  ? 390 HOH A O   1 
HETATM 1592 O O   . HOH E 4 .   ? -0.813  3.782   4.305   1.00 29.30  ? 391 HOH A O   1 
HETATM 1593 O O   . HOH E 4 .   ? -8.659  7.195   16.929  1.00 23.32  ? 392 HOH A O   1 
HETATM 1594 O O   . HOH E 4 .   ? 4.640   11.428  -9.013  1.00 20.44  ? 393 HOH A O   1 
HETATM 1595 O O   . HOH E 4 .   ? 2.412   9.675   8.841   1.00 19.76  ? 394 HOH A O   1 
HETATM 1596 O O   . HOH E 4 .   ? 2.321   -1.216  7.520   1.00 22.52  ? 395 HOH A O   1 
HETATM 1597 O O   . HOH E 4 .   ? 10.898  -22.406 -7.780  1.00 19.40  ? 396 HOH A O   1 
HETATM 1598 O O   . HOH E 4 .   ? -1.022  -20.687 -8.728  1.00 15.72  ? 397 HOH A O   1 
HETATM 1599 O O   . HOH E 4 .   ? -13.244 15.108  0.169   1.00 31.50  ? 398 HOH A O   1 
HETATM 1600 O O   . HOH E 4 .   ? 14.945  -17.322 -0.461  1.00 35.78  ? 399 HOH A O   1 
HETATM 1601 O O   . HOH E 4 .   ? -15.182 -2.230  -1.810  1.00 25.12  ? 400 HOH A O   1 
HETATM 1602 O O   . HOH E 4 .   ? -10.800 9.087   -3.487  1.00 22.45  ? 401 HOH A O   1 
HETATM 1603 O O   . HOH E 4 .   ? 15.827  -16.154 3.957   1.00 26.61  ? 402 HOH A O   1 
HETATM 1604 O O   . HOH E 4 .   ? -1.704  -0.629  -16.308 1.00 19.16  ? 403 HOH A O   1 
HETATM 1605 O O   . HOH E 4 .   ? 4.518   -2.771  7.045   1.00 19.88  ? 404 HOH A O   1 
HETATM 1606 O O   . HOH E 4 .   ? -15.169 12.861  3.667   1.00 30.55  ? 405 HOH A O   1 
HETATM 1607 O O   . HOH E 4 .   ? -3.492  6.481   10.860  1.00 42.78  ? 406 HOH A O   1 
HETATM 1608 O O   . HOH E 4 .   ? -8.147  9.309   -3.660  1.00 28.11  ? 407 HOH A O   1 
HETATM 1609 O O   . HOH E 4 .   ? -8.248  1.090   3.794   1.00 24.89  ? 408 HOH A O   1 
HETATM 1610 O O   . HOH E 4 .   ? -4.517  3.921   3.110   1.00 21.65  ? 409 HOH A O   1 
HETATM 1611 O O   . HOH E 4 .   ? -13.364 21.267  3.957   1.00 41.94  ? 410 HOH A O   1 
HETATM 1612 O O   . HOH E 4 .   ? -2.181  18.936  16.928  1.00 20.98  ? 411 HOH A O   1 
HETATM 1613 O O   . HOH E 4 .   ? 12.618  -1.077  -3.511  1.00 26.58  ? 412 HOH A O   1 
HETATM 1614 O O   . HOH E 4 .   ? -1.207  3.378   -14.627 1.00 37.00  ? 413 HOH A O   1 
HETATM 1615 O O   . HOH E 4 .   ? 3.775   6.980   9.727   1.00 29.56  ? 414 HOH A O   1 
HETATM 1616 O O   . HOH E 4 .   ? -7.905  0.459   -1.376  1.00 31.87  ? 415 HOH A O   1 
HETATM 1617 O O   . HOH E 4 .   ? 13.383  0.333   -11.004 1.00 30.59  ? 416 HOH A O   1 
HETATM 1618 O O   . HOH E 4 .   ? -14.497 17.103  -1.035  1.00 43.92  ? 417 HOH A O   1 
HETATM 1619 O O   . HOH E 4 .   ? 11.379  2.295   13.455  1.00 33.69  ? 418 HOH A O   1 
HETATM 1620 O O   . HOH E 4 .   ? -1.994  5.245   6.220   1.00 24.93  ? 419 HOH A O   1 
HETATM 1621 O O   . HOH E 4 .   ? -18.649 6.961   7.867   1.00 26.73  ? 420 HOH A O   1 
HETATM 1622 O O   . HOH E 4 .   ? -0.172  5.609   -15.676 1.00 42.94  ? 421 HOH A O   1 
HETATM 1623 O O   . HOH E 4 .   ? 16.049  -3.614  0.861   1.00 26.88  ? 422 HOH A O   1 
HETATM 1624 O O   . HOH E 4 .   ? 2.965   0.947   9.062   1.00 23.26  ? 423 HOH A O   1 
HETATM 1625 O O   . HOH E 4 .   ? -17.711 5.226   1.280   1.00 18.08  ? 424 HOH A O   1 
HETATM 1626 O O   . HOH E 4 .   ? 8.416   11.432  -6.730  1.00 16.01  ? 425 HOH A O   1 
HETATM 1627 O O   . HOH E 4 .   ? -15.128 13.220  -0.529  1.00 25.45  ? 426 HOH A O   1 
HETATM 1628 O O   . HOH E 4 .   ? -11.541 -15.946 -4.653  1.00 18.09  ? 427 HOH A O   1 
HETATM 1629 O O   . HOH E 4 .   ? 5.085   8.562   -12.430 1.00 30.05  ? 428 HOH A O   1 
HETATM 1630 O O   . HOH E 4 .   ? 4.304   19.938  8.102   1.00 24.13  ? 429 HOH A O   1 
HETATM 1631 O O   . HOH E 4 .   ? 13.133  -1.398  -14.726 1.00 18.38  ? 430 HOH A O   1 
HETATM 1632 O O   . HOH E 4 .   ? 0.545   -22.953 -8.183  1.00 30.52  ? 431 HOH A O   1 
HETATM 1633 O O   . HOH E 4 .   ? 0.695   -4.106  -17.882 1.00 29.44  ? 432 HOH A O   1 
HETATM 1634 O O   . HOH E 4 .   ? -16.976 11.424  2.048   1.00 26.75  ? 433 HOH A O   1 
HETATM 1635 O O   . HOH E 4 .   ? -1.295  -21.502 -11.558 1.00 21.71  ? 434 HOH A O   1 
HETATM 1636 O O   . HOH E 4 .   ? 0.381   -20.265 -13.451 1.00 21.89  ? 435 HOH A O   1 
HETATM 1637 O O   . HOH E 4 .   ? -0.388  -19.338 -15.711 1.00 34.92  ? 436 HOH A O   1 
HETATM 1638 O O   . HOH E 4 .   ? 5.804   14.711  11.502  1.00 14.59  ? 437 HOH A O   1 
HETATM 1639 O O   . HOH E 4 .   ? -19.611 9.209   8.986   1.00 21.11  ? 438 HOH A O   1 
HETATM 1640 O O   . HOH E 4 .   ? 10.061  -9.695  -16.982 1.00 25.12  ? 439 HOH A O   1 
HETATM 1641 O O   . HOH E 4 .   ? 6.204   -5.700  11.771  1.00 19.13  ? 440 HOH A O   1 
HETATM 1642 O O   . HOH E 4 .   ? -13.372 5.982   8.828   1.00 20.55  ? 441 HOH A O   1 
HETATM 1643 O O   . HOH E 4 .   ? -12.296 16.783  16.056  1.00 24.39  ? 442 HOH A O   1 
HETATM 1644 O O   . HOH E 4 .   ? -5.991  12.077  -7.003  1.00 20.97  ? 443 HOH A O   1 
HETATM 1645 O O   . HOH E 4 .   ? -7.309  19.545  17.252  1.00 21.96  ? 444 HOH A O   1 
HETATM 1646 O O   . HOH E 4 .   ? 12.782  -2.116  10.650  1.00 20.76  ? 445 HOH A O   1 
HETATM 1647 O O   . HOH E 4 .   ? 11.894  -20.280 -9.260  1.00 197.39 ? 446 HOH A O   1 
HETATM 1648 O O   . HOH E 4 .   ? 4.122   -2.621  11.329  1.00 26.29  ? 447 HOH A O   1 
HETATM 1649 O O   . HOH E 4 .   ? 6.229   -7.644  13.677  1.00 29.31  ? 448 HOH A O   1 
HETATM 1650 O O   . HOH E 4 .   ? -2.186  -4.320  9.710   1.00 33.44  ? 449 HOH A O   1 
HETATM 1651 O O   . HOH E 4 .   ? -18.479 12.150  6.185   1.00 33.04  ? 450 HOH A O   1 
HETATM 1652 O O   . HOH E 4 .   ? 16.442  -11.209 5.369   1.00 24.67  ? 451 HOH A O   1 
HETATM 1653 O O   . HOH E 4 .   ? -4.483  8.096   12.679  1.00 26.06  ? 452 HOH A O   1 
HETATM 1654 O O   . HOH E 4 .   ? 4.222   -22.993 -3.342  1.00 27.78  ? 453 HOH A O   1 
HETATM 1655 O O   . HOH E 4 .   ? -9.043  21.338  13.352  1.00 25.47  ? 454 HOH A O   1 
HETATM 1656 O O   . HOH E 4 .   ? -20.723 9.512   6.558   1.00 29.67  ? 455 HOH A O   1 
HETATM 1657 O O   . HOH E 4 .   ? 1.750   -10.287 7.865   1.00 31.57  ? 456 HOH A O   1 
HETATM 1658 O O   . HOH E 4 .   ? 2.912   14.010  -4.758  1.00 30.24  ? 457 HOH A O   1 
HETATM 1659 O O   . HOH E 4 .   ? 14.990  -12.632 6.947   1.00 29.81  ? 458 HOH A O   1 
HETATM 1660 O O   . HOH E 4 .   ? 12.614  -8.374  -14.826 1.00 26.65  ? 459 HOH A O   1 
HETATM 1661 O O   . HOH E 4 .   ? -10.669 -5.109  -13.854 1.00 24.46  ? 460 HOH A O   1 
# 
loop_
_pdbx_poly_seq_scheme.asym_id 
_pdbx_poly_seq_scheme.entity_id 
_pdbx_poly_seq_scheme.seq_id 
_pdbx_poly_seq_scheme.mon_id 
_pdbx_poly_seq_scheme.ndb_seq_num 
_pdbx_poly_seq_scheme.pdb_seq_num 
_pdbx_poly_seq_scheme.auth_seq_num 
_pdbx_poly_seq_scheme.pdb_mon_id 
_pdbx_poly_seq_scheme.auth_mon_id 
_pdbx_poly_seq_scheme.pdb_strand_id 
_pdbx_poly_seq_scheme.pdb_ins_code 
_pdbx_poly_seq_scheme.hetero 
A 1 1   MET 1   1   1   MET MET A . n 
A 1 2   ASN 2   2   2   ASN ASN A . n 
A 1 3   ILE 3   3   3   ILE ILE A . n 
A 1 4   PHE 4   4   4   PHE PHE A . n 
A 1 5   GLU 5   5   5   GLU GLU A . n 
A 1 6   MET 6   6   6   MET MET A . n 
A 1 7   LEU 7   7   7   LEU LEU A . n 
A 1 8   ARG 8   8   8   ARG ARG A . n 
A 1 9   ILE 9   9   9   ILE ILE A . n 
A 1 10  ASP 10  10  10  ASP ASP A . n 
A 1 11  GLU 11  11  11  GLU GLU A . n 
A 1 12  GLY 12  12  12  GLY GLY A . n 
A 1 13  LEU 13  13  13  LEU LEU A . n 
A 1 14  ARG 14  14  14  ARG ARG A . n 
A 1 15  LEU 15  15  15  LEU LEU A . n 
A 1 16  LYS 16  16  16  LYS LYS A . n 
A 1 17  ILE 17  17  17  ILE ILE A . n 
A 1 18  TYR 18  18  18  TYR TYR A . n 
A 1 19  LYS 19  19  19  LYS LYS A . n 
A 1 20  ASP 20  20  20  ASP ASP A . n 
A 1 21  THR 21  21  21  THR THR A . n 
A 1 22  GLU 22  22  22  GLU GLU A . n 
A 1 23  GLY 23  23  23  GLY GLY A . n 
A 1 24  TYR 24  24  24  TYR TYR A . n 
A 1 25  TYR 25  25  25  TYR TYR A . n 
A 1 26  THR 26  26  26  THR THR A . n 
A 1 27  ILE 27  27  27  ILE ILE A . n 
A 1 28  GLY 28  28  28  GLY GLY A . n 
A 1 29  ILE 29  29  29  ILE ILE A . n 
A 1 30  GLY 30  30  30  GLY GLY A . n 
A 1 31  HIS 31  31  31  HIS HIS A . n 
A 1 32  LEU 32  32  32  LEU LEU A . n 
A 1 33  LEU 33  33  33  LEU LEU A . n 
A 1 34  THR 34  34  34  THR THR A . n 
A 1 35  LYS 35  35  35  LYS LYS A . n 
A 1 36  SER 36  36  36  SER SER A . n 
A 1 37  PRO 37  37  37  PRO PRO A . n 
A 1 38  ASP 38  38  38  ASP ASP A . n 
A 1 39  LEU 39  39  39  LEU LEU A . n 
A 1 40  ASN 40  40  40  ASN ASN A . n 
A 1 41  ALA 41  41  41  ALA ALA A . n 
A 1 42  ALA 42  42  42  ALA ALA A . n 
A 1 43  LYS 43  43  43  LYS LYS A . n 
A 1 44  SER 44  44  44  SER SER A . n 
A 1 45  GLU 45  45  45  GLU GLU A . n 
A 1 46  LEU 46  46  46  LEU LEU A . n 
A 1 47  ASP 47  47  47  ASP ASP A . n 
A 1 48  LYS 48  48  48  LYS LYS A . n 
A 1 49  ALA 49  49  49  ALA ALA A . n 
A 1 50  ILE 50  50  50  ILE ILE A . n 
A 1 51  GLY 51  51  51  GLY GLY A . n 
A 1 52  ARG 52  52  52  ARG ARG A . n 
A 1 53  ASN 53  53  53  ASN ASN A . n 
A 1 54  CYS 54  54  54  CYS CYS A . n 
A 1 55  ASN 55  55  55  ASN ASN A . n 
A 1 56  GLY 56  56  56  GLY GLY A . n 
A 1 57  VAL 57  57  57  VAL VAL A . n 
A 1 58  ILE 58  58  58  ILE ILE A . n 
A 1 59  THR 59  59  59  THR THR A . n 
A 1 60  LYS 60  60  60  LYS LYS A . n 
A 1 61  ASP 61  61  61  ASP ASP A . n 
A 1 62  GLU 62  62  62  GLU GLU A . n 
A 1 63  ALA 63  63  63  ALA ALA A . n 
A 1 64  GLU 64  64  64  GLU GLU A . n 
A 1 65  LYS 65  65  65  LYS LYS A . n 
A 1 66  LEU 66  66  66  LEU LEU A . n 
A 1 67  PHE 67  67  67  PHE PHE A . n 
A 1 68  ASN 68  68  68  ASN ASN A . n 
A 1 69  GLN 69  69  69  GLN GLN A . n 
A 1 70  ASP 70  70  70  ASP ASP A . n 
A 1 71  VAL 71  71  71  VAL VAL A . n 
A 1 72  ASP 72  72  72  ASP ASP A . n 
A 1 73  ALA 73  73  73  ALA ALA A . n 
A 1 74  ALA 74  74  74  ALA ALA A . n 
A 1 75  VAL 75  75  75  VAL VAL A . n 
A 1 76  ARG 76  76  76  ARG ARG A . n 
A 1 77  GLY 77  77  77  GLY GLY A . n 
A 1 78  ILE 78  78  78  ILE ILE A . n 
A 1 79  LEU 79  79  79  LEU LEU A . n 
A 1 80  ARG 80  80  80  ARG ARG A . n 
A 1 81  ASN 81  81  81  ASN ASN A . n 
A 1 82  ALA 82  82  82  ALA ALA A . n 
A 1 83  LYS 83  83  83  LYS LYS A . n 
A 1 84  LEU 84  84  84  LEU LEU A . n 
A 1 85  LYS 85  85  85  LYS LYS A . n 
A 1 86  PRO 86  86  86  PRO PRO A . n 
A 1 87  VAL 87  87  87  VAL VAL A . n 
A 1 88  TYR 88  88  88  TYR TYR A . n 
A 1 89  ASP 89  89  89  ASP ASP A . n 
A 1 90  SER 90  90  90  SER SER A . n 
A 1 91  LEU 91  91  91  LEU LEU A . n 
A 1 92  ASP 92  92  92  ASP ASP A . n 
A 1 93  ALA 93  93  93  ALA ALA A . n 
A 1 94  VAL 94  94  94  VAL VAL A . n 
A 1 95  ARG 95  95  95  ARG ARG A . n 
A 1 96  ARG 96  96  96  ARG ARG A . n 
A 1 97  CYS 97  97  97  CYS CYS A . n 
A 1 98  ALA 98  98  98  ALA ALA A . n 
A 1 99  ALA 99  99  99  ALA ALA A . n 
A 1 100 ILE 100 100 100 ILE ILE A . n 
A 1 101 ASN 101 101 101 ASN ASN A . n 
A 1 102 GLN 102 102 102 GLN GLN A . n 
A 1 103 VAL 103 103 103 VAL VAL A . n 
A 1 104 PHE 104 104 104 PHE PHE A . n 
A 1 105 GLN 105 105 105 GLN GLN A . n 
A 1 106 MET 106 106 106 MET MET A . n 
A 1 107 GLY 107 107 107 GLY GLY A . n 
A 1 108 GLU 108 108 108 GLU GLU A . n 
A 1 109 THR 109 109 109 THR THR A . n 
A 1 110 GLY 110 110 110 GLY GLY A . n 
A 1 111 VAL 111 111 111 VAL VAL A . n 
A 1 112 ALA 112 112 112 ALA ALA A . n 
A 1 113 GLY 113 113 113 GLY GLY A . n 
A 1 114 PHE 114 114 114 PHE PHE A . n 
A 1 115 THR 115 115 115 THR THR A . n 
A 1 116 ASN 116 116 116 ASN ASN A . n 
A 1 117 SER 117 117 117 SER SER A . n 
A 1 118 LEU 118 118 118 LEU LEU A . n 
A 1 119 ARG 119 119 119 ARG ARG A . n 
A 1 120 MET 120 120 120 MET MET A . n 
A 1 121 LEU 121 121 121 LEU LEU A . n 
A 1 122 GLN 122 122 122 GLN GLN A . n 
A 1 123 GLN 123 123 123 GLN GLN A . n 
A 1 124 LYS 124 124 124 LYS LYS A . n 
A 1 125 ARG 125 125 125 ARG ARG A . n 
A 1 126 TRP 126 126 126 TRP TRP A . n 
A 1 127 ASP 127 127 127 ASP ASP A . n 
A 1 128 GLU 128 128 128 GLU GLU A . n 
A 1 129 ALA 129 129 129 ALA ALA A . n 
A 1 130 ALA 130 130 130 ALA ALA A . n 
A 1 131 VAL 131 131 131 VAL VAL A . n 
A 1 132 ASN 132 132 132 ASN ASN A . n 
A 1 133 LEU 133 133 133 LEU LEU A . n 
A 1 134 ALA 134 134 134 ALA ALA A . n 
A 1 135 LYS 135 135 135 LYS LYS A . n 
A 1 136 SER 136 136 136 SER SER A . n 
A 1 137 ARG 137 137 137 ARG ARG A . n 
A 1 138 TRP 138 138 138 TRP TRP A . n 
A 1 139 TYR 139 139 139 TYR TYR A . n 
A 1 140 ASN 140 140 140 ASN ASN A . n 
A 1 141 GLN 141 141 141 GLN GLN A . n 
A 1 142 THR 142 142 142 THR THR A . n 
A 1 143 PRO 143 143 143 PRO PRO A . n 
A 1 144 ASP 144 144 144 ASP ASP A . n 
A 1 145 ARG 145 145 145 ARG ARG A . n 
A 1 146 ALA 146 146 146 ALA ALA A . n 
A 1 147 LYS 147 147 147 LYS LYS A . n 
A 1 148 ARG 148 148 148 ARG ARG A . n 
A 1 149 VAL 149 149 149 VAL VAL A . n 
A 1 150 ILE 150 150 150 ILE ILE A . n 
A 1 151 THR 151 151 151 THR THR A . n 
A 1 152 THR 152 152 152 THR THR A . n 
A 1 153 PHE 153 153 153 PHE PHE A . n 
A 1 154 ARG 154 154 154 ARG ARG A . n 
A 1 155 THR 155 155 155 THR THR A . n 
A 1 156 GLY 156 156 156 GLY GLY A . n 
A 1 157 THR 157 157 157 THR THR A . n 
A 1 158 TRP 158 158 158 TRP TRP A . n 
A 1 159 ASP 159 159 159 ASP ASP A . n 
A 1 160 ALA 160 160 160 ALA ALA A . n 
A 1 161 TYR 161 161 161 TYR TYR A . n 
A 1 162 LYS 162 162 162 LYS LYS A . n 
A 1 163 ASN 163 163 ?   ?   ?   A . n 
A 1 164 LEU 164 164 ?   ?   ?   A . n 
# 
loop_
_pdbx_nonpoly_scheme.asym_id 
_pdbx_nonpoly_scheme.entity_id 
_pdbx_nonpoly_scheme.mon_id 
_pdbx_nonpoly_scheme.ndb_seq_num 
_pdbx_nonpoly_scheme.pdb_seq_num 
_pdbx_nonpoly_scheme.auth_seq_num 
_pdbx_nonpoly_scheme.pdb_mon_id 
_pdbx_nonpoly_scheme.auth_mon_id 
_pdbx_nonpoly_scheme.pdb_strand_id 
_pdbx_nonpoly_scheme.pdb_ins_code 
B 2 PO4 1   165 1   PO4 PO4 A . 
C 2 PO4 1   166 2   PO4 PO4 A . 
D 3 JZ0 1   167 1   JZ0 JZ0 A . 
E 4 HOH 1   168 168 HOH HOH A . 
E 4 HOH 2   169 169 HOH HOH A . 
E 4 HOH 3   170 170 HOH HOH A . 
E 4 HOH 4   171 171 HOH HOH A . 
E 4 HOH 5   172 172 HOH HOH A . 
E 4 HOH 6   173 173 HOH HOH A . 
E 4 HOH 7   174 174 HOH HOH A . 
E 4 HOH 8   175 1   HOH HOH A . 
E 4 HOH 9   176 176 HOH HOH A . 
E 4 HOH 10  177 177 HOH HOH A . 
E 4 HOH 11  178 178 HOH HOH A . 
E 4 HOH 12  179 179 HOH HOH A . 
E 4 HOH 13  180 180 HOH HOH A . 
E 4 HOH 14  181 181 HOH HOH A . 
E 4 HOH 15  182 182 HOH HOH A . 
E 4 HOH 16  183 183 HOH HOH A . 
E 4 HOH 17  184 184 HOH HOH A . 
E 4 HOH 18  185 185 HOH HOH A . 
E 4 HOH 19  186 186 HOH HOH A . 
E 4 HOH 20  187 2   HOH HOH A . 
E 4 HOH 21  188 188 HOH HOH A . 
E 4 HOH 22  189 189 HOH HOH A . 
E 4 HOH 23  190 190 HOH HOH A . 
E 4 HOH 24  191 191 HOH HOH A . 
E 4 HOH 25  192 192 HOH HOH A . 
E 4 HOH 26  193 193 HOH HOH A . 
E 4 HOH 27  194 194 HOH HOH A . 
E 4 HOH 28  195 195 HOH HOH A . 
E 4 HOH 29  196 196 HOH HOH A . 
E 4 HOH 30  197 197 HOH HOH A . 
E 4 HOH 31  198 198 HOH HOH A . 
E 4 HOH 32  199 199 HOH HOH A . 
E 4 HOH 33  200 3   HOH HOH A . 
E 4 HOH 34  201 4   HOH HOH A . 
E 4 HOH 35  202 202 HOH HOH A . 
E 4 HOH 36  203 203 HOH HOH A . 
E 4 HOH 37  204 5   HOH HOH A . 
E 4 HOH 38  205 205 HOH HOH A . 
E 4 HOH 39  206 206 HOH HOH A . 
E 4 HOH 40  207 207 HOH HOH A . 
E 4 HOH 41  208 208 HOH HOH A . 
E 4 HOH 42  209 6   HOH HOH A . 
E 4 HOH 43  210 7   HOH HOH A . 
E 4 HOH 44  211 8   HOH HOH A . 
E 4 HOH 45  212 9   HOH HOH A . 
E 4 HOH 46  213 10  HOH HOH A . 
E 4 HOH 47  214 214 HOH HOH A . 
E 4 HOH 48  215 215 HOH HOH A . 
E 4 HOH 49  216 216 HOH HOH A . 
E 4 HOH 50  217 217 HOH HOH A . 
E 4 HOH 51  218 11  HOH HOH A . 
E 4 HOH 52  219 219 HOH HOH A . 
E 4 HOH 53  220 220 HOH HOH A . 
E 4 HOH 54  221 221 HOH HOH A . 
E 4 HOH 55  222 222 HOH HOH A . 
E 4 HOH 56  223 223 HOH HOH A . 
E 4 HOH 57  224 12  HOH HOH A . 
E 4 HOH 58  225 225 HOH HOH A . 
E 4 HOH 59  226 226 HOH HOH A . 
E 4 HOH 60  227 13  HOH HOH A . 
E 4 HOH 61  228 228 HOH HOH A . 
E 4 HOH 62  229 229 HOH HOH A . 
E 4 HOH 63  230 230 HOH HOH A . 
E 4 HOH 64  231 15  HOH HOH A . 
E 4 HOH 65  232 16  HOH HOH A . 
E 4 HOH 66  233 233 HOH HOH A . 
E 4 HOH 67  234 234 HOH HOH A . 
E 4 HOH 68  235 235 HOH HOH A . 
E 4 HOH 69  236 236 HOH HOH A . 
E 4 HOH 70  237 237 HOH HOH A . 
E 4 HOH 71  238 238 HOH HOH A . 
E 4 HOH 72  239 239 HOH HOH A . 
E 4 HOH 73  240 240 HOH HOH A . 
E 4 HOH 74  241 241 HOH HOH A . 
E 4 HOH 75  242 242 HOH HOH A . 
E 4 HOH 76  243 243 HOH HOH A . 
E 4 HOH 77  244 244 HOH HOH A . 
E 4 HOH 78  245 245 HOH HOH A . 
E 4 HOH 79  246 246 HOH HOH A . 
E 4 HOH 80  247 247 HOH HOH A . 
E 4 HOH 81  248 248 HOH HOH A . 
E 4 HOH 82  249 17  HOH HOH A . 
E 4 HOH 83  250 250 HOH HOH A . 
E 4 HOH 84  251 251 HOH HOH A . 
E 4 HOH 85  252 252 HOH HOH A . 
E 4 HOH 86  253 253 HOH HOH A . 
E 4 HOH 87  254 254 HOH HOH A . 
E 4 HOH 88  255 255 HOH HOH A . 
E 4 HOH 89  256 256 HOH HOH A . 
E 4 HOH 90  257 257 HOH HOH A . 
E 4 HOH 91  258 258 HOH HOH A . 
E 4 HOH 92  259 259 HOH HOH A . 
E 4 HOH 93  260 260 HOH HOH A . 
E 4 HOH 94  261 261 HOH HOH A . 
E 4 HOH 95  262 262 HOH HOH A . 
E 4 HOH 96  263 263 HOH HOH A . 
E 4 HOH 97  264 264 HOH HOH A . 
E 4 HOH 98  265 265 HOH HOH A . 
E 4 HOH 99  266 266 HOH HOH A . 
E 4 HOH 100 267 267 HOH HOH A . 
E 4 HOH 101 268 268 HOH HOH A . 
E 4 HOH 102 269 269 HOH HOH A . 
E 4 HOH 103 270 270 HOH HOH A . 
E 4 HOH 104 271 271 HOH HOH A . 
E 4 HOH 105 272 272 HOH HOH A . 
E 4 HOH 106 273 273 HOH HOH A . 
E 4 HOH 107 274 274 HOH HOH A . 
E 4 HOH 108 275 275 HOH HOH A . 
E 4 HOH 109 276 276 HOH HOH A . 
E 4 HOH 110 277 277 HOH HOH A . 
E 4 HOH 111 278 278 HOH HOH A . 
E 4 HOH 112 279 279 HOH HOH A . 
E 4 HOH 113 280 280 HOH HOH A . 
E 4 HOH 114 281 281 HOH HOH A . 
E 4 HOH 115 282 282 HOH HOH A . 
E 4 HOH 116 283 283 HOH HOH A . 
E 4 HOH 117 284 284 HOH HOH A . 
E 4 HOH 118 285 285 HOH HOH A . 
E 4 HOH 119 286 286 HOH HOH A . 
E 4 HOH 120 287 287 HOH HOH A . 
E 4 HOH 121 288 288 HOH HOH A . 
E 4 HOH 122 289 289 HOH HOH A . 
E 4 HOH 123 290 290 HOH HOH A . 
E 4 HOH 124 291 291 HOH HOH A . 
E 4 HOH 125 292 292 HOH HOH A . 
E 4 HOH 126 293 293 HOH HOH A . 
E 4 HOH 127 294 294 HOH HOH A . 
E 4 HOH 128 295 295 HOH HOH A . 
E 4 HOH 129 296 296 HOH HOH A . 
E 4 HOH 130 297 297 HOH HOH A . 
E 4 HOH 131 298 298 HOH HOH A . 
E 4 HOH 132 299 299 HOH HOH A . 
E 4 HOH 133 300 300 HOH HOH A . 
E 4 HOH 134 301 301 HOH HOH A . 
E 4 HOH 135 302 302 HOH HOH A . 
E 4 HOH 136 303 303 HOH HOH A . 
E 4 HOH 137 304 304 HOH HOH A . 
E 4 HOH 138 305 305 HOH HOH A . 
E 4 HOH 139 306 306 HOH HOH A . 
E 4 HOH 140 307 307 HOH HOH A . 
E 4 HOH 141 308 308 HOH HOH A . 
E 4 HOH 142 309 309 HOH HOH A . 
E 4 HOH 143 310 310 HOH HOH A . 
E 4 HOH 144 311 311 HOH HOH A . 
E 4 HOH 145 312 312 HOH HOH A . 
E 4 HOH 146 313 313 HOH HOH A . 
E 4 HOH 147 314 314 HOH HOH A . 
E 4 HOH 148 315 315 HOH HOH A . 
E 4 HOH 149 316 316 HOH HOH A . 
E 4 HOH 150 317 317 HOH HOH A . 
E 4 HOH 151 318 318 HOH HOH A . 
E 4 HOH 152 319 319 HOH HOH A . 
E 4 HOH 153 320 320 HOH HOH A . 
E 4 HOH 154 321 321 HOH HOH A . 
E 4 HOH 155 322 18  HOH HOH A . 
E 4 HOH 156 323 19  HOH HOH A . 
E 4 HOH 157 324 20  HOH HOH A . 
E 4 HOH 158 325 21  HOH HOH A . 
E 4 HOH 159 326 22  HOH HOH A . 
E 4 HOH 160 327 23  HOH HOH A . 
E 4 HOH 161 328 24  HOH HOH A . 
E 4 HOH 162 329 25  HOH HOH A . 
E 4 HOH 163 330 26  HOH HOH A . 
E 4 HOH 164 331 27  HOH HOH A . 
E 4 HOH 165 332 28  HOH HOH A . 
E 4 HOH 166 333 29  HOH HOH A . 
E 4 HOH 167 334 30  HOH HOH A . 
E 4 HOH 168 335 31  HOH HOH A . 
E 4 HOH 169 336 32  HOH HOH A . 
E 4 HOH 170 337 33  HOH HOH A . 
E 4 HOH 171 338 34  HOH HOH A . 
E 4 HOH 172 339 35  HOH HOH A . 
E 4 HOH 173 340 36  HOH HOH A . 
E 4 HOH 174 341 37  HOH HOH A . 
E 4 HOH 175 342 38  HOH HOH A . 
E 4 HOH 176 343 39  HOH HOH A . 
E 4 HOH 177 344 40  HOH HOH A . 
E 4 HOH 178 345 41  HOH HOH A . 
E 4 HOH 179 346 42  HOH HOH A . 
E 4 HOH 180 347 43  HOH HOH A . 
E 4 HOH 181 348 44  HOH HOH A . 
E 4 HOH 182 349 45  HOH HOH A . 
E 4 HOH 183 350 46  HOH HOH A . 
E 4 HOH 184 351 47  HOH HOH A . 
E 4 HOH 185 352 48  HOH HOH A . 
E 4 HOH 186 353 49  HOH HOH A . 
E 4 HOH 187 354 50  HOH HOH A . 
E 4 HOH 188 355 51  HOH HOH A . 
E 4 HOH 189 356 52  HOH HOH A . 
E 4 HOH 190 357 53  HOH HOH A . 
E 4 HOH 191 358 54  HOH HOH A . 
E 4 HOH 192 359 55  HOH HOH A . 
E 4 HOH 193 360 56  HOH HOH A . 
E 4 HOH 194 361 57  HOH HOH A . 
E 4 HOH 195 362 58  HOH HOH A . 
E 4 HOH 196 363 59  HOH HOH A . 
E 4 HOH 197 364 60  HOH HOH A . 
E 4 HOH 198 365 61  HOH HOH A . 
E 4 HOH 199 366 62  HOH HOH A . 
E 4 HOH 200 367 63  HOH HOH A . 
E 4 HOH 201 368 64  HOH HOH A . 
E 4 HOH 202 369 65  HOH HOH A . 
E 4 HOH 203 370 66  HOH HOH A . 
E 4 HOH 204 371 67  HOH HOH A . 
E 4 HOH 205 372 68  HOH HOH A . 
E 4 HOH 206 373 69  HOH HOH A . 
E 4 HOH 207 374 70  HOH HOH A . 
E 4 HOH 208 375 71  HOH HOH A . 
E 4 HOH 209 376 73  HOH HOH A . 
E 4 HOH 210 377 74  HOH HOH A . 
E 4 HOH 211 378 75  HOH HOH A . 
E 4 HOH 212 379 76  HOH HOH A . 
E 4 HOH 213 380 77  HOH HOH A . 
E 4 HOH 214 381 78  HOH HOH A . 
E 4 HOH 215 382 79  HOH HOH A . 
E 4 HOH 216 383 80  HOH HOH A . 
E 4 HOH 217 384 81  HOH HOH A . 
E 4 HOH 218 385 82  HOH HOH A . 
E 4 HOH 219 386 83  HOH HOH A . 
E 4 HOH 220 387 84  HOH HOH A . 
E 4 HOH 221 388 85  HOH HOH A . 
E 4 HOH 222 389 86  HOH HOH A . 
E 4 HOH 223 390 87  HOH HOH A . 
E 4 HOH 224 391 90  HOH HOH A . 
E 4 HOH 225 392 91  HOH HOH A . 
E 4 HOH 226 393 92  HOH HOH A . 
E 4 HOH 227 394 93  HOH HOH A . 
E 4 HOH 228 395 94  HOH HOH A . 
E 4 HOH 229 396 95  HOH HOH A . 
E 4 HOH 230 397 96  HOH HOH A . 
E 4 HOH 231 398 97  HOH HOH A . 
E 4 HOH 232 399 98  HOH HOH A . 
E 4 HOH 233 400 99  HOH HOH A . 
E 4 HOH 234 401 100 HOH HOH A . 
E 4 HOH 235 402 102 HOH HOH A . 
E 4 HOH 236 403 103 HOH HOH A . 
E 4 HOH 237 404 104 HOH HOH A . 
E 4 HOH 238 405 105 HOH HOH A . 
E 4 HOH 239 406 107 HOH HOH A . 
E 4 HOH 240 407 108 HOH HOH A . 
E 4 HOH 241 408 109 HOH HOH A . 
E 4 HOH 242 409 111 HOH HOH A . 
E 4 HOH 243 410 112 HOH HOH A . 
E 4 HOH 244 411 113 HOH HOH A . 
E 4 HOH 245 412 114 HOH HOH A . 
E 4 HOH 246 413 115 HOH HOH A . 
E 4 HOH 247 414 116 HOH HOH A . 
E 4 HOH 248 415 117 HOH HOH A . 
E 4 HOH 249 416 118 HOH HOH A . 
E 4 HOH 250 417 119 HOH HOH A . 
E 4 HOH 251 418 120 HOH HOH A . 
E 4 HOH 252 419 122 HOH HOH A . 
E 4 HOH 253 420 123 HOH HOH A . 
E 4 HOH 254 421 124 HOH HOH A . 
E 4 HOH 255 422 126 HOH HOH A . 
E 4 HOH 256 423 128 HOH HOH A . 
E 4 HOH 257 424 129 HOH HOH A . 
E 4 HOH 258 425 130 HOH HOH A . 
E 4 HOH 259 426 131 HOH HOH A . 
E 4 HOH 260 427 132 HOH HOH A . 
E 4 HOH 261 428 133 HOH HOH A . 
E 4 HOH 262 429 134 HOH HOH A . 
E 4 HOH 263 430 135 HOH HOH A . 
E 4 HOH 264 431 136 HOH HOH A . 
E 4 HOH 265 432 137 HOH HOH A . 
E 4 HOH 266 433 138 HOH HOH A . 
E 4 HOH 267 434 139 HOH HOH A . 
E 4 HOH 268 435 141 HOH HOH A . 
E 4 HOH 269 436 142 HOH HOH A . 
E 4 HOH 270 437 143 HOH HOH A . 
E 4 HOH 271 438 144 HOH HOH A . 
E 4 HOH 272 439 145 HOH HOH A . 
E 4 HOH 273 440 146 HOH HOH A . 
E 4 HOH 274 441 147 HOH HOH A . 
E 4 HOH 275 442 148 HOH HOH A . 
E 4 HOH 276 443 149 HOH HOH A . 
E 4 HOH 277 444 151 HOH HOH A . 
E 4 HOH 278 445 152 HOH HOH A . 
E 4 HOH 279 446 153 HOH HOH A . 
E 4 HOH 280 447 154 HOH HOH A . 
E 4 HOH 281 448 155 HOH HOH A . 
E 4 HOH 282 449 156 HOH HOH A . 
E 4 HOH 283 450 157 HOH HOH A . 
E 4 HOH 284 451 158 HOH HOH A . 
E 4 HOH 285 452 159 HOH HOH A . 
E 4 HOH 286 453 160 HOH HOH A . 
E 4 HOH 287 454 161 HOH HOH A . 
E 4 HOH 288 455 162 HOH HOH A . 
E 4 HOH 289 456 163 HOH HOH A . 
E 4 HOH 290 457 164 HOH HOH A . 
E 4 HOH 291 458 165 HOH HOH A . 
E 4 HOH 292 459 166 HOH HOH A . 
E 4 HOH 293 460 167 HOH HOH A . 
# 
_pdbx_struct_assembly.id                   1 
_pdbx_struct_assembly.details              author_and_software_defined_assembly 
_pdbx_struct_assembly.method_details       PISA 
_pdbx_struct_assembly.oligomeric_details   monomeric 
_pdbx_struct_assembly.oligomeric_count     1 
# 
_pdbx_struct_assembly_gen.assembly_id       1 
_pdbx_struct_assembly_gen.oper_expression   1 
_pdbx_struct_assembly_gen.asym_id_list      A,B,C,D,E 
# 
_pdbx_struct_oper_list.id                   1 
_pdbx_struct_oper_list.type                 'identity operation' 
_pdbx_struct_oper_list.name                 1_555 
_pdbx_struct_oper_list.symmetry_operation   x,y,z 
_pdbx_struct_oper_list.matrix[1][1]         1.0000000000 
_pdbx_struct_oper_list.matrix[1][2]         0.0000000000 
_pdbx_struct_oper_list.matrix[1][3]         0.0000000000 
_pdbx_struct_oper_list.vector[1]            0.0000000000 
_pdbx_struct_oper_list.matrix[2][1]         0.0000000000 
_pdbx_struct_oper_list.matrix[2][2]         1.0000000000 
_pdbx_struct_oper_list.matrix[2][3]         0.0000000000 
_pdbx_struct_oper_list.vector[2]            0.0000000000 
_pdbx_struct_oper_list.matrix[3][1]         0.0000000000 
_pdbx_struct_oper_list.matrix[3][2]         0.0000000000 
_pdbx_struct_oper_list.matrix[3][3]         1.0000000000 
_pdbx_struct_oper_list.vector[3]            0.0000000000 
# 
loop_
_pdbx_audit_revision_history.ordinal 
_pdbx_audit_revision_history.data_content_type 
_pdbx_audit_revision_history.major_revision 
_pdbx_audit_revision_history.minor_revision 
_pdbx_audit_revision_history.revision_date 
1 'Structure model' 1 0 2009-11-03 
2 'Structure model' 1 1 2011-07-13 
3 'Structure model' 1 2 2017-11-01 
4 'Structure model' 1 3 2021-10-13 
5 'Structure model' 1 4 2023-09-06 
# 
_pdbx_audit_revision_details.ordinal             1 
_pdbx_audit_revision_details.revision_ordinal    1 
_pdbx_audit_revision_details.data_content_type   'Structure model' 
_pdbx_audit_revision_details.provider            repository 
_pdbx_audit_revision_details.type                'Initial release' 
_pdbx_audit_revision_details.description         ? 
_pdbx_audit_revision_details.details             ? 
# 
loop_
_pdbx_audit_revision_group.ordinal 
_pdbx_audit_revision_group.revision_ordinal 
_pdbx_audit_revision_group.data_content_type 
_pdbx_audit_revision_group.group 
1 2 'Structure model' 'Version format compliance' 
2 3 'Structure model' 'Refinement description'    
3 4 'Structure model' 'Database references'       
4 4 'Structure model' 'Derived calculations'      
5 5 'Structure model' 'Data collection'           
6 5 'Structure model' 'Refinement description'    
# 
loop_
_pdbx_audit_revision_category.ordinal 
_pdbx_audit_revision_category.revision_ordinal 
_pdbx_audit_revision_category.data_content_type 
_pdbx_audit_revision_category.category 
1 3 'Structure model' software                      
2 4 'Structure model' database_2                    
3 4 'Structure model' struct_ref_seq_dif            
4 4 'Structure model' struct_site                   
5 5 'Structure model' chem_comp_atom                
6 5 'Structure model' chem_comp_bond                
7 5 'Structure model' pdbx_initial_refinement_model 
# 
loop_
_pdbx_audit_revision_item.ordinal 
_pdbx_audit_revision_item.revision_ordinal 
_pdbx_audit_revision_item.data_content_type 
_pdbx_audit_revision_item.item 
1 4 'Structure model' '_database_2.pdbx_DOI'                
2 4 'Structure model' '_database_2.pdbx_database_accession' 
3 4 'Structure model' '_struct_ref_seq_dif.details'         
4 4 'Structure model' '_struct_site.pdbx_auth_asym_id'      
5 4 'Structure model' '_struct_site.pdbx_auth_comp_id'      
6 4 'Structure model' '_struct_site.pdbx_auth_seq_id'       
# 
loop_
_software.pdbx_ordinal 
_software.name 
_software.version 
_software.date 
_software.type 
_software.contact_author 
_software.contact_author_email 
_software.classification 
_software.location 
_software.language 
_software.citation_id 
1 DENZO       .        ?               package 'Zbyszek Otwinowski' hkl@hkl-xray.com      'data reduction'  
http://www.hkl-xray.com/                     ?          ? 
2 SCALEPACK   .        ?               package 'Zbyszek Otwinowski' hkl@hkl-xray.com      'data scaling'    
http://www.hkl-xray.com/                     ?          ? 
3 REFMAC      5.2.0019 ?               program 'Garib N. Murshudov' garib@ysbl.york.ac.uk refinement        
http://www.ccp4.ac.uk/dist/html/refmac5.html Fortran_77 ? 
4 PDB_EXTRACT 3.005    'June 11, 2008' package PDB                  help@deposit.rcsb.org 'data extraction' 
http://sw-tools.pdb.org/apps/PDB_EXTRACT/    C++        ? 
5 ADSC        Quantum  ?               ?       ?                    ?                     'data collection' ? ?          ? 
6 HKL-2000    .        ?               ?       ?                    ?                     'data reduction'  ? ?          ? 
7 HKL-2000    .        ?               ?       ?                    ?                     'data scaling'    ? ?          ? 
8 REFMAC      .        ?               ?       ?                    ?                     phasing           ? ?          ? 
# 
loop_
_pdbx_validate_close_contact.id 
_pdbx_validate_close_contact.PDB_model_num 
_pdbx_validate_close_contact.auth_atom_id_1 
_pdbx_validate_close_contact.auth_asym_id_1 
_pdbx_validate_close_contact.auth_comp_id_1 
_pdbx_validate_close_contact.auth_seq_id_1 
_pdbx_validate_close_contact.PDB_ins_code_1 
_pdbx_validate_close_contact.label_alt_id_1 
_pdbx_validate_close_contact.auth_atom_id_2 
_pdbx_validate_close_contact.auth_asym_id_2 
_pdbx_validate_close_contact.auth_comp_id_2 
_pdbx_validate_close_contact.auth_seq_id_2 
_pdbx_validate_close_contact.PDB_ins_code_2 
_pdbx_validate_close_contact.label_alt_id_2 
_pdbx_validate_close_contact.dist 
1 1 O A HOH 185 ? ? O A HOH 409 ? ? 1.98 
2 1 O A HOH 279 ? ? O A HOH 294 ? ? 2.13 
3 1 O A HOH 185 ? ? O A HOH 343 ? ? 2.14 
# 
_pdbx_validate_torsion.id              1 
_pdbx_validate_torsion.PDB_model_num   1 
_pdbx_validate_torsion.auth_comp_id    ILE 
_pdbx_validate_torsion.auth_asym_id    A 
_pdbx_validate_torsion.auth_seq_id     29 
_pdbx_validate_torsion.PDB_ins_code    ? 
_pdbx_validate_torsion.label_alt_id    ? 
_pdbx_validate_torsion.phi             -105.59 
_pdbx_validate_torsion.psi             73.81 
# 
loop_
_pdbx_unobs_or_zero_occ_residues.id 
_pdbx_unobs_or_zero_occ_residues.PDB_model_num 
_pdbx_unobs_or_zero_occ_residues.polymer_flag 
_pdbx_unobs_or_zero_occ_residues.occupancy_flag 
_pdbx_unobs_or_zero_occ_residues.auth_asym_id 
_pdbx_unobs_or_zero_occ_residues.auth_comp_id 
_pdbx_unobs_or_zero_occ_residues.auth_seq_id 
_pdbx_unobs_or_zero_occ_residues.PDB_ins_code 
_pdbx_unobs_or_zero_occ_residues.label_asym_id 
_pdbx_unobs_or_zero_occ_residues.label_comp_id 
_pdbx_unobs_or_zero_occ_residues.label_seq_id 
1 1 Y 1 A ASN 163 ? A ASN 163 
2 1 Y 1 A LEU 164 ? A LEU 164 
# 
loop_
_chem_comp_atom.comp_id 
_chem_comp_atom.atom_id 
_chem_comp_atom.type_symbol 
_chem_comp_atom.pdbx_aromatic_flag 
_chem_comp_atom.pdbx_stereo_config 
_chem_comp_atom.pdbx_ordinal 
ALA N    N N N 1   
ALA CA   C N S 2   
ALA C    C N N 3   
ALA O    O N N 4   
ALA CB   C N N 5   
ALA OXT  O N N 6   
ALA H    H N N 7   
ALA H2   H N N 8   
ALA HA   H N N 9   
ALA HB1  H N N 10  
ALA HB2  H N N 11  
ALA HB3  H N N 12  
ALA HXT  H N N 13  
ARG N    N N N 14  
ARG CA   C N S 15  
ARG C    C N N 16  
ARG O    O N N 17  
ARG CB   C N N 18  
ARG CG   C N N 19  
ARG CD   C N N 20  
ARG NE   N N N 21  
ARG CZ   C N N 22  
ARG NH1  N N N 23  
ARG NH2  N N N 24  
ARG OXT  O N N 25  
ARG H    H N N 26  
ARG H2   H N N 27  
ARG HA   H N N 28  
ARG HB2  H N N 29  
ARG HB3  H N N 30  
ARG HG2  H N N 31  
ARG HG3  H N N 32  
ARG HD2  H N N 33  
ARG HD3  H N N 34  
ARG HE   H N N 35  
ARG HH11 H N N 36  
ARG HH12 H N N 37  
ARG HH21 H N N 38  
ARG HH22 H N N 39  
ARG HXT  H N N 40  
ASN N    N N N 41  
ASN CA   C N S 42  
ASN C    C N N 43  
ASN O    O N N 44  
ASN CB   C N N 45  
ASN CG   C N N 46  
ASN OD1  O N N 47  
ASN ND2  N N N 48  
ASN OXT  O N N 49  
ASN H    H N N 50  
ASN H2   H N N 51  
ASN HA   H N N 52  
ASN HB2  H N N 53  
ASN HB3  H N N 54  
ASN HD21 H N N 55  
ASN HD22 H N N 56  
ASN HXT  H N N 57  
ASP N    N N N 58  
ASP CA   C N S 59  
ASP C    C N N 60  
ASP O    O N N 61  
ASP CB   C N N 62  
ASP CG   C N N 63  
ASP OD1  O N N 64  
ASP OD2  O N N 65  
ASP OXT  O N N 66  
ASP H    H N N 67  
ASP H2   H N N 68  
ASP HA   H N N 69  
ASP HB2  H N N 70  
ASP HB3  H N N 71  
ASP HD2  H N N 72  
ASP HXT  H N N 73  
CYS N    N N N 74  
CYS CA   C N R 75  
CYS C    C N N 76  
CYS O    O N N 77  
CYS CB   C N N 78  
CYS SG   S N N 79  
CYS OXT  O N N 80  
CYS H    H N N 81  
CYS H2   H N N 82  
CYS HA   H N N 83  
CYS HB2  H N N 84  
CYS HB3  H N N 85  
CYS HG   H N N 86  
CYS HXT  H N N 87  
GLN N    N N N 88  
GLN CA   C N S 89  
GLN C    C N N 90  
GLN O    O N N 91  
GLN CB   C N N 92  
GLN CG   C N N 93  
GLN CD   C N N 94  
GLN OE1  O N N 95  
GLN NE2  N N N 96  
GLN OXT  O N N 97  
GLN H    H N N 98  
GLN H2   H N N 99  
GLN HA   H N N 100 
GLN HB2  H N N 101 
GLN HB3  H N N 102 
GLN HG2  H N N 103 
GLN HG3  H N N 104 
GLN HE21 H N N 105 
GLN HE22 H N N 106 
GLN HXT  H N N 107 
GLU N    N N N 108 
GLU CA   C N S 109 
GLU C    C N N 110 
GLU O    O N N 111 
GLU CB   C N N 112 
GLU CG   C N N 113 
GLU CD   C N N 114 
GLU OE1  O N N 115 
GLU OE2  O N N 116 
GLU OXT  O N N 117 
GLU H    H N N 118 
GLU H2   H N N 119 
GLU HA   H N N 120 
GLU HB2  H N N 121 
GLU HB3  H N N 122 
GLU HG2  H N N 123 
GLU HG3  H N N 124 
GLU HE2  H N N 125 
GLU HXT  H N N 126 
GLY N    N N N 127 
GLY CA   C N N 128 
GLY C    C N N 129 
GLY O    O N N 130 
GLY OXT  O N N 131 
GLY H    H N N 132 
GLY H2   H N N 133 
GLY HA2  H N N 134 
GLY HA3  H N N 135 
GLY HXT  H N N 136 
HIS N    N N N 137 
HIS CA   C N S 138 
HIS C    C N N 139 
HIS O    O N N 140 
HIS CB   C N N 141 
HIS CG   C Y N 142 
HIS ND1  N Y N 143 
HIS CD2  C Y N 144 
HIS CE1  C Y N 145 
HIS NE2  N Y N 146 
HIS OXT  O N N 147 
HIS H    H N N 148 
HIS H2   H N N 149 
HIS HA   H N N 150 
HIS HB2  H N N 151 
HIS HB3  H N N 152 
HIS HD1  H N N 153 
HIS HD2  H N N 154 
HIS HE1  H N N 155 
HIS HE2  H N N 156 
HIS HXT  H N N 157 
HOH O    O N N 158 
HOH H1   H N N 159 
HOH H2   H N N 160 
ILE N    N N N 161 
ILE CA   C N S 162 
ILE C    C N N 163 
ILE O    O N N 164 
ILE CB   C N S 165 
ILE CG1  C N N 166 
ILE CG2  C N N 167 
ILE CD1  C N N 168 
ILE OXT  O N N 169 
ILE H    H N N 170 
ILE H2   H N N 171 
ILE HA   H N N 172 
ILE HB   H N N 173 
ILE HG12 H N N 174 
ILE HG13 H N N 175 
ILE HG21 H N N 176 
ILE HG22 H N N 177 
ILE HG23 H N N 178 
ILE HD11 H N N 179 
ILE HD12 H N N 180 
ILE HD13 H N N 181 
ILE HXT  H N N 182 
JZ0 C9   C Y N 183 
JZ0 C10  C Y N 184 
JZ0 C11  C Y N 185 
JZ0 C12  C Y N 186 
JZ0 C13  C Y N 187 
JZ0 C14  C Y N 188 
JZ0 C15  C N N 189 
JZ0 OAB  O N N 190 
JZ0 H9   H N N 191 
JZ0 H10  H N N 192 
JZ0 H11  H N N 193 
JZ0 H12  H N N 194 
JZ0 H15  H N N 195 
JZ0 H15A H N N 196 
JZ0 H15B H N N 197 
JZ0 HOAB H N N 198 
LEU N    N N N 199 
LEU CA   C N S 200 
LEU C    C N N 201 
LEU O    O N N 202 
LEU CB   C N N 203 
LEU CG   C N N 204 
LEU CD1  C N N 205 
LEU CD2  C N N 206 
LEU OXT  O N N 207 
LEU H    H N N 208 
LEU H2   H N N 209 
LEU HA   H N N 210 
LEU HB2  H N N 211 
LEU HB3  H N N 212 
LEU HG   H N N 213 
LEU HD11 H N N 214 
LEU HD12 H N N 215 
LEU HD13 H N N 216 
LEU HD21 H N N 217 
LEU HD22 H N N 218 
LEU HD23 H N N 219 
LEU HXT  H N N 220 
LYS N    N N N 221 
LYS CA   C N S 222 
LYS C    C N N 223 
LYS O    O N N 224 
LYS CB   C N N 225 
LYS CG   C N N 226 
LYS CD   C N N 227 
LYS CE   C N N 228 
LYS NZ   N N N 229 
LYS OXT  O N N 230 
LYS H    H N N 231 
LYS H2   H N N 232 
LYS HA   H N N 233 
LYS HB2  H N N 234 
LYS HB3  H N N 235 
LYS HG2  H N N 236 
LYS HG3  H N N 237 
LYS HD2  H N N 238 
LYS HD3  H N N 239 
LYS HE2  H N N 240 
LYS HE3  H N N 241 
LYS HZ1  H N N 242 
LYS HZ2  H N N 243 
LYS HZ3  H N N 244 
LYS HXT  H N N 245 
MET N    N N N 246 
MET CA   C N S 247 
MET C    C N N 248 
MET O    O N N 249 
MET CB   C N N 250 
MET CG   C N N 251 
MET SD   S N N 252 
MET CE   C N N 253 
MET OXT  O N N 254 
MET H    H N N 255 
MET H2   H N N 256 
MET HA   H N N 257 
MET HB2  H N N 258 
MET HB3  H N N 259 
MET HG2  H N N 260 
MET HG3  H N N 261 
MET HE1  H N N 262 
MET HE2  H N N 263 
MET HE3  H N N 264 
MET HXT  H N N 265 
PHE N    N N N 266 
PHE CA   C N S 267 
PHE C    C N N 268 
PHE O    O N N 269 
PHE CB   C N N 270 
PHE CG   C Y N 271 
PHE CD1  C Y N 272 
PHE CD2  C Y N 273 
PHE CE1  C Y N 274 
PHE CE2  C Y N 275 
PHE CZ   C Y N 276 
PHE OXT  O N N 277 
PHE H    H N N 278 
PHE H2   H N N 279 
PHE HA   H N N 280 
PHE HB2  H N N 281 
PHE HB3  H N N 282 
PHE HD1  H N N 283 
PHE HD2  H N N 284 
PHE HE1  H N N 285 
PHE HE2  H N N 286 
PHE HZ   H N N 287 
PHE HXT  H N N 288 
PO4 P    P N N 289 
PO4 O1   O N N 290 
PO4 O2   O N N 291 
PO4 O3   O N N 292 
PO4 O4   O N N 293 
PRO N    N N N 294 
PRO CA   C N S 295 
PRO C    C N N 296 
PRO O    O N N 297 
PRO CB   C N N 298 
PRO CG   C N N 299 
PRO CD   C N N 300 
PRO OXT  O N N 301 
PRO H    H N N 302 
PRO HA   H N N 303 
PRO HB2  H N N 304 
PRO HB3  H N N 305 
PRO HG2  H N N 306 
PRO HG3  H N N 307 
PRO HD2  H N N 308 
PRO HD3  H N N 309 
PRO HXT  H N N 310 
SER N    N N N 311 
SER CA   C N S 312 
SER C    C N N 313 
SER O    O N N 314 
SER CB   C N N 315 
SER OG   O N N 316 
SER OXT  O N N 317 
SER H    H N N 318 
SER H2   H N N 319 
SER HA   H N N 320 
SER HB2  H N N 321 
SER HB3  H N N 322 
SER HG   H N N 323 
SER HXT  H N N 324 
THR N    N N N 325 
THR CA   C N S 326 
THR C    C N N 327 
THR O    O N N 328 
THR CB   C N R 329 
THR OG1  O N N 330 
THR CG2  C N N 331 
THR OXT  O N N 332 
THR H    H N N 333 
THR H2   H N N 334 
THR HA   H N N 335 
THR HB   H N N 336 
THR HG1  H N N 337 
THR HG21 H N N 338 
THR HG22 H N N 339 
THR HG23 H N N 340 
THR HXT  H N N 341 
TRP N    N N N 342 
TRP CA   C N S 343 
TRP C    C N N 344 
TRP O    O N N 345 
TRP CB   C N N 346 
TRP CG   C Y N 347 
TRP CD1  C Y N 348 
TRP CD2  C Y N 349 
TRP NE1  N Y N 350 
TRP CE2  C Y N 351 
TRP CE3  C Y N 352 
TRP CZ2  C Y N 353 
TRP CZ3  C Y N 354 
TRP CH2  C Y N 355 
TRP OXT  O N N 356 
TRP H    H N N 357 
TRP H2   H N N 358 
TRP HA   H N N 359 
TRP HB2  H N N 360 
TRP HB3  H N N 361 
TRP HD1  H N N 362 
TRP HE1  H N N 363 
TRP HE3  H N N 364 
TRP HZ2  H N N 365 
TRP HZ3  H N N 366 
TRP HH2  H N N 367 
TRP HXT  H N N 368 
TYR N    N N N 369 
TYR CA   C N S 370 
TYR C    C N N 371 
TYR O    O N N 372 
TYR CB   C N N 373 
TYR CG   C Y N 374 
TYR CD1  C Y N 375 
TYR CD2  C Y N 376 
TYR CE1  C Y N 377 
TYR CE2  C Y N 378 
TYR CZ   C Y N 379 
TYR OH   O N N 380 
TYR OXT  O N N 381 
TYR H    H N N 382 
TYR H2   H N N 383 
TYR HA   H N N 384 
TYR HB2  H N N 385 
TYR HB3  H N N 386 
TYR HD1  H N N 387 
TYR HD2  H N N 388 
TYR HE1  H N N 389 
TYR HE2  H N N 390 
TYR HH   H N N 391 
TYR HXT  H N N 392 
VAL N    N N N 393 
VAL CA   C N S 394 
VAL C    C N N 395 
VAL O    O N N 396 
VAL CB   C N N 397 
VAL CG1  C N N 398 
VAL CG2  C N N 399 
VAL OXT  O N N 400 
VAL H    H N N 401 
VAL H2   H N N 402 
VAL HA   H N N 403 
VAL HB   H N N 404 
VAL HG11 H N N 405 
VAL HG12 H N N 406 
VAL HG13 H N N 407 
VAL HG21 H N N 408 
VAL HG22 H N N 409 
VAL HG23 H N N 410 
VAL HXT  H N N 411 
# 
loop_
_chem_comp_bond.comp_id 
_chem_comp_bond.atom_id_1 
_chem_comp_bond.atom_id_2 
_chem_comp_bond.value_order 
_chem_comp_bond.pdbx_aromatic_flag 
_chem_comp_bond.pdbx_stereo_config 
_chem_comp_bond.pdbx_ordinal 
ALA N   CA   sing N N 1   
ALA N   H    sing N N 2   
ALA N   H2   sing N N 3   
ALA CA  C    sing N N 4   
ALA CA  CB   sing N N 5   
ALA CA  HA   sing N N 6   
ALA C   O    doub N N 7   
ALA C   OXT  sing N N 8   
ALA CB  HB1  sing N N 9   
ALA CB  HB2  sing N N 10  
ALA CB  HB3  sing N N 11  
ALA OXT HXT  sing N N 12  
ARG N   CA   sing N N 13  
ARG N   H    sing N N 14  
ARG N   H2   sing N N 15  
ARG CA  C    sing N N 16  
ARG CA  CB   sing N N 17  
ARG CA  HA   sing N N 18  
ARG C   O    doub N N 19  
ARG C   OXT  sing N N 20  
ARG CB  CG   sing N N 21  
ARG CB  HB2  sing N N 22  
ARG CB  HB3  sing N N 23  
ARG CG  CD   sing N N 24  
ARG CG  HG2  sing N N 25  
ARG CG  HG3  sing N N 26  
ARG CD  NE   sing N N 27  
ARG CD  HD2  sing N N 28  
ARG CD  HD3  sing N N 29  
ARG NE  CZ   sing N N 30  
ARG NE  HE   sing N N 31  
ARG CZ  NH1  sing N N 32  
ARG CZ  NH2  doub N N 33  
ARG NH1 HH11 sing N N 34  
ARG NH1 HH12 sing N N 35  
ARG NH2 HH21 sing N N 36  
ARG NH2 HH22 sing N N 37  
ARG OXT HXT  sing N N 38  
ASN N   CA   sing N N 39  
ASN N   H    sing N N 40  
ASN N   H2   sing N N 41  
ASN CA  C    sing N N 42  
ASN CA  CB   sing N N 43  
ASN CA  HA   sing N N 44  
ASN C   O    doub N N 45  
ASN C   OXT  sing N N 46  
ASN CB  CG   sing N N 47  
ASN CB  HB2  sing N N 48  
ASN CB  HB3  sing N N 49  
ASN CG  OD1  doub N N 50  
ASN CG  ND2  sing N N 51  
ASN ND2 HD21 sing N N 52  
ASN ND2 HD22 sing N N 53  
ASN OXT HXT  sing N N 54  
ASP N   CA   sing N N 55  
ASP N   H    sing N N 56  
ASP N   H2   sing N N 57  
ASP CA  C    sing N N 58  
ASP CA  CB   sing N N 59  
ASP CA  HA   sing N N 60  
ASP C   O    doub N N 61  
ASP C   OXT  sing N N 62  
ASP CB  CG   sing N N 63  
ASP CB  HB2  sing N N 64  
ASP CB  HB3  sing N N 65  
ASP CG  OD1  doub N N 66  
ASP CG  OD2  sing N N 67  
ASP OD2 HD2  sing N N 68  
ASP OXT HXT  sing N N 69  
CYS N   CA   sing N N 70  
CYS N   H    sing N N 71  
CYS N   H2   sing N N 72  
CYS CA  C    sing N N 73  
CYS CA  CB   sing N N 74  
CYS CA  HA   sing N N 75  
CYS C   O    doub N N 76  
CYS C   OXT  sing N N 77  
CYS CB  SG   sing N N 78  
CYS CB  HB2  sing N N 79  
CYS CB  HB3  sing N N 80  
CYS SG  HG   sing N N 81  
CYS OXT HXT  sing N N 82  
GLN N   CA   sing N N 83  
GLN N   H    sing N N 84  
GLN N   H2   sing N N 85  
GLN CA  C    sing N N 86  
GLN CA  CB   sing N N 87  
GLN CA  HA   sing N N 88  
GLN C   O    doub N N 89  
GLN C   OXT  sing N N 90  
GLN CB  CG   sing N N 91  
GLN CB  HB2  sing N N 92  
GLN CB  HB3  sing N N 93  
GLN CG  CD   sing N N 94  
GLN CG  HG2  sing N N 95  
GLN CG  HG3  sing N N 96  
GLN CD  OE1  doub N N 97  
GLN CD  NE2  sing N N 98  
GLN NE2 HE21 sing N N 99  
GLN NE2 HE22 sing N N 100 
GLN OXT HXT  sing N N 101 
GLU N   CA   sing N N 102 
GLU N   H    sing N N 103 
GLU N   H2   sing N N 104 
GLU CA  C    sing N N 105 
GLU CA  CB   sing N N 106 
GLU CA  HA   sing N N 107 
GLU C   O    doub N N 108 
GLU C   OXT  sing N N 109 
GLU CB  CG   sing N N 110 
GLU CB  HB2  sing N N 111 
GLU CB  HB3  sing N N 112 
GLU CG  CD   sing N N 113 
GLU CG  HG2  sing N N 114 
GLU CG  HG3  sing N N 115 
GLU CD  OE1  doub N N 116 
GLU CD  OE2  sing N N 117 
GLU OE2 HE2  sing N N 118 
GLU OXT HXT  sing N N 119 
GLY N   CA   sing N N 120 
GLY N   H    sing N N 121 
GLY N   H2   sing N N 122 
GLY CA  C    sing N N 123 
GLY CA  HA2  sing N N 124 
GLY CA  HA3  sing N N 125 
GLY C   O    doub N N 126 
GLY C   OXT  sing N N 127 
GLY OXT HXT  sing N N 128 
HIS N   CA   sing N N 129 
HIS N   H    sing N N 130 
HIS N   H2   sing N N 131 
HIS CA  C    sing N N 132 
HIS CA  CB   sing N N 133 
HIS CA  HA   sing N N 134 
HIS C   O    doub N N 135 
HIS C   OXT  sing N N 136 
HIS CB  CG   sing N N 137 
HIS CB  HB2  sing N N 138 
HIS CB  HB3  sing N N 139 
HIS CG  ND1  sing Y N 140 
HIS CG  CD2  doub Y N 141 
HIS ND1 CE1  doub Y N 142 
HIS ND1 HD1  sing N N 143 
HIS CD2 NE2  sing Y N 144 
HIS CD2 HD2  sing N N 145 
HIS CE1 NE2  sing Y N 146 
HIS CE1 HE1  sing N N 147 
HIS NE2 HE2  sing N N 148 
HIS OXT HXT  sing N N 149 
HOH O   H1   sing N N 150 
HOH O   H2   sing N N 151 
ILE N   CA   sing N N 152 
ILE N   H    sing N N 153 
ILE N   H2   sing N N 154 
ILE CA  C    sing N N 155 
ILE CA  CB   sing N N 156 
ILE CA  HA   sing N N 157 
ILE C   O    doub N N 158 
ILE C   OXT  sing N N 159 
ILE CB  CG1  sing N N 160 
ILE CB  CG2  sing N N 161 
ILE CB  HB   sing N N 162 
ILE CG1 CD1  sing N N 163 
ILE CG1 HG12 sing N N 164 
ILE CG1 HG13 sing N N 165 
ILE CG2 HG21 sing N N 166 
ILE CG2 HG22 sing N N 167 
ILE CG2 HG23 sing N N 168 
ILE CD1 HD11 sing N N 169 
ILE CD1 HD12 sing N N 170 
ILE CD1 HD13 sing N N 171 
ILE OXT HXT  sing N N 172 
JZ0 C9  C10  doub Y N 173 
JZ0 C9  C14  sing Y N 174 
JZ0 C10 C11  sing Y N 175 
JZ0 C11 C12  doub Y N 176 
JZ0 C12 C13  sing Y N 177 
JZ0 C13 C14  doub Y N 178 
JZ0 C13 OAB  sing N N 179 
JZ0 C14 C15  sing N N 180 
JZ0 C9  H9   sing N N 181 
JZ0 C10 H10  sing N N 182 
JZ0 C11 H11  sing N N 183 
JZ0 C12 H12  sing N N 184 
JZ0 C15 H15  sing N N 185 
JZ0 C15 H15A sing N N 186 
JZ0 C15 H15B sing N N 187 
JZ0 OAB HOAB sing N N 188 
LEU N   CA   sing N N 189 
LEU N   H    sing N N 190 
LEU N   H2   sing N N 191 
LEU CA  C    sing N N 192 
LEU CA  CB   sing N N 193 
LEU CA  HA   sing N N 194 
LEU C   O    doub N N 195 
LEU C   OXT  sing N N 196 
LEU CB  CG   sing N N 197 
LEU CB  HB2  sing N N 198 
LEU CB  HB3  sing N N 199 
LEU CG  CD1  sing N N 200 
LEU CG  CD2  sing N N 201 
LEU CG  HG   sing N N 202 
LEU CD1 HD11 sing N N 203 
LEU CD1 HD12 sing N N 204 
LEU CD1 HD13 sing N N 205 
LEU CD2 HD21 sing N N 206 
LEU CD2 HD22 sing N N 207 
LEU CD2 HD23 sing N N 208 
LEU OXT HXT  sing N N 209 
LYS N   CA   sing N N 210 
LYS N   H    sing N N 211 
LYS N   H2   sing N N 212 
LYS CA  C    sing N N 213 
LYS CA  CB   sing N N 214 
LYS CA  HA   sing N N 215 
LYS C   O    doub N N 216 
LYS C   OXT  sing N N 217 
LYS CB  CG   sing N N 218 
LYS CB  HB2  sing N N 219 
LYS CB  HB3  sing N N 220 
LYS CG  CD   sing N N 221 
LYS CG  HG2  sing N N 222 
LYS CG  HG3  sing N N 223 
LYS CD  CE   sing N N 224 
LYS CD  HD2  sing N N 225 
LYS CD  HD3  sing N N 226 
LYS CE  NZ   sing N N 227 
LYS CE  HE2  sing N N 228 
LYS CE  HE3  sing N N 229 
LYS NZ  HZ1  sing N N 230 
LYS NZ  HZ2  sing N N 231 
LYS NZ  HZ3  sing N N 232 
LYS OXT HXT  sing N N 233 
MET N   CA   sing N N 234 
MET N   H    sing N N 235 
MET N   H2   sing N N 236 
MET CA  C    sing N N 237 
MET CA  CB   sing N N 238 
MET CA  HA   sing N N 239 
MET C   O    doub N N 240 
MET C   OXT  sing N N 241 
MET CB  CG   sing N N 242 
MET CB  HB2  sing N N 243 
MET CB  HB3  sing N N 244 
MET CG  SD   sing N N 245 
MET CG  HG2  sing N N 246 
MET CG  HG3  sing N N 247 
MET SD  CE   sing N N 248 
MET CE  HE1  sing N N 249 
MET CE  HE2  sing N N 250 
MET CE  HE3  sing N N 251 
MET OXT HXT  sing N N 252 
PHE N   CA   sing N N 253 
PHE N   H    sing N N 254 
PHE N   H2   sing N N 255 
PHE CA  C    sing N N 256 
PHE CA  CB   sing N N 257 
PHE CA  HA   sing N N 258 
PHE C   O    doub N N 259 
PHE C   OXT  sing N N 260 
PHE CB  CG   sing N N 261 
PHE CB  HB2  sing N N 262 
PHE CB  HB3  sing N N 263 
PHE CG  CD1  doub Y N 264 
PHE CG  CD2  sing Y N 265 
PHE CD1 CE1  sing Y N 266 
PHE CD1 HD1  sing N N 267 
PHE CD2 CE2  doub Y N 268 
PHE CD2 HD2  sing N N 269 
PHE CE1 CZ   doub Y N 270 
PHE CE1 HE1  sing N N 271 
PHE CE2 CZ   sing Y N 272 
PHE CE2 HE2  sing N N 273 
PHE CZ  HZ   sing N N 274 
PHE OXT HXT  sing N N 275 
PO4 P   O1   doub N N 276 
PO4 P   O2   sing N N 277 
PO4 P   O3   sing N N 278 
PO4 P   O4   sing N N 279 
PRO N   CA   sing N N 280 
PRO N   CD   sing N N 281 
PRO N   H    sing N N 282 
PRO CA  C    sing N N 283 
PRO CA  CB   sing N N 284 
PRO CA  HA   sing N N 285 
PRO C   O    doub N N 286 
PRO C   OXT  sing N N 287 
PRO CB  CG   sing N N 288 
PRO CB  HB2  sing N N 289 
PRO CB  HB3  sing N N 290 
PRO CG  CD   sing N N 291 
PRO CG  HG2  sing N N 292 
PRO CG  HG3  sing N N 293 
PRO CD  HD2  sing N N 294 
PRO CD  HD3  sing N N 295 
PRO OXT HXT  sing N N 296 
SER N   CA   sing N N 297 
SER N   H    sing N N 298 
SER N   H2   sing N N 299 
SER CA  C    sing N N 300 
SER CA  CB   sing N N 301 
SER CA  HA   sing N N 302 
SER C   O    doub N N 303 
SER C   OXT  sing N N 304 
SER CB  OG   sing N N 305 
SER CB  HB2  sing N N 306 
SER CB  HB3  sing N N 307 
SER OG  HG   sing N N 308 
SER OXT HXT  sing N N 309 
THR N   CA   sing N N 310 
THR N   H    sing N N 311 
THR N   H2   sing N N 312 
THR CA  C    sing N N 313 
THR CA  CB   sing N N 314 
THR CA  HA   sing N N 315 
THR C   O    doub N N 316 
THR C   OXT  sing N N 317 
THR CB  OG1  sing N N 318 
THR CB  CG2  sing N N 319 
THR CB  HB   sing N N 320 
THR OG1 HG1  sing N N 321 
THR CG2 HG21 sing N N 322 
THR CG2 HG22 sing N N 323 
THR CG2 HG23 sing N N 324 
THR OXT HXT  sing N N 325 
TRP N   CA   sing N N 326 
TRP N   H    sing N N 327 
TRP N   H2   sing N N 328 
TRP CA  C    sing N N 329 
TRP CA  CB   sing N N 330 
TRP CA  HA   sing N N 331 
TRP C   O    doub N N 332 
TRP C   OXT  sing N N 333 
TRP CB  CG   sing N N 334 
TRP CB  HB2  sing N N 335 
TRP CB  HB3  sing N N 336 
TRP CG  CD1  doub Y N 337 
TRP CG  CD2  sing Y N 338 
TRP CD1 NE1  sing Y N 339 
TRP CD1 HD1  sing N N 340 
TRP CD2 CE2  doub Y N 341 
TRP CD2 CE3  sing Y N 342 
TRP NE1 CE2  sing Y N 343 
TRP NE1 HE1  sing N N 344 
TRP CE2 CZ2  sing Y N 345 
TRP CE3 CZ3  doub Y N 346 
TRP CE3 HE3  sing N N 347 
TRP CZ2 CH2  doub Y N 348 
TRP CZ2 HZ2  sing N N 349 
TRP CZ3 CH2  sing Y N 350 
TRP CZ3 HZ3  sing N N 351 
TRP CH2 HH2  sing N N 352 
TRP OXT HXT  sing N N 353 
TYR N   CA   sing N N 354 
TYR N   H    sing N N 355 
TYR N   H2   sing N N 356 
TYR CA  C    sing N N 357 
TYR CA  CB   sing N N 358 
TYR CA  HA   sing N N 359 
TYR C   O    doub N N 360 
TYR C   OXT  sing N N 361 
TYR CB  CG   sing N N 362 
TYR CB  HB2  sing N N 363 
TYR CB  HB3  sing N N 364 
TYR CG  CD1  doub Y N 365 
TYR CG  CD2  sing Y N 366 
TYR CD1 CE1  sing Y N 367 
TYR CD1 HD1  sing N N 368 
TYR CD2 CE2  doub Y N 369 
TYR CD2 HD2  sing N N 370 
TYR CE1 CZ   doub Y N 371 
TYR CE1 HE1  sing N N 372 
TYR CE2 CZ   sing Y N 373 
TYR CE2 HE2  sing N N 374 
TYR CZ  OH   sing N N 375 
TYR OH  HH   sing N N 376 
TYR OXT HXT  sing N N 377 
VAL N   CA   sing N N 378 
VAL N   H    sing N N 379 
VAL N   H2   sing N N 380 
VAL CA  C    sing N N 381 
VAL CA  CB   sing N N 382 
VAL CA  HA   sing N N 383 
VAL C   O    doub N N 384 
VAL C   OXT  sing N N 385 
VAL CB  CG1  sing N N 386 
VAL CB  CG2  sing N N 387 
VAL CB  HB   sing N N 388 
VAL CG1 HG11 sing N N 389 
VAL CG1 HG12 sing N N 390 
VAL CG1 HG13 sing N N 391 
VAL CG2 HG21 sing N N 392 
VAL CG2 HG22 sing N N 393 
VAL CG2 HG23 sing N N 394 
VAL OXT HXT  sing N N 395 
# 
loop_
_pdbx_entity_nonpoly.entity_id 
_pdbx_entity_nonpoly.name 
_pdbx_entity_nonpoly.comp_id 
2 'PHOSPHATE ION' PO4 
3 o-cresol        JZ0 
4 water           HOH 
# 
_pdbx_initial_refinement_model.id               1 
_pdbx_initial_refinement_model.entity_id_list   ? 
_pdbx_initial_refinement_model.type             'experimental model' 
_pdbx_initial_refinement_model.source_name      PDB 
_pdbx_initial_refinement_model.accession_code   1LGU 
_pdbx_initial_refinement_model.details          'PDB entry 1LGU' 
# 
